data_1MMR
# 
_entry.id   1MMR 
# 
_audit_conform.dict_name       mmcif_pdbx.dic 
_audit_conform.dict_version    5.386 
_audit_conform.dict_location   http://mmcif.pdb.org/dictionaries/ascii/mmcif_pdbx.dic 
# 
loop_
_database_2.database_id 
_database_2.database_code 
_database_2.pdbx_database_accession 
_database_2.pdbx_DOI 
PDB   1MMR         pdb_00001mmr 10.2210/pdb1mmr/pdb 
WWPDB D_1000175078 ?            ?                   
# 
loop_
_pdbx_audit_revision_history.ordinal 
_pdbx_audit_revision_history.data_content_type 
_pdbx_audit_revision_history.major_revision 
_pdbx_audit_revision_history.minor_revision 
_pdbx_audit_revision_history.revision_date 
1 'Structure model' 1 0 1996-04-03 
2 'Structure model' 1 1 2008-03-03 
3 'Structure model' 1 2 2011-07-13 
4 'Structure model' 1 3 2024-02-14 
# 
_pdbx_audit_revision_details.ordinal             1 
_pdbx_audit_revision_details.revision_ordinal    1 
_pdbx_audit_revision_details.data_content_type   'Structure model' 
_pdbx_audit_revision_details.provider            repository 
_pdbx_audit_revision_details.type                'Initial release' 
_pdbx_audit_revision_details.description         ? 
_pdbx_audit_revision_details.details             ? 
# 
loop_
_pdbx_audit_revision_group.ordinal 
_pdbx_audit_revision_group.revision_ordinal 
_pdbx_audit_revision_group.data_content_type 
_pdbx_audit_revision_group.group 
1 2 'Structure model' 'Version format compliance' 
2 3 'Structure model' 'Version format compliance' 
3 4 'Structure model' 'Data collection'           
4 4 'Structure model' 'Database references'       
5 4 'Structure model' 'Derived calculations'      
6 4 'Structure model' Other                       
# 
loop_
_pdbx_audit_revision_category.ordinal 
_pdbx_audit_revision_category.revision_ordinal 
_pdbx_audit_revision_category.data_content_type 
_pdbx_audit_revision_category.category 
1 4 'Structure model' chem_comp_atom         
2 4 'Structure model' chem_comp_bond         
3 4 'Structure model' database_2             
4 4 'Structure model' pdbx_database_status   
5 4 'Structure model' pdbx_struct_conn_angle 
6 4 'Structure model' struct_conn            
7 4 'Structure model' struct_site            
# 
loop_
_pdbx_audit_revision_item.ordinal 
_pdbx_audit_revision_item.revision_ordinal 
_pdbx_audit_revision_item.data_content_type 
_pdbx_audit_revision_item.item 
1  4 'Structure model' '_database_2.pdbx_DOI'                        
2  4 'Structure model' '_database_2.pdbx_database_accession'         
3  4 'Structure model' '_pdbx_database_status.process_site'          
4  4 'Structure model' '_pdbx_struct_conn_angle.ptnr1_auth_comp_id'  
5  4 'Structure model' '_pdbx_struct_conn_angle.ptnr1_auth_seq_id'   
6  4 'Structure model' '_pdbx_struct_conn_angle.ptnr1_label_asym_id' 
7  4 'Structure model' '_pdbx_struct_conn_angle.ptnr1_label_atom_id' 
8  4 'Structure model' '_pdbx_struct_conn_angle.ptnr1_label_comp_id' 
9  4 'Structure model' '_pdbx_struct_conn_angle.ptnr1_label_seq_id'  
10 4 'Structure model' '_pdbx_struct_conn_angle.ptnr3_auth_comp_id'  
11 4 'Structure model' '_pdbx_struct_conn_angle.ptnr3_auth_seq_id'   
12 4 'Structure model' '_pdbx_struct_conn_angle.ptnr3_label_asym_id' 
13 4 'Structure model' '_pdbx_struct_conn_angle.ptnr3_label_atom_id' 
14 4 'Structure model' '_pdbx_struct_conn_angle.ptnr3_label_comp_id' 
15 4 'Structure model' '_pdbx_struct_conn_angle.ptnr3_label_seq_id'  
16 4 'Structure model' '_pdbx_struct_conn_angle.value'               
17 4 'Structure model' '_struct_conn.pdbx_dist_value'                
18 4 'Structure model' '_struct_conn.ptnr2_auth_comp_id'             
19 4 'Structure model' '_struct_conn.ptnr2_auth_seq_id'              
20 4 'Structure model' '_struct_conn.ptnr2_label_asym_id'            
21 4 'Structure model' '_struct_conn.ptnr2_label_atom_id'            
22 4 'Structure model' '_struct_conn.ptnr2_label_comp_id'            
23 4 'Structure model' '_struct_conn.ptnr2_label_seq_id'             
24 4 'Structure model' '_struct_site.pdbx_auth_asym_id'              
25 4 'Structure model' '_struct_site.pdbx_auth_comp_id'              
26 4 'Structure model' '_struct_site.pdbx_auth_seq_id'               
# 
_pdbx_database_status.status_code                     REL 
_pdbx_database_status.entry_id                        1MMR 
_pdbx_database_status.recvd_initial_deposition_date   1995-03-22 
_pdbx_database_status.deposit_site                    ? 
_pdbx_database_status.process_site                    BNL 
_pdbx_database_status.SG_entry                        . 
_pdbx_database_status.pdb_format_compatible           Y 
_pdbx_database_status.status_code_mr                  ? 
_pdbx_database_status.status_code_sf                  ? 
_pdbx_database_status.status_code_cs                  ? 
_pdbx_database_status.status_code_nmr_data            ? 
_pdbx_database_status.methods_development_category    ? 
# 
loop_
_audit_author.name 
_audit_author.pdbx_ordinal 
'Browner, M.F.'    1 
'Smith, W.W.'      2 
'Castelhano, A.L.' 3 
# 
_citation.id                        primary 
_citation.title                     'Matrilysin-inhibitor complexes: common themes among metalloproteases.' 
_citation.journal_abbrev            Biochemistry 
_citation.journal_volume            34 
_citation.page_first                6602 
_citation.page_last                 6610 
_citation.year                      1995 
_citation.journal_id_ASTM           BICHAW 
_citation.country                   US 
_citation.journal_id_ISSN           0006-2960 
_citation.journal_id_CSD            0033 
_citation.book_publisher            ? 
_citation.pdbx_database_id_PubMed   7756291 
_citation.pdbx_database_id_DOI      10.1021/bi00020a004 
# 
loop_
_citation_author.citation_id 
_citation_author.name 
_citation_author.ordinal 
_citation_author.identifier_ORCID 
primary 'Browner, M.F.'    1 ? 
primary 'Smith, W.W.'      2 ? 
primary 'Castelhano, A.L.' 3 ? 
# 
loop_
_entity.id 
_entity.type 
_entity.src_method 
_entity.pdbx_description 
_entity.formula_weight 
_entity.pdbx_number_of_molecules 
_entity.pdbx_ec 
_entity.pdbx_mutation 
_entity.pdbx_fragment 
_entity.details 
1 polymer     man MATRILYSIN 18741.912 1  3.4.24.23 ? ? ? 
2 non-polymer syn 'ZINC ION' 65.409    2  ?         ? ? ? 
3 non-polymer syn 'CALCIUM ION' 40.078    2  ?         ? ? ? 
4 non-polymer syn 
'4-METHYL-3-(9-OXO-1,8-DIAZA-TRICYCLO[10.6.1.0(13,18)]NONADECA-12(19),13(18),15,17-TETRAENE-10-CARBAMOYL)PENTA-METHYLSULFONEDIIMINE' 
473.674   1  ?         ? ? ? 
5 water       nat water 18.015    58 ?         ? ? ? 
# 
_entity_poly.entity_id                      1 
_entity_poly.type                           'polypeptide(L)' 
_entity_poly.nstd_linkage                   no 
_entity_poly.nstd_monomer                   no 
_entity_poly.pdbx_seq_one_letter_code       
;YSLFPNSPKWTSKVVTYRIVSYTRDLPHITVDRLVSKALNMWGKEIPLHFRKVVWGTADIMIGFARGAHGDSYPFDGPGN
TLAHAFAPGTGLGGDAHFDEDERWTDGSSLGINFLYAATHELGHSLGMGHSSDPNAVMYPTYGNGDPQNFKLSQDDIKGI
QKLYGKRSNS
;
_entity_poly.pdbx_seq_one_letter_code_can   
;YSLFPNSPKWTSKVVTYRIVSYTRDLPHITVDRLVSKALNMWGKEIPLHFRKVVWGTADIMIGFARGAHGDSYPFDGPGN
TLAHAFAPGTGLGGDAHFDEDERWTDGSSLGINFLYAATHELGHSLGMGHSSDPNAVMYPTYGNGDPQNFKLSQDDIKGI
QKLYGKRSNS
;
_entity_poly.pdbx_strand_id                 A 
_entity_poly.pdbx_target_identifier         ? 
# 
loop_
_pdbx_entity_nonpoly.entity_id 
_pdbx_entity_nonpoly.name 
_pdbx_entity_nonpoly.comp_id 
2 'ZINC ION' ZN  
3 'CALCIUM ION' CA  
4 
'4-METHYL-3-(9-OXO-1,8-DIAZA-TRICYCLO[10.6.1.0(13,18)]NONADECA-12(19),13(18),15,17-TETRAENE-10-CARBAMOYL)PENTA-METHYLSULFONEDIIMINE' 
SRS 
5 water HOH 
# 
loop_
_entity_poly_seq.entity_id 
_entity_poly_seq.num 
_entity_poly_seq.mon_id 
_entity_poly_seq.hetero 
1 1   TYR n 
1 2   SER n 
1 3   LEU n 
1 4   PHE n 
1 5   PRO n 
1 6   ASN n 
1 7   SER n 
1 8   PRO n 
1 9   LYS n 
1 10  TRP n 
1 11  THR n 
1 12  SER n 
1 13  LYS n 
1 14  VAL n 
1 15  VAL n 
1 16  THR n 
1 17  TYR n 
1 18  ARG n 
1 19  ILE n 
1 20  VAL n 
1 21  SER n 
1 22  TYR n 
1 23  THR n 
1 24  ARG n 
1 25  ASP n 
1 26  LEU n 
1 27  PRO n 
1 28  HIS n 
1 29  ILE n 
1 30  THR n 
1 31  VAL n 
1 32  ASP n 
1 33  ARG n 
1 34  LEU n 
1 35  VAL n 
1 36  SER n 
1 37  LYS n 
1 38  ALA n 
1 39  LEU n 
1 40  ASN n 
1 41  MET n 
1 42  TRP n 
1 43  GLY n 
1 44  LYS n 
1 45  GLU n 
1 46  ILE n 
1 47  PRO n 
1 48  LEU n 
1 49  HIS n 
1 50  PHE n 
1 51  ARG n 
1 52  LYS n 
1 53  VAL n 
1 54  VAL n 
1 55  TRP n 
1 56  GLY n 
1 57  THR n 
1 58  ALA n 
1 59  ASP n 
1 60  ILE n 
1 61  MET n 
1 62  ILE n 
1 63  GLY n 
1 64  PHE n 
1 65  ALA n 
1 66  ARG n 
1 67  GLY n 
1 68  ALA n 
1 69  HIS n 
1 70  GLY n 
1 71  ASP n 
1 72  SER n 
1 73  TYR n 
1 74  PRO n 
1 75  PHE n 
1 76  ASP n 
1 77  GLY n 
1 78  PRO n 
1 79  GLY n 
1 80  ASN n 
1 81  THR n 
1 82  LEU n 
1 83  ALA n 
1 84  HIS n 
1 85  ALA n 
1 86  PHE n 
1 87  ALA n 
1 88  PRO n 
1 89  GLY n 
1 90  THR n 
1 91  GLY n 
1 92  LEU n 
1 93  GLY n 
1 94  GLY n 
1 95  ASP n 
1 96  ALA n 
1 97  HIS n 
1 98  PHE n 
1 99  ASP n 
1 100 GLU n 
1 101 ASP n 
1 102 GLU n 
1 103 ARG n 
1 104 TRP n 
1 105 THR n 
1 106 ASP n 
1 107 GLY n 
1 108 SER n 
1 109 SER n 
1 110 LEU n 
1 111 GLY n 
1 112 ILE n 
1 113 ASN n 
1 114 PHE n 
1 115 LEU n 
1 116 TYR n 
1 117 ALA n 
1 118 ALA n 
1 119 THR n 
1 120 HIS n 
1 121 GLU n 
1 122 LEU n 
1 123 GLY n 
1 124 HIS n 
1 125 SER n 
1 126 LEU n 
1 127 GLY n 
1 128 MET n 
1 129 GLY n 
1 130 HIS n 
1 131 SER n 
1 132 SER n 
1 133 ASP n 
1 134 PRO n 
1 135 ASN n 
1 136 ALA n 
1 137 VAL n 
1 138 MET n 
1 139 TYR n 
1 140 PRO n 
1 141 THR n 
1 142 TYR n 
1 143 GLY n 
1 144 ASN n 
1 145 GLY n 
1 146 ASP n 
1 147 PRO n 
1 148 GLN n 
1 149 ASN n 
1 150 PHE n 
1 151 LYS n 
1 152 LEU n 
1 153 SER n 
1 154 GLN n 
1 155 ASP n 
1 156 ASP n 
1 157 ILE n 
1 158 LYS n 
1 159 GLY n 
1 160 ILE n 
1 161 GLN n 
1 162 LYS n 
1 163 LEU n 
1 164 TYR n 
1 165 GLY n 
1 166 LYS n 
1 167 ARG n 
1 168 SER n 
1 169 ASN n 
1 170 SER n 
# 
_entity_src_gen.entity_id                          1 
_entity_src_gen.pdbx_src_id                        1 
_entity_src_gen.pdbx_alt_source_flag               sample 
_entity_src_gen.pdbx_seq_type                      ? 
_entity_src_gen.pdbx_beg_seq_num                   ? 
_entity_src_gen.pdbx_end_seq_num                   ? 
_entity_src_gen.gene_src_common_name               human 
_entity_src_gen.gene_src_genus                     Homo 
_entity_src_gen.pdbx_gene_src_gene                 ? 
_entity_src_gen.gene_src_species                   ? 
_entity_src_gen.gene_src_strain                    ? 
_entity_src_gen.gene_src_tissue                    ? 
_entity_src_gen.gene_src_tissue_fraction           ? 
_entity_src_gen.gene_src_details                   ? 
_entity_src_gen.pdbx_gene_src_fragment             ? 
_entity_src_gen.pdbx_gene_src_scientific_name      'Homo sapiens' 
_entity_src_gen.pdbx_gene_src_ncbi_taxonomy_id     9606 
_entity_src_gen.pdbx_gene_src_variant              ? 
_entity_src_gen.pdbx_gene_src_cell_line            ? 
_entity_src_gen.pdbx_gene_src_atcc                 ? 
_entity_src_gen.pdbx_gene_src_organ                OVARY 
_entity_src_gen.pdbx_gene_src_organelle            ? 
_entity_src_gen.pdbx_gene_src_cell                 ? 
_entity_src_gen.pdbx_gene_src_cellular_location    ? 
_entity_src_gen.host_org_common_name               'Chinese hamster' 
_entity_src_gen.pdbx_host_org_scientific_name      'Cricetulus griseus' 
_entity_src_gen.pdbx_host_org_ncbi_taxonomy_id     10029 
_entity_src_gen.host_org_genus                     Cricetulus 
_entity_src_gen.pdbx_host_org_gene                 ? 
_entity_src_gen.pdbx_host_org_organ                ? 
_entity_src_gen.host_org_species                   ? 
_entity_src_gen.pdbx_host_org_tissue               ? 
_entity_src_gen.pdbx_host_org_tissue_fraction      ? 
_entity_src_gen.pdbx_host_org_strain               ? 
_entity_src_gen.pdbx_host_org_variant              ? 
_entity_src_gen.pdbx_host_org_cell_line            ? 
_entity_src_gen.pdbx_host_org_atcc                 ? 
_entity_src_gen.pdbx_host_org_culture_collection   ? 
_entity_src_gen.pdbx_host_org_cell                 ? 
_entity_src_gen.pdbx_host_org_organelle            ? 
_entity_src_gen.pdbx_host_org_cellular_location    ? 
_entity_src_gen.pdbx_host_org_vector_type          ? 
_entity_src_gen.pdbx_host_org_vector               ? 
_entity_src_gen.host_org_details                   ? 
_entity_src_gen.expression_system_id               ? 
_entity_src_gen.plasmid_name                       ? 
_entity_src_gen.plasmid_details                    ? 
_entity_src_gen.pdbx_description                   ? 
# 
loop_
_chem_comp.id 
_chem_comp.type 
_chem_comp.mon_nstd_flag 
_chem_comp.name 
_chem_comp.pdbx_synonyms 
_chem_comp.formula 
_chem_comp.formula_weight 
ALA 'L-peptide linking' y ALANINE ? 'C3 H7 N O2'      89.093  
ARG 'L-peptide linking' y ARGININE ? 'C6 H15 N4 O2 1'  175.209 
ASN 'L-peptide linking' y ASPARAGINE ? 'C4 H8 N2 O3'     132.118 
ASP 'L-peptide linking' y 'ASPARTIC ACID' ? 'C4 H7 N O4'      133.103 
CA  non-polymer         . 'CALCIUM ION' ? 'Ca 2'            40.078  
GLN 'L-peptide linking' y GLUTAMINE ? 'C5 H10 N2 O3'    146.144 
GLU 'L-peptide linking' y 'GLUTAMIC ACID' ? 'C5 H9 N O4'      147.129 
GLY 'peptide linking'   y GLYCINE ? 'C2 H5 N O2'      75.067  
HIS 'L-peptide linking' y HISTIDINE ? 'C6 H10 N3 O2 1'  156.162 
HOH non-polymer         . WATER ? 'H2 O'            18.015  
ILE 'L-peptide linking' y ISOLEUCINE ? 'C6 H13 N O2'     131.173 
LEU 'L-peptide linking' y LEUCINE ? 'C6 H13 N O2'     131.173 
LYS 'L-peptide linking' y LYSINE ? 'C6 H15 N2 O2 1'  147.195 
MET 'L-peptide linking' y METHIONINE ? 'C5 H11 N O2 S'   149.211 
PHE 'L-peptide linking' y PHENYLALANINE ? 'C9 H11 N O2'     165.189 
PRO 'L-peptide linking' y PROLINE ? 'C5 H9 N O2'      115.130 
SER 'L-peptide linking' y SERINE ? 'C3 H7 N O3'      105.093 
SRS non-polymer         . 
'4-METHYL-3-(9-OXO-1,8-DIAZA-TRICYCLO[10.6.1.0(13,18)]NONADECA-12(19),13(18),15,17-TETRAENE-10-CARBAMOYL)PENTA-METHYLSULFONEDIIMINE' 
? 'C25 H39 N5 O2 S' 473.674 
THR 'L-peptide linking' y THREONINE ? 'C4 H9 N O3'      119.119 
TRP 'L-peptide linking' y TRYPTOPHAN ? 'C11 H12 N2 O2'   204.225 
TYR 'L-peptide linking' y TYROSINE ? 'C9 H11 N O3'     181.189 
VAL 'L-peptide linking' y VALINE ? 'C5 H11 N O2'     117.146 
ZN  non-polymer         . 'ZINC ION' ? 'Zn 2'            65.409  
# 
loop_
_pdbx_poly_seq_scheme.asym_id 
_pdbx_poly_seq_scheme.entity_id 
_pdbx_poly_seq_scheme.seq_id 
_pdbx_poly_seq_scheme.mon_id 
_pdbx_poly_seq_scheme.ndb_seq_num 
_pdbx_poly_seq_scheme.pdb_seq_num 
_pdbx_poly_seq_scheme.auth_seq_num 
_pdbx_poly_seq_scheme.pdb_mon_id 
_pdbx_poly_seq_scheme.auth_mon_id 
_pdbx_poly_seq_scheme.pdb_strand_id 
_pdbx_poly_seq_scheme.pdb_ins_code 
_pdbx_poly_seq_scheme.hetero 
A 1 1   TYR 1   100 100 TYR TYR A . n 
A 1 2   SER 2   101 101 SER SER A . n 
A 1 3   LEU 3   102 102 LEU LEU A . n 
A 1 4   PHE 4   103 103 PHE PHE A . n 
A 1 5   PRO 5   104 104 PRO PRO A . n 
A 1 6   ASN 6   105 105 ASN ASN A . n 
A 1 7   SER 7   106 106 SER SER A . n 
A 1 8   PRO 8   107 107 PRO PRO A . n 
A 1 9   LYS 9   108 108 LYS LYS A . n 
A 1 10  TRP 10  109 109 TRP TRP A . n 
A 1 11  THR 11  110 110 THR THR A . n 
A 1 12  SER 12  111 111 SER SER A . n 
A 1 13  LYS 13  112 112 LYS LYS A . n 
A 1 14  VAL 14  113 113 VAL VAL A . n 
A 1 15  VAL 15  114 114 VAL VAL A . n 
A 1 16  THR 16  115 115 THR THR A . n 
A 1 17  TYR 17  116 116 TYR TYR A . n 
A 1 18  ARG 18  117 117 ARG ARG A . n 
A 1 19  ILE 19  118 118 ILE ILE A . n 
A 1 20  VAL 20  119 119 VAL VAL A . n 
A 1 21  SER 21  120 120 SER SER A . n 
A 1 22  TYR 22  121 121 TYR TYR A . n 
A 1 23  THR 23  122 122 THR THR A . n 
A 1 24  ARG 24  123 123 ARG ARG A . n 
A 1 25  ASP 25  124 124 ASP ASP A . n 
A 1 26  LEU 26  125 125 LEU LEU A . n 
A 1 27  PRO 27  126 126 PRO PRO A . n 
A 1 28  HIS 28  127 127 HIS HIS A . n 
A 1 29  ILE 29  128 128 ILE ILE A . n 
A 1 30  THR 30  129 129 THR THR A . n 
A 1 31  VAL 31  130 130 VAL VAL A . n 
A 1 32  ASP 32  131 131 ASP ASP A . n 
A 1 33  ARG 33  132 132 ARG ARG A . n 
A 1 34  LEU 34  133 133 LEU LEU A . n 
A 1 35  VAL 35  134 134 VAL VAL A . n 
A 1 36  SER 36  135 135 SER SER A . n 
A 1 37  LYS 37  136 136 LYS LYS A . n 
A 1 38  ALA 38  137 137 ALA ALA A . n 
A 1 39  LEU 39  138 138 LEU LEU A . n 
A 1 40  ASN 40  139 139 ASN ASN A . n 
A 1 41  MET 41  140 140 MET MET A . n 
A 1 42  TRP 42  141 141 TRP TRP A . n 
A 1 43  GLY 43  142 142 GLY GLY A . n 
A 1 44  LYS 44  143 143 LYS LYS A . n 
A 1 45  GLU 45  144 144 GLU GLU A . n 
A 1 46  ILE 46  145 145 ILE ILE A . n 
A 1 47  PRO 47  146 146 PRO PRO A . n 
A 1 48  LEU 48  147 147 LEU LEU A . n 
A 1 49  HIS 49  148 148 HIS HIS A . n 
A 1 50  PHE 50  149 149 PHE PHE A . n 
A 1 51  ARG 51  150 150 ARG ARG A . n 
A 1 52  LYS 52  151 151 LYS LYS A . n 
A 1 53  VAL 53  152 152 VAL VAL A . n 
A 1 54  VAL 54  153 153 VAL VAL A . n 
A 1 55  TRP 55  154 154 TRP TRP A . n 
A 1 56  GLY 56  155 155 GLY GLY A . n 
A 1 57  THR 57  156 156 THR THR A . n 
A 1 58  ALA 58  157 157 ALA ALA A . n 
A 1 59  ASP 59  158 158 ASP ASP A . n 
A 1 60  ILE 60  159 159 ILE ILE A . n 
A 1 61  MET 61  160 160 MET MET A . n 
A 1 62  ILE 62  161 161 ILE ILE A . n 
A 1 63  GLY 63  162 162 GLY GLY A . n 
A 1 64  PHE 64  163 163 PHE PHE A . n 
A 1 65  ALA 65  164 164 ALA ALA A . n 
A 1 66  ARG 66  165 165 ARG ARG A . n 
A 1 67  GLY 67  166 166 GLY GLY A . n 
A 1 68  ALA 68  167 167 ALA ALA A . n 
A 1 69  HIS 69  168 168 HIS HIS A . n 
A 1 70  GLY 70  169 169 GLY GLY A . n 
A 1 71  ASP 71  170 170 ASP ASP A . n 
A 1 72  SER 72  171 171 SER SER A . n 
A 1 73  TYR 73  172 172 TYR TYR A . n 
A 1 74  PRO 74  173 173 PRO PRO A . n 
A 1 75  PHE 75  174 174 PHE PHE A . n 
A 1 76  ASP 76  175 175 ASP ASP A . n 
A 1 77  GLY 77  176 176 GLY GLY A . n 
A 1 78  PRO 78  177 177 PRO PRO A . n 
A 1 79  GLY 79  178 178 GLY GLY A . n 
A 1 80  ASN 80  179 179 ASN ASN A . n 
A 1 81  THR 81  180 180 THR THR A . n 
A 1 82  LEU 82  181 181 LEU LEU A . n 
A 1 83  ALA 83  182 182 ALA ALA A . n 
A 1 84  HIS 84  183 183 HIS HIS A . n 
A 1 85  ALA 85  184 184 ALA ALA A . n 
A 1 86  PHE 86  185 185 PHE PHE A . n 
A 1 87  ALA 87  186 186 ALA ALA A . n 
A 1 88  PRO 88  187 187 PRO PRO A . n 
A 1 89  GLY 89  188 188 GLY GLY A . n 
A 1 90  THR 90  189 189 THR THR A . n 
A 1 91  GLY 91  190 190 GLY GLY A . n 
A 1 92  LEU 92  191 191 LEU LEU A . n 
A 1 93  GLY 93  192 192 GLY GLY A . n 
A 1 94  GLY 94  193 193 GLY GLY A . n 
A 1 95  ASP 95  194 194 ASP ASP A . n 
A 1 96  ALA 96  195 195 ALA ALA A . n 
A 1 97  HIS 97  196 196 HIS HIS A . n 
A 1 98  PHE 98  197 197 PHE PHE A . n 
A 1 99  ASP 99  198 198 ASP ASP A . n 
A 1 100 GLU 100 199 199 GLU GLU A . n 
A 1 101 ASP 101 200 200 ASP ASP A . n 
A 1 102 GLU 102 201 201 GLU GLU A . n 
A 1 103 ARG 103 202 202 ARG ARG A . n 
A 1 104 TRP 104 203 203 TRP TRP A . n 
A 1 105 THR 105 204 204 THR THR A . n 
A 1 106 ASP 106 205 205 ASP ASP A . n 
A 1 107 GLY 107 206 206 GLY GLY A . n 
A 1 108 SER 108 207 207 SER SER A . n 
A 1 109 SER 109 208 208 SER SER A . n 
A 1 110 LEU 110 208 208 LEU LEU A B n 
A 1 111 GLY 111 209 209 GLY GLY A . n 
A 1 112 ILE 112 210 210 ILE ILE A . n 
A 1 113 ASN 113 211 211 ASN ASN A . n 
A 1 114 PHE 114 212 212 PHE PHE A . n 
A 1 115 LEU 115 213 213 LEU LEU A . n 
A 1 116 TYR 116 214 214 TYR TYR A . n 
A 1 117 ALA 117 215 215 ALA ALA A . n 
A 1 118 ALA 118 216 216 ALA ALA A . n 
A 1 119 THR 119 217 217 THR THR A . n 
A 1 120 HIS 120 218 218 HIS HIS A . n 
A 1 121 GLU 121 219 219 GLU GLU A . n 
A 1 122 LEU 122 220 220 LEU LEU A . n 
A 1 123 GLY 123 221 221 GLY GLY A . n 
A 1 124 HIS 124 222 222 HIS HIS A . n 
A 1 125 SER 125 223 223 SER SER A . n 
A 1 126 LEU 126 224 224 LEU LEU A . n 
A 1 127 GLY 127 225 225 GLY GLY A . n 
A 1 128 MET 128 226 226 MET MET A . n 
A 1 129 GLY 129 227 227 GLY GLY A . n 
A 1 130 HIS 130 228 228 HIS HIS A . n 
A 1 131 SER 131 229 229 SER SER A . n 
A 1 132 SER 132 230 230 SER SER A . n 
A 1 133 ASP 133 231 231 ASP ASP A . n 
A 1 134 PRO 134 232 232 PRO PRO A . n 
A 1 135 ASN 135 233 233 ASN ASN A . n 
A 1 136 ALA 136 234 234 ALA ALA A . n 
A 1 137 VAL 137 235 235 VAL VAL A . n 
A 1 138 MET 138 236 236 MET MET A . n 
A 1 139 TYR 139 237 237 TYR TYR A . n 
A 1 140 PRO 140 238 238 PRO PRO A . n 
A 1 141 THR 141 239 239 THR THR A . n 
A 1 142 TYR 142 240 240 TYR TYR A . n 
A 1 143 GLY 143 241 241 GLY GLY A . n 
A 1 144 ASN 144 242 242 ASN ASN A . n 
A 1 145 GLY 145 243 243 GLY GLY A . n 
A 1 146 ASP 146 244 244 ASP ASP A . n 
A 1 147 PRO 147 245 245 PRO PRO A . n 
A 1 148 GLN 148 246 246 GLN GLN A . n 
A 1 149 ASN 149 247 247 ASN ASN A . n 
A 1 150 PHE 150 248 248 PHE PHE A . n 
A 1 151 LYS 151 249 249 LYS LYS A . n 
A 1 152 LEU 152 250 250 LEU LEU A . n 
A 1 153 SER 153 251 251 SER SER A . n 
A 1 154 GLN 154 252 252 GLN GLN A . n 
A 1 155 ASP 155 253 253 ASP ASP A . n 
A 1 156 ASP 156 254 254 ASP ASP A . n 
A 1 157 ILE 157 255 255 ILE ILE A . n 
A 1 158 LYS 158 256 256 LYS LYS A . n 
A 1 159 GLY 159 257 257 GLY GLY A . n 
A 1 160 ILE 160 258 258 ILE ILE A . n 
A 1 161 GLN 161 259 259 GLN GLN A . n 
A 1 162 LYS 162 260 260 LYS LYS A . n 
A 1 163 LEU 163 261 261 LEU LEU A . n 
A 1 164 TYR 164 262 262 TYR TYR A . n 
A 1 165 GLY 165 263 263 GLY GLY A . n 
A 1 166 LYS 166 264 264 LYS LYS A . n 
A 1 167 ARG 167 265 265 ARG ARG A . n 
A 1 168 SER 168 266 ?   ?   ?   A . n 
A 1 169 ASN 169 267 ?   ?   ?   A . n 
A 1 170 SER 170 268 ?   ?   ?   A . n 
# 
loop_
_pdbx_nonpoly_scheme.asym_id 
_pdbx_nonpoly_scheme.entity_id 
_pdbx_nonpoly_scheme.mon_id 
_pdbx_nonpoly_scheme.ndb_seq_num 
_pdbx_nonpoly_scheme.pdb_seq_num 
_pdbx_nonpoly_scheme.auth_seq_num 
_pdbx_nonpoly_scheme.pdb_mon_id 
_pdbx_nonpoly_scheme.auth_mon_id 
_pdbx_nonpoly_scheme.pdb_strand_id 
_pdbx_nonpoly_scheme.pdb_ins_code 
B 2 ZN  1  1   1  ZN  ZN  A . 
C 2 ZN  1  2   2  ZN  ZN  A . 
D 3 CA  1  3   3  CA  CA  A . 
E 3 CA  1  4   4  CA  CA  A . 
F 4 SRS 1  269 1  SRS SRS A . 
G 5 HOH 1  270 1  HOH HOH A . 
G 5 HOH 2  271 2  HOH HOH A . 
G 5 HOH 3  272 3  HOH HOH A . 
G 5 HOH 4  273 4  HOH HOH A . 
G 5 HOH 5  274 5  HOH HOH A . 
G 5 HOH 6  275 6  HOH HOH A . 
G 5 HOH 7  276 7  HOH HOH A . 
G 5 HOH 8  277 8  HOH HOH A . 
G 5 HOH 9  278 9  HOH HOH A . 
G 5 HOH 10 279 10 HOH HOH A . 
G 5 HOH 11 280 11 HOH HOH A . 
G 5 HOH 12 281 12 HOH HOH A . 
G 5 HOH 13 282 13 HOH HOH A . 
G 5 HOH 14 283 14 HOH HOH A . 
G 5 HOH 15 284 15 HOH HOH A . 
G 5 HOH 16 285 16 HOH HOH A . 
G 5 HOH 17 286 17 HOH HOH A . 
G 5 HOH 18 287 18 HOH HOH A . 
G 5 HOH 19 288 19 HOH HOH A . 
G 5 HOH 20 289 20 HOH HOH A . 
G 5 HOH 21 290 21 HOH HOH A . 
G 5 HOH 22 291 22 HOH HOH A . 
G 5 HOH 23 292 23 HOH HOH A . 
G 5 HOH 24 293 24 HOH HOH A . 
G 5 HOH 25 294 25 HOH HOH A . 
G 5 HOH 26 295 26 HOH HOH A . 
G 5 HOH 27 296 27 HOH HOH A . 
G 5 HOH 28 297 28 HOH HOH A . 
G 5 HOH 29 298 29 HOH HOH A . 
G 5 HOH 30 299 30 HOH HOH A . 
G 5 HOH 31 300 31 HOH HOH A . 
G 5 HOH 32 301 32 HOH HOH A . 
G 5 HOH 33 302 33 HOH HOH A . 
G 5 HOH 34 303 34 HOH HOH A . 
G 5 HOH 35 304 35 HOH HOH A . 
G 5 HOH 36 305 36 HOH HOH A . 
G 5 HOH 37 306 37 HOH HOH A . 
G 5 HOH 38 307 38 HOH HOH A . 
G 5 HOH 39 308 39 HOH HOH A . 
G 5 HOH 40 309 40 HOH HOH A . 
G 5 HOH 41 310 41 HOH HOH A . 
G 5 HOH 42 311 42 HOH HOH A . 
G 5 HOH 43 312 43 HOH HOH A . 
G 5 HOH 44 313 44 HOH HOH A . 
G 5 HOH 45 314 45 HOH HOH A . 
G 5 HOH 46 315 46 HOH HOH A . 
G 5 HOH 47 316 47 HOH HOH A . 
G 5 HOH 48 317 48 HOH HOH A . 
G 5 HOH 49 318 49 HOH HOH A . 
G 5 HOH 50 319 50 HOH HOH A . 
G 5 HOH 51 320 51 HOH HOH A . 
G 5 HOH 52 321 52 HOH HOH A . 
G 5 HOH 53 322 53 HOH HOH A . 
G 5 HOH 54 323 54 HOH HOH A . 
G 5 HOH 55 324 55 HOH HOH A . 
G 5 HOH 56 325 56 HOH HOH A . 
G 5 HOH 57 326 57 HOH HOH A . 
G 5 HOH 58 327 58 HOH HOH A . 
# 
loop_
_pdbx_unobs_or_zero_occ_atoms.id 
_pdbx_unobs_or_zero_occ_atoms.PDB_model_num 
_pdbx_unobs_or_zero_occ_atoms.polymer_flag 
_pdbx_unobs_or_zero_occ_atoms.occupancy_flag 
_pdbx_unobs_or_zero_occ_atoms.auth_asym_id 
_pdbx_unobs_or_zero_occ_atoms.auth_comp_id 
_pdbx_unobs_or_zero_occ_atoms.auth_seq_id 
_pdbx_unobs_or_zero_occ_atoms.PDB_ins_code 
_pdbx_unobs_or_zero_occ_atoms.auth_atom_id 
_pdbx_unobs_or_zero_occ_atoms.label_alt_id 
_pdbx_unobs_or_zero_occ_atoms.label_asym_id 
_pdbx_unobs_or_zero_occ_atoms.label_comp_id 
_pdbx_unobs_or_zero_occ_atoms.label_seq_id 
_pdbx_unobs_or_zero_occ_atoms.label_atom_id 
1  1 Y 1 A ASN 105 ? CG  ? A ASN 6   CG  
2  1 Y 1 A ASN 105 ? OD1 ? A ASN 6   OD1 
3  1 Y 1 A ASN 105 ? ND2 ? A ASN 6   ND2 
4  1 Y 1 A LYS 112 ? CG  ? A LYS 13  CG  
5  1 Y 1 A LYS 112 ? CD  ? A LYS 13  CD  
6  1 Y 1 A LYS 112 ? CE  ? A LYS 13  CE  
7  1 Y 1 A LYS 112 ? NZ  ? A LYS 13  NZ  
8  1 Y 1 A ARG 123 ? CG  ? A ARG 24  CG  
9  1 Y 1 A ARG 123 ? CD  ? A ARG 24  CD  
10 1 Y 1 A ARG 123 ? NE  ? A ARG 24  NE  
11 1 Y 1 A ARG 123 ? CZ  ? A ARG 24  CZ  
12 1 Y 1 A ARG 123 ? NH1 ? A ARG 24  NH1 
13 1 Y 1 A ARG 123 ? NH2 ? A ARG 24  NH2 
14 1 Y 1 A LYS 143 ? CG  ? A LYS 44  CG  
15 1 Y 1 A LYS 143 ? CD  ? A LYS 44  CD  
16 1 Y 1 A LYS 143 ? CE  ? A LYS 44  CE  
17 1 Y 1 A LYS 143 ? NZ  ? A LYS 44  NZ  
18 1 Y 1 A LYS 249 ? CG  ? A LYS 151 CG  
19 1 Y 1 A LYS 249 ? CD  ? A LYS 151 CD  
20 1 Y 1 A LYS 249 ? CE  ? A LYS 151 CE  
21 1 Y 1 A LYS 249 ? NZ  ? A LYS 151 NZ  
22 1 Y 1 A LYS 260 ? CG  ? A LYS 162 CG  
23 1 Y 1 A LYS 260 ? CD  ? A LYS 162 CD  
24 1 Y 1 A LYS 260 ? CE  ? A LYS 162 CE  
25 1 Y 1 A LYS 260 ? NZ  ? A LYS 162 NZ  
26 1 Y 1 A ARG 265 ? CG  ? A ARG 167 CG  
27 1 Y 1 A ARG 265 ? CD  ? A ARG 167 CD  
28 1 Y 1 A ARG 265 ? NE  ? A ARG 167 NE  
29 1 Y 1 A ARG 265 ? CZ  ? A ARG 167 CZ  
30 1 Y 1 A ARG 265 ? NH1 ? A ARG 167 NH1 
31 1 Y 1 A ARG 265 ? NH2 ? A ARG 167 NH2 
# 
loop_
_software.name 
_software.classification 
_software.version 
_software.citation_id 
_software.pdbx_ordinal 
X-PLOR 'model building' 3.1        ? 1 
X-PLOR refinement       3.1        ? 2 
MOSFLM 'data reduction' 'V. 5.1.2' ? 3 
X-PLOR phasing          3.1        ? 4 
# 
_cell.entry_id           1MMR 
_cell.length_a           62.100 
_cell.length_b           62.100 
_cell.length_c           87.400 
_cell.angle_alpha        90.00 
_cell.angle_beta         90.00 
_cell.angle_gamma        120.00 
_cell.Z_PDB              6 
_cell.pdbx_unique_axis   ? 
# 
_symmetry.entry_id                         1MMR 
_symmetry.space_group_name_H-M             'P 31 2 1' 
_symmetry.pdbx_full_space_group_name_H-M   ? 
_symmetry.cell_setting                     ? 
_symmetry.Int_Tables_number                152 
# 
_exptl.entry_id          1MMR 
_exptl.method            'X-RAY DIFFRACTION' 
_exptl.crystals_number   1 
# 
_exptl_crystal.id                    1 
_exptl_crystal.density_meas          ? 
_exptl_crystal.density_Matthews      2.59 
_exptl_crystal.density_percent_sol   52.59 
_exptl_crystal.description           ? 
# 
_diffrn.id                     1 
_diffrn.ambient_temp           ? 
_diffrn.ambient_temp_details   ? 
_diffrn.crystal_id             1 
# 
_diffrn_detector.diffrn_id              1 
_diffrn_detector.detector               'IMAGE PLATE' 
_diffrn_detector.type                   MARRESEARCH 
_diffrn_detector.pdbx_collection_date   1994-03-22 
_diffrn_detector.details                ? 
# 
_diffrn_radiation.diffrn_id                        1 
_diffrn_radiation.wavelength_id                    1 
_diffrn_radiation.pdbx_monochromatic_or_laue_m_l   M 
_diffrn_radiation.monochromator                    ? 
_diffrn_radiation.pdbx_diffrn_protocol             ? 
_diffrn_radiation.pdbx_scattering_type             x-ray 
# 
_diffrn_radiation_wavelength.id           1 
_diffrn_radiation_wavelength.wavelength   1.5418 
_diffrn_radiation_wavelength.wt           1.0 
# 
_diffrn_source.diffrn_id                   1 
_diffrn_source.source                      ? 
_diffrn_source.type                        ? 
_diffrn_source.pdbx_synchrotron_site       ? 
_diffrn_source.pdbx_synchrotron_beamline   ? 
_diffrn_source.pdbx_wavelength             ? 
_diffrn_source.pdbx_wavelength_list        1.5418 
# 
_reflns.entry_id                     1MMR 
_reflns.observed_criterion_sigma_I   2.5 
_reflns.observed_criterion_sigma_F   ? 
_reflns.d_resolution_low             ? 
_reflns.d_resolution_high            ? 
_reflns.number_obs                   7690 
_reflns.number_all                   ? 
_reflns.percent_possible_obs         95.5 
_reflns.pdbx_Rmerge_I_obs            0.08 
_reflns.pdbx_Rsym_value              ? 
_reflns.pdbx_netI_over_sigmaI        ? 
_reflns.B_iso_Wilson_estimate        ? 
_reflns.pdbx_redundancy              3.0 
_reflns.pdbx_diffrn_id               1 
_reflns.pdbx_ordinal                 1 
# 
_refine.entry_id                                 1MMR 
_refine.ls_number_reflns_obs                     7297 
_refine.ls_number_reflns_all                     ? 
_refine.pdbx_ls_sigma_I                          ? 
_refine.pdbx_ls_sigma_F                          0. 
_refine.pdbx_data_cutoff_high_absF               ? 
_refine.pdbx_data_cutoff_low_absF                ? 
_refine.pdbx_data_cutoff_high_rms_absF           ? 
_refine.ls_d_res_low                             6.0 
_refine.ls_d_res_high                            2.4 
_refine.ls_percent_reflns_obs                    ? 
_refine.ls_R_factor_obs                          0.187 
_refine.ls_R_factor_all                          ? 
_refine.ls_R_factor_R_work                       0.187 
_refine.ls_R_factor_R_free                       ? 
_refine.ls_R_factor_R_free_error                 ? 
_refine.ls_R_factor_R_free_error_details         ? 
_refine.ls_percent_reflns_R_free                 ? 
_refine.ls_number_reflns_R_free                  ? 
_refine.ls_number_parameters                     ? 
_refine.ls_number_restraints                     ? 
_refine.occupancy_min                            ? 
_refine.occupancy_max                            ? 
_refine.B_iso_mean                               ? 
_refine.aniso_B[1][1]                            ? 
_refine.aniso_B[2][2]                            ? 
_refine.aniso_B[3][3]                            ? 
_refine.aniso_B[1][2]                            ? 
_refine.aniso_B[1][3]                            ? 
_refine.aniso_B[2][3]                            ? 
_refine.solvent_model_details                    ? 
_refine.solvent_model_param_ksol                 ? 
_refine.solvent_model_param_bsol                 ? 
_refine.pdbx_ls_cross_valid_method               ? 
_refine.details                                  ? 
_refine.pdbx_starting_model                      ? 
_refine.pdbx_method_to_determine_struct          ? 
_refine.pdbx_isotropic_thermal_model             ? 
_refine.pdbx_stereochemistry_target_values       ? 
_refine.pdbx_stereochem_target_val_spec_case     ? 
_refine.pdbx_R_Free_selection_details            ? 
_refine.pdbx_overall_ESU_R                       ? 
_refine.pdbx_overall_ESU_R_Free                  ? 
_refine.overall_SU_ML                            ? 
_refine.overall_SU_B                             ? 
_refine.pdbx_refine_id                           'X-RAY DIFFRACTION' 
_refine.pdbx_diffrn_id                           1 
_refine.pdbx_TLS_residual_ADP_flag               ? 
_refine.correlation_coeff_Fo_to_Fc               ? 
_refine.correlation_coeff_Fo_to_Fc_free          ? 
_refine.pdbx_solvent_vdw_probe_radii             ? 
_refine.pdbx_solvent_ion_probe_radii             ? 
_refine.pdbx_solvent_shrinkage_radii             ? 
_refine.pdbx_overall_phase_error                 ? 
_refine.overall_SU_R_Cruickshank_DPI             ? 
_refine.pdbx_overall_SU_R_free_Cruickshank_DPI   ? 
_refine.pdbx_overall_SU_R_Blow_DPI               ? 
_refine.pdbx_overall_SU_R_free_Blow_DPI          ? 
# 
_refine_analyze.entry_id                        1MMR 
_refine_analyze.Luzzati_coordinate_error_obs    0.2 
_refine_analyze.Luzzati_sigma_a_obs             ? 
_refine_analyze.Luzzati_d_res_low_obs           ? 
_refine_analyze.Luzzati_coordinate_error_free   ? 
_refine_analyze.Luzzati_sigma_a_free            ? 
_refine_analyze.Luzzati_d_res_low_free          ? 
_refine_analyze.number_disordered_residues      ? 
_refine_analyze.occupancy_sum_hydrogen          ? 
_refine_analyze.occupancy_sum_non_hydrogen      ? 
_refine_analyze.pdbx_refine_id                  'X-RAY DIFFRACTION' 
# 
_refine_hist.pdbx_refine_id                   'X-RAY DIFFRACTION' 
_refine_hist.cycle_id                         LAST 
_refine_hist.pdbx_number_atoms_protein        1274 
_refine_hist.pdbx_number_atoms_nucleic_acid   0 
_refine_hist.pdbx_number_atoms_ligand         37 
_refine_hist.number_atoms_solvent             58 
_refine_hist.number_atoms_total               1369 
_refine_hist.d_res_high                       2.4 
_refine_hist.d_res_low                        6.0 
# 
loop_
_refine_ls_restr.type 
_refine_ls_restr.dev_ideal 
_refine_ls_restr.dev_ideal_target 
_refine_ls_restr.weight 
_refine_ls_restr.number 
_refine_ls_restr.pdbx_refine_id 
_refine_ls_restr.pdbx_restraint_function 
x_bond_d                0.014 ? ? ? 'X-RAY DIFFRACTION' ? 
x_bond_d_na             ?     ? ? ? 'X-RAY DIFFRACTION' ? 
x_bond_d_prot           ?     ? ? ? 'X-RAY DIFFRACTION' ? 
x_angle_d               ?     ? ? ? 'X-RAY DIFFRACTION' ? 
x_angle_d_na            ?     ? ? ? 'X-RAY DIFFRACTION' ? 
x_angle_d_prot          ?     ? ? ? 'X-RAY DIFFRACTION' ? 
x_angle_deg             2.88  ? ? ? 'X-RAY DIFFRACTION' ? 
x_angle_deg_na          ?     ? ? ? 'X-RAY DIFFRACTION' ? 
x_angle_deg_prot        ?     ? ? ? 'X-RAY DIFFRACTION' ? 
x_dihedral_angle_d      ?     ? ? ? 'X-RAY DIFFRACTION' ? 
x_dihedral_angle_d_na   ?     ? ? ? 'X-RAY DIFFRACTION' ? 
x_dihedral_angle_d_prot ?     ? ? ? 'X-RAY DIFFRACTION' ? 
x_improper_angle_d      ?     ? ? ? 'X-RAY DIFFRACTION' ? 
x_improper_angle_d_na   ?     ? ? ? 'X-RAY DIFFRACTION' ? 
x_improper_angle_d_prot ?     ? ? ? 'X-RAY DIFFRACTION' ? 
x_mcbond_it             ?     ? ? ? 'X-RAY DIFFRACTION' ? 
x_mcangle_it            ?     ? ? ? 'X-RAY DIFFRACTION' ? 
x_scbond_it             ?     ? ? ? 'X-RAY DIFFRACTION' ? 
x_scangle_it            ?     ? ? ? 'X-RAY DIFFRACTION' ? 
# 
_struct.entry_id                  1MMR 
_struct.title                     'MATRILYSIN COMPLEXED WITH SULFODIIMINE INHIBITOR' 
_struct.pdbx_model_details        ? 
_struct.pdbx_CASP_flag            ? 
_struct.pdbx_model_type_details   ? 
# 
_struct_keywords.entry_id        1MMR 
_struct_keywords.pdbx_keywords   METALLOPROTEASE 
_struct_keywords.text            METALLOPROTEASE 
# 
loop_
_struct_asym.id 
_struct_asym.pdbx_blank_PDB_chainid_flag 
_struct_asym.pdbx_modified 
_struct_asym.entity_id 
_struct_asym.details 
A N N 1 ? 
B N N 2 ? 
C N N 2 ? 
D N N 3 ? 
E N N 3 ? 
F N N 4 ? 
G N N 5 ? 
# 
_struct_ref.id                         1 
_struct_ref.db_name                    UNP 
_struct_ref.db_code                    MMP7_HUMAN 
_struct_ref.entity_id                  1 
_struct_ref.pdbx_db_accession          P09237 
_struct_ref.pdbx_align_begin           1 
_struct_ref.pdbx_seq_one_letter_code   
;MRLTVLCAVCLLPGSLALPLPQEAGGMSELQWEQAQDYLKRFYLYDSETKNANSLEAKLKEMQKFFGLPITGMLNSRVIE
IMQKPRCGVPDVAEYSLFPNSPKWTSKVVTYRIVSYTRDLPHITVDRLVSKALNMWGKEIPLHFRKVVWGTADIMIGFAR
GAHGDSYPFDGPGNTLAHAFAPGTGLGGDAHFDEDERWTDGSSLGINFLYAATHELGHSLGMGHSSDPNAVMYPTYGNGD
PQNFKLSQDDIKGIQKLYGKRSNSRKK
;
_struct_ref.pdbx_db_isoform            ? 
# 
_struct_ref_seq.align_id                      1 
_struct_ref_seq.ref_id                        1 
_struct_ref_seq.pdbx_PDB_id_code              1MMR 
_struct_ref_seq.pdbx_strand_id                A 
_struct_ref_seq.seq_align_beg                 1 
_struct_ref_seq.pdbx_seq_align_beg_ins_code   ? 
_struct_ref_seq.seq_align_end                 170 
_struct_ref_seq.pdbx_seq_align_end_ins_code   ? 
_struct_ref_seq.pdbx_db_accession             P09237 
_struct_ref_seq.db_align_beg                  95 
_struct_ref_seq.pdbx_db_align_beg_ins_code    ? 
_struct_ref_seq.db_align_end                  264 
_struct_ref_seq.pdbx_db_align_end_ins_code    ? 
_struct_ref_seq.pdbx_auth_seq_align_beg       100 
_struct_ref_seq.pdbx_auth_seq_align_end       268 
# 
_pdbx_struct_assembly.id                   1 
_pdbx_struct_assembly.details              author_defined_assembly 
_pdbx_struct_assembly.method_details       ? 
_pdbx_struct_assembly.oligomeric_details   monomeric 
_pdbx_struct_assembly.oligomeric_count     1 
# 
_pdbx_struct_assembly_gen.assembly_id       1 
_pdbx_struct_assembly_gen.oper_expression   1 
_pdbx_struct_assembly_gen.asym_id_list      A,B,C,D,E,F,G 
# 
_pdbx_struct_oper_list.id                   1 
_pdbx_struct_oper_list.type                 'identity operation' 
_pdbx_struct_oper_list.name                 1_555 
_pdbx_struct_oper_list.symmetry_operation   x,y,z 
_pdbx_struct_oper_list.matrix[1][1]         1.0000000000 
_pdbx_struct_oper_list.matrix[1][2]         0.0000000000 
_pdbx_struct_oper_list.matrix[1][3]         0.0000000000 
_pdbx_struct_oper_list.vector[1]            0.0000000000 
_pdbx_struct_oper_list.matrix[2][1]         0.0000000000 
_pdbx_struct_oper_list.matrix[2][2]         1.0000000000 
_pdbx_struct_oper_list.matrix[2][3]         0.0000000000 
_pdbx_struct_oper_list.vector[2]            0.0000000000 
_pdbx_struct_oper_list.matrix[3][1]         0.0000000000 
_pdbx_struct_oper_list.matrix[3][2]         0.0000000000 
_pdbx_struct_oper_list.matrix[3][3]         1.0000000000 
_pdbx_struct_oper_list.vector[3]            0.0000000000 
# 
_struct_biol.id   1 
# 
loop_
_struct_conf.conf_type_id 
_struct_conf.id 
_struct_conf.pdbx_PDB_helix_id 
_struct_conf.beg_label_comp_id 
_struct_conf.beg_label_asym_id 
_struct_conf.beg_label_seq_id 
_struct_conf.pdbx_beg_PDB_ins_code 
_struct_conf.end_label_comp_id 
_struct_conf.end_label_asym_id 
_struct_conf.end_label_seq_id 
_struct_conf.pdbx_end_PDB_ins_code 
_struct_conf.beg_auth_comp_id 
_struct_conf.beg_auth_asym_id 
_struct_conf.beg_auth_seq_id 
_struct_conf.end_auth_comp_id 
_struct_conf.end_auth_asym_id 
_struct_conf.end_auth_seq_id 
_struct_conf.pdbx_PDB_helix_class 
_struct_conf.details 
_struct_conf.pdbx_PDB_helix_length 
HELX_P HELX_P1 1 PRO A 5   ? SER A 7   ? PRO A 104 SER A 106 5 ? 3  
HELX_P HELX_P2 2 HIS A 28  ? GLU A 45  ? HIS A 127 GLU A 144 1 ? 18 
HELX_P HELX_P3 3 PHE A 114 ? LEU A 126 ? PHE A 212 LEU A 224 1 ? 13 
HELX_P HELX_P4 4 GLN A 154 ? TYR A 164 ? GLN A 252 TYR A 262 1 ? 11 
# 
_struct_conf_type.id          HELX_P 
_struct_conf_type.criteria    ? 
_struct_conf_type.reference   ? 
# 
loop_
_struct_conn.id 
_struct_conn.conn_type_id 
_struct_conn.pdbx_leaving_atom_flag 
_struct_conn.pdbx_PDB_id 
_struct_conn.ptnr1_label_asym_id 
_struct_conn.ptnr1_label_comp_id 
_struct_conn.ptnr1_label_seq_id 
_struct_conn.ptnr1_label_atom_id 
_struct_conn.pdbx_ptnr1_label_alt_id 
_struct_conn.pdbx_ptnr1_PDB_ins_code 
_struct_conn.pdbx_ptnr1_standard_comp_id 
_struct_conn.ptnr1_symmetry 
_struct_conn.ptnr2_label_asym_id 
_struct_conn.ptnr2_label_comp_id 
_struct_conn.ptnr2_label_seq_id 
_struct_conn.ptnr2_label_atom_id 
_struct_conn.pdbx_ptnr2_label_alt_id 
_struct_conn.pdbx_ptnr2_PDB_ins_code 
_struct_conn.ptnr1_auth_asym_id 
_struct_conn.ptnr1_auth_comp_id 
_struct_conn.ptnr1_auth_seq_id 
_struct_conn.ptnr2_auth_asym_id 
_struct_conn.ptnr2_auth_comp_id 
_struct_conn.ptnr2_auth_seq_id 
_struct_conn.ptnr2_symmetry 
_struct_conn.pdbx_ptnr3_label_atom_id 
_struct_conn.pdbx_ptnr3_label_seq_id 
_struct_conn.pdbx_ptnr3_label_comp_id 
_struct_conn.pdbx_ptnr3_label_asym_id 
_struct_conn.pdbx_ptnr3_label_alt_id 
_struct_conn.pdbx_ptnr3_PDB_ins_code 
_struct_conn.details 
_struct_conn.pdbx_dist_value 
_struct_conn.pdbx_value_order 
_struct_conn.pdbx_role 
metalc1  metalc ? ? B ZN . ZN ? ? ? 1_555 A HIS 120 NE2 ? ? A ZN 1 A HIS 218 1_555 ? ? ? ? ? ? ? 2.149 ? ? 
metalc2  metalc ? ? B ZN . ZN ? ? ? 1_555 A HIS 124 NE2 ? ? A ZN 1 A HIS 222 1_555 ? ? ? ? ? ? ? 2.161 ? ? 
metalc3  metalc ? ? B ZN . ZN ? ? ? 1_555 A HIS 130 NE2 ? ? A ZN 1 A HIS 228 1_555 ? ? ? ? ? ? ? 2.103 ? ? 
metalc4  metalc ? ? B ZN . ZN ? ? ? 1_555 F SRS .   N5  ? ? A ZN 1 A SRS 269 1_555 ? ? ? ? ? ? ? 1.998 ? ? 
metalc5  metalc ? ? C ZN . ZN ? ? ? 1_555 A HIS 69  NE2 ? ? A ZN 2 A HIS 168 1_555 ? ? ? ? ? ? ? 2.082 ? ? 
metalc6  metalc ? ? C ZN . ZN ? ? ? 1_555 A ASP 71  OD2 ? ? A ZN 2 A ASP 170 1_555 ? ? ? ? ? ? ? 2.028 ? ? 
metalc7  metalc ? ? C ZN . ZN ? ? ? 1_555 A HIS 84  NE2 ? ? A ZN 2 A HIS 183 1_555 ? ? ? ? ? ? ? 2.109 ? ? 
metalc8  metalc ? ? C ZN . ZN ? ? ? 1_555 A HIS 97  ND1 ? ? A ZN 2 A HIS 196 1_555 ? ? ? ? ? ? ? 2.006 ? ? 
metalc9  metalc ? ? D CA . CA ? ? ? 1_555 A ASP 59  O   ? ? A CA 3 A ASP 158 1_555 ? ? ? ? ? ? ? 2.392 ? ? 
metalc10 metalc ? ? D CA . CA ? ? ? 1_555 A GLY 91  O   ? ? A CA 3 A GLY 190 1_555 ? ? ? ? ? ? ? 2.451 ? ? 
metalc11 metalc ? ? D CA . CA ? ? ? 1_555 A GLY 93  O   ? ? A CA 3 A GLY 192 1_555 ? ? ? ? ? ? ? 2.426 ? ? 
metalc12 metalc ? ? D CA . CA ? ? ? 1_555 A ASP 95  OD1 ? ? A CA 3 A ASP 194 1_555 ? ? ? ? ? ? ? 2.439 ? ? 
metalc13 metalc ? ? D CA . CA ? ? ? 1_555 G HOH .   O   ? ? A CA 3 A HOH 272 1_555 ? ? ? ? ? ? ? 2.450 ? ? 
metalc14 metalc ? ? D CA . CA ? ? ? 1_555 G HOH .   O   ? ? A CA 3 A HOH 302 1_555 ? ? ? ? ? ? ? 2.503 ? ? 
metalc15 metalc ? ? E CA . CA ? ? ? 1_555 A ASP 76  OD1 ? ? A CA 4 A ASP 175 1_555 ? ? ? ? ? ? ? 2.410 ? ? 
metalc16 metalc ? ? E CA . CA ? ? ? 1_555 A GLY 77  O   ? ? A CA 4 A GLY 176 1_555 ? ? ? ? ? ? ? 2.340 ? ? 
metalc17 metalc ? ? E CA . CA ? ? ? 1_555 A GLY 79  O   ? ? A CA 4 A GLY 178 1_555 ? ? ? ? ? ? ? 2.373 ? ? 
metalc18 metalc ? ? E CA . CA ? ? ? 1_555 A THR 81  O   ? ? A CA 4 A THR 180 1_555 ? ? ? ? ? ? ? 2.357 ? ? 
metalc19 metalc ? ? E CA . CA ? ? ? 1_555 A ASP 99  OD2 ? ? A CA 4 A ASP 198 1_555 ? ? ? ? ? ? ? 2.425 ? ? 
metalc20 metalc ? ? E CA . CA ? ? ? 1_555 A GLU 102 OE2 ? ? A CA 4 A GLU 201 1_555 ? ? ? ? ? ? ? 2.379 ? ? 
# 
_struct_conn_type.id          metalc 
_struct_conn_type.criteria    ? 
_struct_conn_type.reference   ? 
# 
loop_
_pdbx_struct_conn_angle.id 
_pdbx_struct_conn_angle.ptnr1_label_atom_id 
_pdbx_struct_conn_angle.ptnr1_label_alt_id 
_pdbx_struct_conn_angle.ptnr1_label_asym_id 
_pdbx_struct_conn_angle.ptnr1_label_comp_id 
_pdbx_struct_conn_angle.ptnr1_label_seq_id 
_pdbx_struct_conn_angle.ptnr1_auth_atom_id 
_pdbx_struct_conn_angle.ptnr1_auth_asym_id 
_pdbx_struct_conn_angle.ptnr1_auth_comp_id 
_pdbx_struct_conn_angle.ptnr1_auth_seq_id 
_pdbx_struct_conn_angle.ptnr1_PDB_ins_code 
_pdbx_struct_conn_angle.ptnr1_symmetry 
_pdbx_struct_conn_angle.ptnr2_label_atom_id 
_pdbx_struct_conn_angle.ptnr2_label_alt_id 
_pdbx_struct_conn_angle.ptnr2_label_asym_id 
_pdbx_struct_conn_angle.ptnr2_label_comp_id 
_pdbx_struct_conn_angle.ptnr2_label_seq_id 
_pdbx_struct_conn_angle.ptnr2_auth_atom_id 
_pdbx_struct_conn_angle.ptnr2_auth_asym_id 
_pdbx_struct_conn_angle.ptnr2_auth_comp_id 
_pdbx_struct_conn_angle.ptnr2_auth_seq_id 
_pdbx_struct_conn_angle.ptnr2_PDB_ins_code 
_pdbx_struct_conn_angle.ptnr2_symmetry 
_pdbx_struct_conn_angle.ptnr3_label_atom_id 
_pdbx_struct_conn_angle.ptnr3_label_alt_id 
_pdbx_struct_conn_angle.ptnr3_label_asym_id 
_pdbx_struct_conn_angle.ptnr3_label_comp_id 
_pdbx_struct_conn_angle.ptnr3_label_seq_id 
_pdbx_struct_conn_angle.ptnr3_auth_atom_id 
_pdbx_struct_conn_angle.ptnr3_auth_asym_id 
_pdbx_struct_conn_angle.ptnr3_auth_comp_id 
_pdbx_struct_conn_angle.ptnr3_auth_seq_id 
_pdbx_struct_conn_angle.ptnr3_PDB_ins_code 
_pdbx_struct_conn_angle.ptnr3_symmetry 
_pdbx_struct_conn_angle.value 
_pdbx_struct_conn_angle.value_esd 
1  NE2 ? A HIS 120 ? A HIS 218 ? 1_555 ZN ? B ZN . ? A ZN 1 ? 1_555 NE2 ? A HIS 124 ? A HIS 222 ? 1_555 101.4 ? 
2  NE2 ? A HIS 120 ? A HIS 218 ? 1_555 ZN ? B ZN . ? A ZN 1 ? 1_555 NE2 ? A HIS 130 ? A HIS 228 ? 1_555 106.9 ? 
3  NE2 ? A HIS 124 ? A HIS 222 ? 1_555 ZN ? B ZN . ? A ZN 1 ? 1_555 NE2 ? A HIS 130 ? A HIS 228 ? 1_555 102.1 ? 
4  NE2 ? A HIS 120 ? A HIS 218 ? 1_555 ZN ? B ZN . ? A ZN 1 ? 1_555 N5  ? F SRS .   ? A SRS 269 ? 1_555 113.4 ? 
5  NE2 ? A HIS 124 ? A HIS 222 ? 1_555 ZN ? B ZN . ? A ZN 1 ? 1_555 N5  ? F SRS .   ? A SRS 269 ? 1_555 134.1 ? 
6  NE2 ? A HIS 130 ? A HIS 228 ? 1_555 ZN ? B ZN . ? A ZN 1 ? 1_555 N5  ? F SRS .   ? A SRS 269 ? 1_555 95.7  ? 
7  NE2 ? A HIS 69  ? A HIS 168 ? 1_555 ZN ? C ZN . ? A ZN 2 ? 1_555 OD2 ? A ASP 71  ? A ASP 170 ? 1_555 116.0 ? 
8  NE2 ? A HIS 69  ? A HIS 168 ? 1_555 ZN ? C ZN . ? A ZN 2 ? 1_555 NE2 ? A HIS 84  ? A HIS 183 ? 1_555 116.9 ? 
9  OD2 ? A ASP 71  ? A ASP 170 ? 1_555 ZN ? C ZN . ? A ZN 2 ? 1_555 NE2 ? A HIS 84  ? A HIS 183 ? 1_555 112.1 ? 
10 NE2 ? A HIS 69  ? A HIS 168 ? 1_555 ZN ? C ZN . ? A ZN 2 ? 1_555 ND1 ? A HIS 97  ? A HIS 196 ? 1_555 103.0 ? 
11 OD2 ? A ASP 71  ? A ASP 170 ? 1_555 ZN ? C ZN . ? A ZN 2 ? 1_555 ND1 ? A HIS 97  ? A HIS 196 ? 1_555 98.6  ? 
12 NE2 ? A HIS 84  ? A HIS 183 ? 1_555 ZN ? C ZN . ? A ZN 2 ? 1_555 ND1 ? A HIS 97  ? A HIS 196 ? 1_555 107.5 ? 
13 O   ? A ASP 59  ? A ASP 158 ? 1_555 CA ? D CA . ? A CA 3 ? 1_555 O   ? A GLY 91  ? A GLY 190 ? 1_555 173.9 ? 
14 O   ? A ASP 59  ? A ASP 158 ? 1_555 CA ? D CA . ? A CA 3 ? 1_555 O   ? A GLY 93  ? A GLY 192 ? 1_555 96.4  ? 
15 O   ? A GLY 91  ? A GLY 190 ? 1_555 CA ? D CA . ? A CA 3 ? 1_555 O   ? A GLY 93  ? A GLY 192 ? 1_555 88.0  ? 
16 O   ? A ASP 59  ? A ASP 158 ? 1_555 CA ? D CA . ? A CA 3 ? 1_555 OD1 ? A ASP 95  ? A ASP 194 ? 1_555 86.6  ? 
17 O   ? A GLY 91  ? A GLY 190 ? 1_555 CA ? D CA . ? A CA 3 ? 1_555 OD1 ? A ASP 95  ? A ASP 194 ? 1_555 97.7  ? 
18 O   ? A GLY 93  ? A GLY 192 ? 1_555 CA ? D CA . ? A CA 3 ? 1_555 OD1 ? A ASP 95  ? A ASP 194 ? 1_555 89.2  ? 
19 O   ? A ASP 59  ? A ASP 158 ? 1_555 CA ? D CA . ? A CA 3 ? 1_555 O   ? G HOH .   ? A HOH 272 ? 1_555 88.1  ? 
20 O   ? A GLY 91  ? A GLY 190 ? 1_555 CA ? D CA . ? A CA 3 ? 1_555 O   ? G HOH .   ? A HOH 272 ? 1_555 88.3  ? 
21 O   ? A GLY 93  ? A GLY 192 ? 1_555 CA ? D CA . ? A CA 3 ? 1_555 O   ? G HOH .   ? A HOH 272 ? 1_555 83.1  ? 
22 OD1 ? A ASP 95  ? A ASP 194 ? 1_555 CA ? D CA . ? A CA 3 ? 1_555 O   ? G HOH .   ? A HOH 272 ? 1_555 170.1 ? 
23 O   ? A ASP 59  ? A ASP 158 ? 1_555 CA ? D CA . ? A CA 3 ? 1_555 O   ? G HOH .   ? A HOH 302 ? 1_555 91.8  ? 
24 O   ? A GLY 91  ? A GLY 190 ? 1_555 CA ? D CA . ? A CA 3 ? 1_555 O   ? G HOH .   ? A HOH 302 ? 1_555 82.9  ? 
25 O   ? A GLY 93  ? A GLY 192 ? 1_555 CA ? D CA . ? A CA 3 ? 1_555 O   ? G HOH .   ? A HOH 302 ? 1_555 164.6 ? 
26 OD1 ? A ASP 95  ? A ASP 194 ? 1_555 CA ? D CA . ? A CA 3 ? 1_555 O   ? G HOH .   ? A HOH 302 ? 1_555 104.4 ? 
27 O   ? G HOH .   ? A HOH 272 ? 1_555 CA ? D CA . ? A CA 3 ? 1_555 O   ? G HOH .   ? A HOH 302 ? 1_555 84.1  ? 
28 OD1 ? A ASP 76  ? A ASP 175 ? 1_555 CA ? E CA . ? A CA 4 ? 1_555 O   ? A GLY 77  ? A GLY 176 ? 1_555 84.0  ? 
29 OD1 ? A ASP 76  ? A ASP 175 ? 1_555 CA ? E CA . ? A CA 4 ? 1_555 O   ? A GLY 79  ? A GLY 178 ? 1_555 88.0  ? 
30 O   ? A GLY 77  ? A GLY 176 ? 1_555 CA ? E CA . ? A CA 4 ? 1_555 O   ? A GLY 79  ? A GLY 178 ? 1_555 91.4  ? 
31 OD1 ? A ASP 76  ? A ASP 175 ? 1_555 CA ? E CA . ? A CA 4 ? 1_555 O   ? A THR 81  ? A THR 180 ? 1_555 88.3  ? 
32 O   ? A GLY 77  ? A GLY 176 ? 1_555 CA ? E CA . ? A CA 4 ? 1_555 O   ? A THR 81  ? A THR 180 ? 1_555 172.3 ? 
33 O   ? A GLY 79  ? A GLY 178 ? 1_555 CA ? E CA . ? A CA 4 ? 1_555 O   ? A THR 81  ? A THR 180 ? 1_555 89.0  ? 
34 OD1 ? A ASP 76  ? A ASP 175 ? 1_555 CA ? E CA . ? A CA 4 ? 1_555 OD2 ? A ASP 99  ? A ASP 198 ? 1_555 88.4  ? 
35 O   ? A GLY 77  ? A GLY 176 ? 1_555 CA ? E CA . ? A CA 4 ? 1_555 OD2 ? A ASP 99  ? A ASP 198 ? 1_555 84.0  ? 
36 O   ? A GLY 79  ? A GLY 178 ? 1_555 CA ? E CA . ? A CA 4 ? 1_555 OD2 ? A ASP 99  ? A ASP 198 ? 1_555 174.4 ? 
37 O   ? A THR 81  ? A THR 180 ? 1_555 CA ? E CA . ? A CA 4 ? 1_555 OD2 ? A ASP 99  ? A ASP 198 ? 1_555 95.0  ? 
38 OD1 ? A ASP 76  ? A ASP 175 ? 1_555 CA ? E CA . ? A CA 4 ? 1_555 OE2 ? A GLU 102 ? A GLU 201 ? 1_555 175.9 ? 
39 O   ? A GLY 77  ? A GLY 176 ? 1_555 CA ? E CA . ? A CA 4 ? 1_555 OE2 ? A GLU 102 ? A GLU 201 ? 1_555 96.3  ? 
40 O   ? A GLY 79  ? A GLY 178 ? 1_555 CA ? E CA . ? A CA 4 ? 1_555 OE2 ? A GLU 102 ? A GLU 201 ? 1_555 87.9  ? 
41 O   ? A THR 81  ? A THR 180 ? 1_555 CA ? E CA . ? A CA 4 ? 1_555 OE2 ? A GLU 102 ? A GLU 201 ? 1_555 91.5  ? 
42 OD2 ? A ASP 99  ? A ASP 198 ? 1_555 CA ? E CA . ? A CA 4 ? 1_555 OE2 ? A GLU 102 ? A GLU 201 ? 1_555 95.7  ? 
# 
_struct_sheet.id               A 
_struct_sheet.type             ? 
_struct_sheet.number_strands   5 
_struct_sheet.details          ? 
# 
loop_
_struct_sheet_order.sheet_id 
_struct_sheet_order.range_id_1 
_struct_sheet_order.range_id_2 
_struct_sheet_order.offset 
_struct_sheet_order.sense 
A 1 2 ? parallel      
A 2 3 ? parallel      
A 3 4 ? parallel      
A 4 5 ? anti-parallel 
# 
loop_
_struct_sheet_range.sheet_id 
_struct_sheet_range.id 
_struct_sheet_range.beg_label_comp_id 
_struct_sheet_range.beg_label_asym_id 
_struct_sheet_range.beg_label_seq_id 
_struct_sheet_range.pdbx_beg_PDB_ins_code 
_struct_sheet_range.end_label_comp_id 
_struct_sheet_range.end_label_asym_id 
_struct_sheet_range.end_label_seq_id 
_struct_sheet_range.pdbx_end_PDB_ins_code 
_struct_sheet_range.beg_auth_comp_id 
_struct_sheet_range.beg_auth_asym_id 
_struct_sheet_range.beg_auth_seq_id 
_struct_sheet_range.end_auth_comp_id 
_struct_sheet_range.end_auth_asym_id 
_struct_sheet_range.end_auth_seq_id 
A 1 HIS A 49 ? LYS A 52 ? HIS A 148 LYS A 151 
A 2 VAL A 14 ? ILE A 19 ? VAL A 113 ILE A 118 
A 3 ILE A 60 ? PHE A 64 ? ILE A 159 PHE A 163 
A 4 ALA A 96 ? PHE A 98 ? ALA A 195 PHE A 197 
A 5 ALA A 83 ? ALA A 85 ? ALA A 182 ALA A 184 
# 
loop_
_pdbx_struct_sheet_hbond.sheet_id 
_pdbx_struct_sheet_hbond.range_id_1 
_pdbx_struct_sheet_hbond.range_id_2 
_pdbx_struct_sheet_hbond.range_1_label_atom_id 
_pdbx_struct_sheet_hbond.range_1_label_comp_id 
_pdbx_struct_sheet_hbond.range_1_label_asym_id 
_pdbx_struct_sheet_hbond.range_1_label_seq_id 
_pdbx_struct_sheet_hbond.range_1_PDB_ins_code 
_pdbx_struct_sheet_hbond.range_1_auth_atom_id 
_pdbx_struct_sheet_hbond.range_1_auth_comp_id 
_pdbx_struct_sheet_hbond.range_1_auth_asym_id 
_pdbx_struct_sheet_hbond.range_1_auth_seq_id 
_pdbx_struct_sheet_hbond.range_2_label_atom_id 
_pdbx_struct_sheet_hbond.range_2_label_comp_id 
_pdbx_struct_sheet_hbond.range_2_label_asym_id 
_pdbx_struct_sheet_hbond.range_2_label_seq_id 
_pdbx_struct_sheet_hbond.range_2_PDB_ins_code 
_pdbx_struct_sheet_hbond.range_2_auth_atom_id 
_pdbx_struct_sheet_hbond.range_2_auth_comp_id 
_pdbx_struct_sheet_hbond.range_2_auth_asym_id 
_pdbx_struct_sheet_hbond.range_2_auth_seq_id 
A 1 2 O HIS A 49 ? O HIS A 148 N VAL A 15 ? N VAL A 114 
A 2 3 O ARG A 18 ? O ARG A 117 N ILE A 60 ? N ILE A 159 
A 3 4 O GLY A 63 ? O GLY A 162 N ALA A 96 ? N ALA A 195 
A 4 5 O HIS A 97 ? O HIS A 196 N HIS A 84 ? N HIS A 183 
# 
loop_
_struct_site.id 
_struct_site.pdbx_evidence_code 
_struct_site.pdbx_auth_asym_id 
_struct_site.pdbx_auth_comp_id 
_struct_site.pdbx_auth_seq_id 
_struct_site.pdbx_auth_ins_code 
_struct_site.pdbx_num_residues 
_struct_site.details 
AC1 Software A ZN  1   ? 4  'BINDING SITE FOR RESIDUE ZN A 1'    
AC2 Software A ZN  2   ? 4  'BINDING SITE FOR RESIDUE ZN A 2'    
AC3 Software A CA  3   ? 6  'BINDING SITE FOR RESIDUE CA A 3'    
AC4 Software A CA  4   ? 6  'BINDING SITE FOR RESIDUE CA A 4'    
AC5 Software A SRS 269 ? 17 'BINDING SITE FOR RESIDUE SRS A 269' 
# 
loop_
_struct_site_gen.id 
_struct_site_gen.site_id 
_struct_site_gen.pdbx_num_res 
_struct_site_gen.label_comp_id 
_struct_site_gen.label_asym_id 
_struct_site_gen.label_seq_id 
_struct_site_gen.pdbx_auth_ins_code 
_struct_site_gen.auth_comp_id 
_struct_site_gen.auth_asym_id 
_struct_site_gen.auth_seq_id 
_struct_site_gen.label_atom_id 
_struct_site_gen.label_alt_id 
_struct_site_gen.symmetry 
_struct_site_gen.details 
1  AC1 4  HIS A 120 ? HIS A 218 . ? 1_555 ? 
2  AC1 4  HIS A 124 ? HIS A 222 . ? 1_555 ? 
3  AC1 4  HIS A 130 ? HIS A 228 . ? 1_555 ? 
4  AC1 4  SRS F .   ? SRS A 269 . ? 1_555 ? 
5  AC2 4  HIS A 69  ? HIS A 168 . ? 1_555 ? 
6  AC2 4  ASP A 71  ? ASP A 170 . ? 1_555 ? 
7  AC2 4  HIS A 84  ? HIS A 183 . ? 1_555 ? 
8  AC2 4  HIS A 97  ? HIS A 196 . ? 1_555 ? 
9  AC3 6  ASP A 59  ? ASP A 158 . ? 1_555 ? 
10 AC3 6  GLY A 91  ? GLY A 190 . ? 1_555 ? 
11 AC3 6  GLY A 93  ? GLY A 192 . ? 1_555 ? 
12 AC3 6  ASP A 95  ? ASP A 194 . ? 1_555 ? 
13 AC3 6  HOH G .   ? HOH A 272 . ? 1_555 ? 
14 AC3 6  HOH G .   ? HOH A 302 . ? 1_555 ? 
15 AC4 6  ASP A 76  ? ASP A 175 . ? 1_555 ? 
16 AC4 6  GLY A 77  ? GLY A 176 . ? 1_555 ? 
17 AC4 6  GLY A 79  ? GLY A 178 . ? 1_555 ? 
18 AC4 6  THR A 81  ? THR A 180 . ? 1_555 ? 
19 AC4 6  ASP A 99  ? ASP A 198 . ? 1_555 ? 
20 AC4 6  GLU A 102 ? GLU A 201 . ? 1_555 ? 
21 AC5 17 ZN  B .   ? ZN  A 1   . ? 1_555 ? 
22 AC5 17 VAL A 54  ? VAL A 153 . ? 3_754 ? 
23 AC5 17 ASN A 80  ? ASN A 179 . ? 1_555 ? 
24 AC5 17 THR A 81  ? THR A 180 . ? 1_555 ? 
25 AC5 17 LEU A 82  ? LEU A 181 . ? 1_555 ? 
26 AC5 17 ALA A 83  ? ALA A 182 . ? 1_555 ? 
27 AC5 17 HIS A 120 ? HIS A 218 . ? 1_555 ? 
28 AC5 17 GLU A 121 ? GLU A 219 . ? 1_555 ? 
29 AC5 17 HIS A 124 ? HIS A 222 . ? 1_555 ? 
30 AC5 17 HIS A 130 ? HIS A 228 . ? 1_555 ? 
31 AC5 17 PRO A 134 ? PRO A 232 . ? 4_646 ? 
32 AC5 17 ASN A 135 ? ASN A 233 . ? 4_646 ? 
33 AC5 17 PRO A 140 ? PRO A 238 . ? 1_555 ? 
34 AC5 17 THR A 141 ? THR A 239 . ? 1_555 ? 
35 AC5 17 TYR A 142 ? TYR A 240 . ? 1_555 ? 
36 AC5 17 HOH G .   ? HOH A 271 . ? 1_555 ? 
37 AC5 17 HOH G .   ? HOH A 276 . ? 1_555 ? 
# 
loop_
_pdbx_validate_rmsd_bond.id 
_pdbx_validate_rmsd_bond.PDB_model_num 
_pdbx_validate_rmsd_bond.auth_atom_id_1 
_pdbx_validate_rmsd_bond.auth_asym_id_1 
_pdbx_validate_rmsd_bond.auth_comp_id_1 
_pdbx_validate_rmsd_bond.auth_seq_id_1 
_pdbx_validate_rmsd_bond.PDB_ins_code_1 
_pdbx_validate_rmsd_bond.label_alt_id_1 
_pdbx_validate_rmsd_bond.auth_atom_id_2 
_pdbx_validate_rmsd_bond.auth_asym_id_2 
_pdbx_validate_rmsd_bond.auth_comp_id_2 
_pdbx_validate_rmsd_bond.auth_seq_id_2 
_pdbx_validate_rmsd_bond.PDB_ins_code_2 
_pdbx_validate_rmsd_bond.label_alt_id_2 
_pdbx_validate_rmsd_bond.bond_value 
_pdbx_validate_rmsd_bond.bond_target_value 
_pdbx_validate_rmsd_bond.bond_deviation 
_pdbx_validate_rmsd_bond.bond_standard_deviation 
_pdbx_validate_rmsd_bond.linker_flag 
1 1 NE2 A HIS 183 ? ? CD2 A HIS 183 ? ? 1.304 1.373 -0.069 0.011 N 
2 1 NE2 A HIS 218 ? ? CD2 A HIS 218 ? ? 1.302 1.373 -0.071 0.011 N 
3 1 NE2 A HIS 228 ? ? CD2 A HIS 228 ? ? 1.304 1.373 -0.069 0.011 N 
4 1 CA  A ASP 253 ? ? CB  A ASP 253 ? ? 1.360 1.535 -0.175 0.022 N 
# 
loop_
_pdbx_validate_rmsd_angle.id 
_pdbx_validate_rmsd_angle.PDB_model_num 
_pdbx_validate_rmsd_angle.auth_atom_id_1 
_pdbx_validate_rmsd_angle.auth_asym_id_1 
_pdbx_validate_rmsd_angle.auth_comp_id_1 
_pdbx_validate_rmsd_angle.auth_seq_id_1 
_pdbx_validate_rmsd_angle.PDB_ins_code_1 
_pdbx_validate_rmsd_angle.label_alt_id_1 
_pdbx_validate_rmsd_angle.auth_atom_id_2 
_pdbx_validate_rmsd_angle.auth_asym_id_2 
_pdbx_validate_rmsd_angle.auth_comp_id_2 
_pdbx_validate_rmsd_angle.auth_seq_id_2 
_pdbx_validate_rmsd_angle.PDB_ins_code_2 
_pdbx_validate_rmsd_angle.label_alt_id_2 
_pdbx_validate_rmsd_angle.auth_atom_id_3 
_pdbx_validate_rmsd_angle.auth_asym_id_3 
_pdbx_validate_rmsd_angle.auth_comp_id_3 
_pdbx_validate_rmsd_angle.auth_seq_id_3 
_pdbx_validate_rmsd_angle.PDB_ins_code_3 
_pdbx_validate_rmsd_angle.label_alt_id_3 
_pdbx_validate_rmsd_angle.angle_value 
_pdbx_validate_rmsd_angle.angle_target_value 
_pdbx_validate_rmsd_angle.angle_deviation 
_pdbx_validate_rmsd_angle.angle_standard_deviation 
_pdbx_validate_rmsd_angle.linker_flag 
1 1 NE  A ARG 117 ? ? CZ  A ARG 117 ? ? NH1 A ARG 117 ? ? 124.38 120.30 4.08   0.50 N 
2 1 NE  A ARG 117 ? ? CZ  A ARG 117 ? ? NH2 A ARG 117 ? ? 115.09 120.30 -5.21  0.50 N 
3 1 CA  A MET 140 ? ? CB  A MET 140 ? ? CG  A MET 140 ? ? 102.08 113.30 -11.22 1.70 N 
4 1 CB  A ASP 170 ? ? CG  A ASP 170 ? ? OD1 A ASP 170 ? ? 125.48 118.30 7.18   0.90 N 
5 1 CE1 A HIS 196 ? ? NE2 A HIS 196 ? ? CD2 A HIS 196 ? ? 113.56 109.00 4.56   0.70 N 
6 1 CB  A ARG 202 ? ? CG  A ARG 202 ? ? CD  A ARG 202 ? ? 127.48 111.60 15.88  2.60 N 
7 1 N   A ARG 265 ? ? CA  A ARG 265 ? ? C   A ARG 265 ? ? 79.07  111.00 -31.93 2.70 N 
# 
loop_
_pdbx_validate_torsion.id 
_pdbx_validate_torsion.PDB_model_num 
_pdbx_validate_torsion.auth_comp_id 
_pdbx_validate_torsion.auth_asym_id 
_pdbx_validate_torsion.auth_seq_id 
_pdbx_validate_torsion.PDB_ins_code 
_pdbx_validate_torsion.label_alt_id 
_pdbx_validate_torsion.phi 
_pdbx_validate_torsion.psi 
1 1 SER A 106 ? ? 28.92   61.23   
2 1 HIS A 168 ? ? -142.50 31.60   
3 1 ASN A 179 ? ? 55.21   -123.18 
# 
loop_
_pdbx_unobs_or_zero_occ_residues.id 
_pdbx_unobs_or_zero_occ_residues.PDB_model_num 
_pdbx_unobs_or_zero_occ_residues.polymer_flag 
_pdbx_unobs_or_zero_occ_residues.occupancy_flag 
_pdbx_unobs_or_zero_occ_residues.auth_asym_id 
_pdbx_unobs_or_zero_occ_residues.auth_comp_id 
_pdbx_unobs_or_zero_occ_residues.auth_seq_id 
_pdbx_unobs_or_zero_occ_residues.PDB_ins_code 
_pdbx_unobs_or_zero_occ_residues.label_asym_id 
_pdbx_unobs_or_zero_occ_residues.label_comp_id 
_pdbx_unobs_or_zero_occ_residues.label_seq_id 
1 1 Y 1 A SER 266 ? A SER 168 
2 1 Y 1 A ASN 267 ? A ASN 169 
3 1 Y 1 A SER 268 ? A SER 170 
# 
loop_
_chem_comp_atom.comp_id 
_chem_comp_atom.atom_id 
_chem_comp_atom.type_symbol 
_chem_comp_atom.pdbx_aromatic_flag 
_chem_comp_atom.pdbx_stereo_config 
_chem_comp_atom.pdbx_ordinal 
ALA N    N  N N 1   
ALA CA   C  N S 2   
ALA C    C  N N 3   
ALA O    O  N N 4   
ALA CB   C  N N 5   
ALA OXT  O  N N 6   
ALA H    H  N N 7   
ALA H2   H  N N 8   
ALA HA   H  N N 9   
ALA HB1  H  N N 10  
ALA HB2  H  N N 11  
ALA HB3  H  N N 12  
ALA HXT  H  N N 13  
ARG N    N  N N 14  
ARG CA   C  N S 15  
ARG C    C  N N 16  
ARG O    O  N N 17  
ARG CB   C  N N 18  
ARG CG   C  N N 19  
ARG CD   C  N N 20  
ARG NE   N  N N 21  
ARG CZ   C  N N 22  
ARG NH1  N  N N 23  
ARG NH2  N  N N 24  
ARG OXT  O  N N 25  
ARG H    H  N N 26  
ARG H2   H  N N 27  
ARG HA   H  N N 28  
ARG HB2  H  N N 29  
ARG HB3  H  N N 30  
ARG HG2  H  N N 31  
ARG HG3  H  N N 32  
ARG HD2  H  N N 33  
ARG HD3  H  N N 34  
ARG HE   H  N N 35  
ARG HH11 H  N N 36  
ARG HH12 H  N N 37  
ARG HH21 H  N N 38  
ARG HH22 H  N N 39  
ARG HXT  H  N N 40  
ASN N    N  N N 41  
ASN CA   C  N S 42  
ASN C    C  N N 43  
ASN O    O  N N 44  
ASN CB   C  N N 45  
ASN CG   C  N N 46  
ASN OD1  O  N N 47  
ASN ND2  N  N N 48  
ASN OXT  O  N N 49  
ASN H    H  N N 50  
ASN H2   H  N N 51  
ASN HA   H  N N 52  
ASN HB2  H  N N 53  
ASN HB3  H  N N 54  
ASN HD21 H  N N 55  
ASN HD22 H  N N 56  
ASN HXT  H  N N 57  
ASP N    N  N N 58  
ASP CA   C  N S 59  
ASP C    C  N N 60  
ASP O    O  N N 61  
ASP CB   C  N N 62  
ASP CG   C  N N 63  
ASP OD1  O  N N 64  
ASP OD2  O  N N 65  
ASP OXT  O  N N 66  
ASP H    H  N N 67  
ASP H2   H  N N 68  
ASP HA   H  N N 69  
ASP HB2  H  N N 70  
ASP HB3  H  N N 71  
ASP HD2  H  N N 72  
ASP HXT  H  N N 73  
CA  CA   CA N N 74  
GLN N    N  N N 75  
GLN CA   C  N S 76  
GLN C    C  N N 77  
GLN O    O  N N 78  
GLN CB   C  N N 79  
GLN CG   C  N N 80  
GLN CD   C  N N 81  
GLN OE1  O  N N 82  
GLN NE2  N  N N 83  
GLN OXT  O  N N 84  
GLN H    H  N N 85  
GLN H2   H  N N 86  
GLN HA   H  N N 87  
GLN HB2  H  N N 88  
GLN HB3  H  N N 89  
GLN HG2  H  N N 90  
GLN HG3  H  N N 91  
GLN HE21 H  N N 92  
GLN HE22 H  N N 93  
GLN HXT  H  N N 94  
GLU N    N  N N 95  
GLU CA   C  N S 96  
GLU C    C  N N 97  
GLU O    O  N N 98  
GLU CB   C  N N 99  
GLU CG   C  N N 100 
GLU CD   C  N N 101 
GLU OE1  O  N N 102 
GLU OE2  O  N N 103 
GLU OXT  O  N N 104 
GLU H    H  N N 105 
GLU H2   H  N N 106 
GLU HA   H  N N 107 
GLU HB2  H  N N 108 
GLU HB3  H  N N 109 
GLU HG2  H  N N 110 
GLU HG3  H  N N 111 
GLU HE2  H  N N 112 
GLU HXT  H  N N 113 
GLY N    N  N N 114 
GLY CA   C  N N 115 
GLY C    C  N N 116 
GLY O    O  N N 117 
GLY OXT  O  N N 118 
GLY H    H  N N 119 
GLY H2   H  N N 120 
GLY HA2  H  N N 121 
GLY HA3  H  N N 122 
GLY HXT  H  N N 123 
HIS N    N  N N 124 
HIS CA   C  N S 125 
HIS C    C  N N 126 
HIS O    O  N N 127 
HIS CB   C  N N 128 
HIS CG   C  Y N 129 
HIS ND1  N  Y N 130 
HIS CD2  C  Y N 131 
HIS CE1  C  Y N 132 
HIS NE2  N  Y N 133 
HIS OXT  O  N N 134 
HIS H    H  N N 135 
HIS H2   H  N N 136 
HIS HA   H  N N 137 
HIS HB2  H  N N 138 
HIS HB3  H  N N 139 
HIS HD1  H  N N 140 
HIS HD2  H  N N 141 
HIS HE1  H  N N 142 
HIS HE2  H  N N 143 
HIS HXT  H  N N 144 
HOH O    O  N N 145 
HOH H1   H  N N 146 
HOH H2   H  N N 147 
ILE N    N  N N 148 
ILE CA   C  N S 149 
ILE C    C  N N 150 
ILE O    O  N N 151 
ILE CB   C  N S 152 
ILE CG1  C  N N 153 
ILE CG2  C  N N 154 
ILE CD1  C  N N 155 
ILE OXT  O  N N 156 
ILE H    H  N N 157 
ILE H2   H  N N 158 
ILE HA   H  N N 159 
ILE HB   H  N N 160 
ILE HG12 H  N N 161 
ILE HG13 H  N N 162 
ILE HG21 H  N N 163 
ILE HG22 H  N N 164 
ILE HG23 H  N N 165 
ILE HD11 H  N N 166 
ILE HD12 H  N N 167 
ILE HD13 H  N N 168 
ILE HXT  H  N N 169 
LEU N    N  N N 170 
LEU CA   C  N S 171 
LEU C    C  N N 172 
LEU O    O  N N 173 
LEU CB   C  N N 174 
LEU CG   C  N N 175 
LEU CD1  C  N N 176 
LEU CD2  C  N N 177 
LEU OXT  O  N N 178 
LEU H    H  N N 179 
LEU H2   H  N N 180 
LEU HA   H  N N 181 
LEU HB2  H  N N 182 
LEU HB3  H  N N 183 
LEU HG   H  N N 184 
LEU HD11 H  N N 185 
LEU HD12 H  N N 186 
LEU HD13 H  N N 187 
LEU HD21 H  N N 188 
LEU HD22 H  N N 189 
LEU HD23 H  N N 190 
LEU HXT  H  N N 191 
LYS N    N  N N 192 
LYS CA   C  N S 193 
LYS C    C  N N 194 
LYS O    O  N N 195 
LYS CB   C  N N 196 
LYS CG   C  N N 197 
LYS CD   C  N N 198 
LYS CE   C  N N 199 
LYS NZ   N  N N 200 
LYS OXT  O  N N 201 
LYS H    H  N N 202 
LYS H2   H  N N 203 
LYS HA   H  N N 204 
LYS HB2  H  N N 205 
LYS HB3  H  N N 206 
LYS HG2  H  N N 207 
LYS HG3  H  N N 208 
LYS HD2  H  N N 209 
LYS HD3  H  N N 210 
LYS HE2  H  N N 211 
LYS HE3  H  N N 212 
LYS HZ1  H  N N 213 
LYS HZ2  H  N N 214 
LYS HZ3  H  N N 215 
LYS HXT  H  N N 216 
MET N    N  N N 217 
MET CA   C  N S 218 
MET C    C  N N 219 
MET O    O  N N 220 
MET CB   C  N N 221 
MET CG   C  N N 222 
MET SD   S  N N 223 
MET CE   C  N N 224 
MET OXT  O  N N 225 
MET H    H  N N 226 
MET H2   H  N N 227 
MET HA   H  N N 228 
MET HB2  H  N N 229 
MET HB3  H  N N 230 
MET HG2  H  N N 231 
MET HG3  H  N N 232 
MET HE1  H  N N 233 
MET HE2  H  N N 234 
MET HE3  H  N N 235 
MET HXT  H  N N 236 
PHE N    N  N N 237 
PHE CA   C  N S 238 
PHE C    C  N N 239 
PHE O    O  N N 240 
PHE CB   C  N N 241 
PHE CG   C  Y N 242 
PHE CD1  C  Y N 243 
PHE CD2  C  Y N 244 
PHE CE1  C  Y N 245 
PHE CE2  C  Y N 246 
PHE CZ   C  Y N 247 
PHE OXT  O  N N 248 
PHE H    H  N N 249 
PHE H2   H  N N 250 
PHE HA   H  N N 251 
PHE HB2  H  N N 252 
PHE HB3  H  N N 253 
PHE HD1  H  N N 254 
PHE HD2  H  N N 255 
PHE HE1  H  N N 256 
PHE HE2  H  N N 257 
PHE HZ   H  N N 258 
PHE HXT  H  N N 259 
PRO N    N  N N 260 
PRO CA   C  N S 261 
PRO C    C  N N 262 
PRO O    O  N N 263 
PRO CB   C  N N 264 
PRO CG   C  N N 265 
PRO CD   C  N N 266 
PRO OXT  O  N N 267 
PRO H    H  N N 268 
PRO HA   H  N N 269 
PRO HB2  H  N N 270 
PRO HB3  H  N N 271 
PRO HG2  H  N N 272 
PRO HG3  H  N N 273 
PRO HD2  H  N N 274 
PRO HD3  H  N N 275 
PRO HXT  H  N N 276 
SER N    N  N N 277 
SER CA   C  N S 278 
SER C    C  N N 279 
SER O    O  N N 280 
SER CB   C  N N 281 
SER OG   O  N N 282 
SER OXT  O  N N 283 
SER H    H  N N 284 
SER H2   H  N N 285 
SER HA   H  N N 286 
SER HB2  H  N N 287 
SER HB3  H  N N 288 
SER HG   H  N N 289 
SER HXT  H  N N 290 
SRS S1   S  N N 291 
SRS N5   N  N N 292 
SRS N6   N  N N 293 
SRS C2   C  N N 294 
SRS C3   C  N S 295 
SRS C4   C  N N 296 
SRS O3   O  N N 297 
SRS N2   N  N N 298 
SRS C5   C  N S 299 
SRS C6   C  N N 300 
SRS O4   O  N N 301 
SRS N3   N  N N 302 
SRS C7   C  N N 303 
SRS C8   C  N N 304 
SRS C9   C  N N 305 
SRS C10  C  N N 306 
SRS C11  C  N N 307 
SRS C12  C  N N 308 
SRS N4   N  Y N 309 
SRS C13  C  N N 310 
SRS C14  C  N N 311 
SRS C15  C  N N 312 
SRS C16  C  N N 313 
SRS C17  C  N N 314 
SRS C18  C  Y N 315 
SRS C19  C  Y N 316 
SRS C20  C  Y N 317 
SRS C21  C  Y N 318 
SRS C22  C  Y N 319 
SRS C23  C  Y N 320 
SRS C24  C  Y N 321 
SRS C25  C  Y N 322 
SRS C26  C  N N 323 
SRS HN5  H  N N 324 
SRS HN6  H  N N 325 
SRS H21  H  N N 326 
SRS H22A H  N N 327 
SRS H3   H  N N 328 
SRS HN2  H  N N 329 
SRS H5   H  N N 330 
SRS HN3  H  N N 331 
SRS H71  H  N N 332 
SRS H72  H  N N 333 
SRS H81  H  N N 334 
SRS H82  H  N N 335 
SRS H91  H  N N 336 
SRS H92  H  N N 337 
SRS H101 H  N N 338 
SRS H102 H  N N 339 
SRS H111 H  N N 340 
SRS H112 H  N N 341 
SRS H121 H  N N 342 
SRS H122 H  N N 343 
SRS H131 H  N N 344 
SRS H132 H  N N 345 
SRS H14  H  N N 346 
SRS H151 H  N N 347 
SRS H152 H  N N 348 
SRS H153 H  N N 349 
SRS H161 H  N N 350 
SRS H162 H  N N 351 
SRS H163 H  N N 352 
SRS H171 H  N N 353 
SRS H172 H  N N 354 
SRS H19  H  N N 355 
SRS H22  H  N N 356 
SRS H23  H  N N 357 
SRS H24  H  N N 358 
SRS H25  H  N N 359 
SRS H261 H  N N 360 
SRS H262 H  N N 361 
SRS H263 H  N N 362 
THR N    N  N N 363 
THR CA   C  N S 364 
THR C    C  N N 365 
THR O    O  N N 366 
THR CB   C  N R 367 
THR OG1  O  N N 368 
THR CG2  C  N N 369 
THR OXT  O  N N 370 
THR H    H  N N 371 
THR H2   H  N N 372 
THR HA   H  N N 373 
THR HB   H  N N 374 
THR HG1  H  N N 375 
THR HG21 H  N N 376 
THR HG22 H  N N 377 
THR HG23 H  N N 378 
THR HXT  H  N N 379 
TRP N    N  N N 380 
TRP CA   C  N S 381 
TRP C    C  N N 382 
TRP O    O  N N 383 
TRP CB   C  N N 384 
TRP CG   C  Y N 385 
TRP CD1  C  Y N 386 
TRP CD2  C  Y N 387 
TRP NE1  N  Y N 388 
TRP CE2  C  Y N 389 
TRP CE3  C  Y N 390 
TRP CZ2  C  Y N 391 
TRP CZ3  C  Y N 392 
TRP CH2  C  Y N 393 
TRP OXT  O  N N 394 
TRP H    H  N N 395 
TRP H2   H  N N 396 
TRP HA   H  N N 397 
TRP HB2  H  N N 398 
TRP HB3  H  N N 399 
TRP HD1  H  N N 400 
TRP HE1  H  N N 401 
TRP HE3  H  N N 402 
TRP HZ2  H  N N 403 
TRP HZ3  H  N N 404 
TRP HH2  H  N N 405 
TRP HXT  H  N N 406 
TYR N    N  N N 407 
TYR CA   C  N S 408 
TYR C    C  N N 409 
TYR O    O  N N 410 
TYR CB   C  N N 411 
TYR CG   C  Y N 412 
TYR CD1  C  Y N 413 
TYR CD2  C  Y N 414 
TYR CE1  C  Y N 415 
TYR CE2  C  Y N 416 
TYR CZ   C  Y N 417 
TYR OH   O  N N 418 
TYR OXT  O  N N 419 
TYR H    H  N N 420 
TYR H2   H  N N 421 
TYR HA   H  N N 422 
TYR HB2  H  N N 423 
TYR HB3  H  N N 424 
TYR HD1  H  N N 425 
TYR HD2  H  N N 426 
TYR HE1  H  N N 427 
TYR HE2  H  N N 428 
TYR HH   H  N N 429 
TYR HXT  H  N N 430 
VAL N    N  N N 431 
VAL CA   C  N S 432 
VAL C    C  N N 433 
VAL O    O  N N 434 
VAL CB   C  N N 435 
VAL CG1  C  N N 436 
VAL CG2  C  N N 437 
VAL OXT  O  N N 438 
VAL H    H  N N 439 
VAL H2   H  N N 440 
VAL HA   H  N N 441 
VAL HB   H  N N 442 
VAL HG11 H  N N 443 
VAL HG12 H  N N 444 
VAL HG13 H  N N 445 
VAL HG21 H  N N 446 
VAL HG22 H  N N 447 
VAL HG23 H  N N 448 
VAL HXT  H  N N 449 
ZN  ZN   ZN N N 450 
# 
loop_
_chem_comp_bond.comp_id 
_chem_comp_bond.atom_id_1 
_chem_comp_bond.atom_id_2 
_chem_comp_bond.value_order 
_chem_comp_bond.pdbx_aromatic_flag 
_chem_comp_bond.pdbx_stereo_config 
_chem_comp_bond.pdbx_ordinal 
ALA N   CA   sing N N 1   
ALA N   H    sing N N 2   
ALA N   H2   sing N N 3   
ALA CA  C    sing N N 4   
ALA CA  CB   sing N N 5   
ALA CA  HA   sing N N 6   
ALA C   O    doub N N 7   
ALA C   OXT  sing N N 8   
ALA CB  HB1  sing N N 9   
ALA CB  HB2  sing N N 10  
ALA CB  HB3  sing N N 11  
ALA OXT HXT  sing N N 12  
ARG N   CA   sing N N 13  
ARG N   H    sing N N 14  
ARG N   H2   sing N N 15  
ARG CA  C    sing N N 16  
ARG CA  CB   sing N N 17  
ARG CA  HA   sing N N 18  
ARG C   O    doub N N 19  
ARG C   OXT  sing N N 20  
ARG CB  CG   sing N N 21  
ARG CB  HB2  sing N N 22  
ARG CB  HB3  sing N N 23  
ARG CG  CD   sing N N 24  
ARG CG  HG2  sing N N 25  
ARG CG  HG3  sing N N 26  
ARG CD  NE   sing N N 27  
ARG CD  HD2  sing N N 28  
ARG CD  HD3  sing N N 29  
ARG NE  CZ   sing N N 30  
ARG NE  HE   sing N N 31  
ARG CZ  NH1  sing N N 32  
ARG CZ  NH2  doub N N 33  
ARG NH1 HH11 sing N N 34  
ARG NH1 HH12 sing N N 35  
ARG NH2 HH21 sing N N 36  
ARG NH2 HH22 sing N N 37  
ARG OXT HXT  sing N N 38  
ASN N   CA   sing N N 39  
ASN N   H    sing N N 40  
ASN N   H2   sing N N 41  
ASN CA  C    sing N N 42  
ASN CA  CB   sing N N 43  
ASN CA  HA   sing N N 44  
ASN C   O    doub N N 45  
ASN C   OXT  sing N N 46  
ASN CB  CG   sing N N 47  
ASN CB  HB2  sing N N 48  
ASN CB  HB3  sing N N 49  
ASN CG  OD1  doub N N 50  
ASN CG  ND2  sing N N 51  
ASN ND2 HD21 sing N N 52  
ASN ND2 HD22 sing N N 53  
ASN OXT HXT  sing N N 54  
ASP N   CA   sing N N 55  
ASP N   H    sing N N 56  
ASP N   H2   sing N N 57  
ASP CA  C    sing N N 58  
ASP CA  CB   sing N N 59  
ASP CA  HA   sing N N 60  
ASP C   O    doub N N 61  
ASP C   OXT  sing N N 62  
ASP CB  CG   sing N N 63  
ASP CB  HB2  sing N N 64  
ASP CB  HB3  sing N N 65  
ASP CG  OD1  doub N N 66  
ASP CG  OD2  sing N N 67  
ASP OD2 HD2  sing N N 68  
ASP OXT HXT  sing N N 69  
GLN N   CA   sing N N 70  
GLN N   H    sing N N 71  
GLN N   H2   sing N N 72  
GLN CA  C    sing N N 73  
GLN CA  CB   sing N N 74  
GLN CA  HA   sing N N 75  
GLN C   O    doub N N 76  
GLN C   OXT  sing N N 77  
GLN CB  CG   sing N N 78  
GLN CB  HB2  sing N N 79  
GLN CB  HB3  sing N N 80  
GLN CG  CD   sing N N 81  
GLN CG  HG2  sing N N 82  
GLN CG  HG3  sing N N 83  
GLN CD  OE1  doub N N 84  
GLN CD  NE2  sing N N 85  
GLN NE2 HE21 sing N N 86  
GLN NE2 HE22 sing N N 87  
GLN OXT HXT  sing N N 88  
GLU N   CA   sing N N 89  
GLU N   H    sing N N 90  
GLU N   H2   sing N N 91  
GLU CA  C    sing N N 92  
GLU CA  CB   sing N N 93  
GLU CA  HA   sing N N 94  
GLU C   O    doub N N 95  
GLU C   OXT  sing N N 96  
GLU CB  CG   sing N N 97  
GLU CB  HB2  sing N N 98  
GLU CB  HB3  sing N N 99  
GLU CG  CD   sing N N 100 
GLU CG  HG2  sing N N 101 
GLU CG  HG3  sing N N 102 
GLU CD  OE1  doub N N 103 
GLU CD  OE2  sing N N 104 
GLU OE2 HE2  sing N N 105 
GLU OXT HXT  sing N N 106 
GLY N   CA   sing N N 107 
GLY N   H    sing N N 108 
GLY N   H2   sing N N 109 
GLY CA  C    sing N N 110 
GLY CA  HA2  sing N N 111 
GLY CA  HA3  sing N N 112 
GLY C   O    doub N N 113 
GLY C   OXT  sing N N 114 
GLY OXT HXT  sing N N 115 
HIS N   CA   sing N N 116 
HIS N   H    sing N N 117 
HIS N   H2   sing N N 118 
HIS CA  C    sing N N 119 
HIS CA  CB   sing N N 120 
HIS CA  HA   sing N N 121 
HIS C   O    doub N N 122 
HIS C   OXT  sing N N 123 
HIS CB  CG   sing N N 124 
HIS CB  HB2  sing N N 125 
HIS CB  HB3  sing N N 126 
HIS CG  ND1  sing Y N 127 
HIS CG  CD2  doub Y N 128 
HIS ND1 CE1  doub Y N 129 
HIS ND1 HD1  sing N N 130 
HIS CD2 NE2  sing Y N 131 
HIS CD2 HD2  sing N N 132 
HIS CE1 NE2  sing Y N 133 
HIS CE1 HE1  sing N N 134 
HIS NE2 HE2  sing N N 135 
HIS OXT HXT  sing N N 136 
HOH O   H1   sing N N 137 
HOH O   H2   sing N N 138 
ILE N   CA   sing N N 139 
ILE N   H    sing N N 140 
ILE N   H2   sing N N 141 
ILE CA  C    sing N N 142 
ILE CA  CB   sing N N 143 
ILE CA  HA   sing N N 144 
ILE C   O    doub N N 145 
ILE C   OXT  sing N N 146 
ILE CB  CG1  sing N N 147 
ILE CB  CG2  sing N N 148 
ILE CB  HB   sing N N 149 
ILE CG1 CD1  sing N N 150 
ILE CG1 HG12 sing N N 151 
ILE CG1 HG13 sing N N 152 
ILE CG2 HG21 sing N N 153 
ILE CG2 HG22 sing N N 154 
ILE CG2 HG23 sing N N 155 
ILE CD1 HD11 sing N N 156 
ILE CD1 HD12 sing N N 157 
ILE CD1 HD13 sing N N 158 
ILE OXT HXT  sing N N 159 
LEU N   CA   sing N N 160 
LEU N   H    sing N N 161 
LEU N   H2   sing N N 162 
LEU CA  C    sing N N 163 
LEU CA  CB   sing N N 164 
LEU CA  HA   sing N N 165 
LEU C   O    doub N N 166 
LEU C   OXT  sing N N 167 
LEU CB  CG   sing N N 168 
LEU CB  HB2  sing N N 169 
LEU CB  HB3  sing N N 170 
LEU CG  CD1  sing N N 171 
LEU CG  CD2  sing N N 172 
LEU CG  HG   sing N N 173 
LEU CD1 HD11 sing N N 174 
LEU CD1 HD12 sing N N 175 
LEU CD1 HD13 sing N N 176 
LEU CD2 HD21 sing N N 177 
LEU CD2 HD22 sing N N 178 
LEU CD2 HD23 sing N N 179 
LEU OXT HXT  sing N N 180 
LYS N   CA   sing N N 181 
LYS N   H    sing N N 182 
LYS N   H2   sing N N 183 
LYS CA  C    sing N N 184 
LYS CA  CB   sing N N 185 
LYS CA  HA   sing N N 186 
LYS C   O    doub N N 187 
LYS C   OXT  sing N N 188 
LYS CB  CG   sing N N 189 
LYS CB  HB2  sing N N 190 
LYS CB  HB3  sing N N 191 
LYS CG  CD   sing N N 192 
LYS CG  HG2  sing N N 193 
LYS CG  HG3  sing N N 194 
LYS CD  CE   sing N N 195 
LYS CD  HD2  sing N N 196 
LYS CD  HD3  sing N N 197 
LYS CE  NZ   sing N N 198 
LYS CE  HE2  sing N N 199 
LYS CE  HE3  sing N N 200 
LYS NZ  HZ1  sing N N 201 
LYS NZ  HZ2  sing N N 202 
LYS NZ  HZ3  sing N N 203 
LYS OXT HXT  sing N N 204 
MET N   CA   sing N N 205 
MET N   H    sing N N 206 
MET N   H2   sing N N 207 
MET CA  C    sing N N 208 
MET CA  CB   sing N N 209 
MET CA  HA   sing N N 210 
MET C   O    doub N N 211 
MET C   OXT  sing N N 212 
MET CB  CG   sing N N 213 
MET CB  HB2  sing N N 214 
MET CB  HB3  sing N N 215 
MET CG  SD   sing N N 216 
MET CG  HG2  sing N N 217 
MET CG  HG3  sing N N 218 
MET SD  CE   sing N N 219 
MET CE  HE1  sing N N 220 
MET CE  HE2  sing N N 221 
MET CE  HE3  sing N N 222 
MET OXT HXT  sing N N 223 
PHE N   CA   sing N N 224 
PHE N   H    sing N N 225 
PHE N   H2   sing N N 226 
PHE CA  C    sing N N 227 
PHE CA  CB   sing N N 228 
PHE CA  HA   sing N N 229 
PHE C   O    doub N N 230 
PHE C   OXT  sing N N 231 
PHE CB  CG   sing N N 232 
PHE CB  HB2  sing N N 233 
PHE CB  HB3  sing N N 234 
PHE CG  CD1  doub Y N 235 
PHE CG  CD2  sing Y N 236 
PHE CD1 CE1  sing Y N 237 
PHE CD1 HD1  sing N N 238 
PHE CD2 CE2  doub Y N 239 
PHE CD2 HD2  sing N N 240 
PHE CE1 CZ   doub Y N 241 
PHE CE1 HE1  sing N N 242 
PHE CE2 CZ   sing Y N 243 
PHE CE2 HE2  sing N N 244 
PHE CZ  HZ   sing N N 245 
PHE OXT HXT  sing N N 246 
PRO N   CA   sing N N 247 
PRO N   CD   sing N N 248 
PRO N   H    sing N N 249 
PRO CA  C    sing N N 250 
PRO CA  CB   sing N N 251 
PRO CA  HA   sing N N 252 
PRO C   O    doub N N 253 
PRO C   OXT  sing N N 254 
PRO CB  CG   sing N N 255 
PRO CB  HB2  sing N N 256 
PRO CB  HB3  sing N N 257 
PRO CG  CD   sing N N 258 
PRO CG  HG2  sing N N 259 
PRO CG  HG3  sing N N 260 
PRO CD  HD2  sing N N 261 
PRO CD  HD3  sing N N 262 
PRO OXT HXT  sing N N 263 
SER N   CA   sing N N 264 
SER N   H    sing N N 265 
SER N   H2   sing N N 266 
SER CA  C    sing N N 267 
SER CA  CB   sing N N 268 
SER CA  HA   sing N N 269 
SER C   O    doub N N 270 
SER C   OXT  sing N N 271 
SER CB  OG   sing N N 272 
SER CB  HB2  sing N N 273 
SER CB  HB3  sing N N 274 
SER OG  HG   sing N N 275 
SER OXT HXT  sing N N 276 
SRS S1  N5   doub N N 277 
SRS S1  N6   doub N N 278 
SRS S1  C2   sing N N 279 
SRS S1  C26  sing N N 280 
SRS N5  HN5  sing N N 281 
SRS N6  HN6  sing N N 282 
SRS C2  C3   sing N N 283 
SRS C2  H21  sing N N 284 
SRS C2  H22A sing N N 285 
SRS C3  C4   sing N N 286 
SRS C3  C13  sing N N 287 
SRS C3  H3   sing N N 288 
SRS C4  O3   doub N N 289 
SRS C4  N2   sing N N 290 
SRS N2  C5   sing N N 291 
SRS N2  HN2  sing N N 292 
SRS C5  C6   sing N N 293 
SRS C5  C17  sing N N 294 
SRS C5  H5   sing N N 295 
SRS C6  O4   doub N N 296 
SRS C6  N3   sing N N 297 
SRS N3  C7   sing N N 298 
SRS N3  HN3  sing N N 299 
SRS C7  C8   sing N N 300 
SRS C7  H71  sing N N 301 
SRS C7  H72  sing N N 302 
SRS C8  C9   sing N N 303 
SRS C8  H81  sing N N 304 
SRS C8  H82  sing N N 305 
SRS C9  C10  sing N N 306 
SRS C9  H91  sing N N 307 
SRS C9  H92  sing N N 308 
SRS C10 C11  sing N N 309 
SRS C10 H101 sing N N 310 
SRS C10 H102 sing N N 311 
SRS C11 C12  sing N N 312 
SRS C11 H111 sing N N 313 
SRS C11 H112 sing N N 314 
SRS C12 N4   sing N N 315 
SRS C12 H121 sing N N 316 
SRS C12 H122 sing N N 317 
SRS N4  C19  sing Y N 318 
SRS N4  C21  sing Y N 319 
SRS C13 C14  sing N N 320 
SRS C13 H131 sing N N 321 
SRS C13 H132 sing N N 322 
SRS C14 C15  sing N N 323 
SRS C14 C16  sing N N 324 
SRS C14 H14  sing N N 325 
SRS C15 H151 sing N N 326 
SRS C15 H152 sing N N 327 
SRS C15 H153 sing N N 328 
SRS C16 H161 sing N N 329 
SRS C16 H162 sing N N 330 
SRS C16 H163 sing N N 331 
SRS C17 C18  sing N N 332 
SRS C17 H171 sing N N 333 
SRS C17 H172 sing N N 334 
SRS C18 C19  doub Y N 335 
SRS C18 C20  sing Y N 336 
SRS C19 H19  sing N N 337 
SRS C20 C21  doub Y N 338 
SRS C20 C22  sing Y N 339 
SRS C21 C23  sing Y N 340 
SRS C22 C24  doub Y N 341 
SRS C22 H22  sing N N 342 
SRS C23 C25  doub Y N 343 
SRS C23 H23  sing N N 344 
SRS C24 C25  sing Y N 345 
SRS C24 H24  sing N N 346 
SRS C25 H25  sing N N 347 
SRS C26 H261 sing N N 348 
SRS C26 H262 sing N N 349 
SRS C26 H263 sing N N 350 
THR N   CA   sing N N 351 
THR N   H    sing N N 352 
THR N   H2   sing N N 353 
THR CA  C    sing N N 354 
THR CA  CB   sing N N 355 
THR CA  HA   sing N N 356 
THR C   O    doub N N 357 
THR C   OXT  sing N N 358 
THR CB  OG1  sing N N 359 
THR CB  CG2  sing N N 360 
THR CB  HB   sing N N 361 
THR OG1 HG1  sing N N 362 
THR CG2 HG21 sing N N 363 
THR CG2 HG22 sing N N 364 
THR CG2 HG23 sing N N 365 
THR OXT HXT  sing N N 366 
TRP N   CA   sing N N 367 
TRP N   H    sing N N 368 
TRP N   H2   sing N N 369 
TRP CA  C    sing N N 370 
TRP CA  CB   sing N N 371 
TRP CA  HA   sing N N 372 
TRP C   O    doub N N 373 
TRP C   OXT  sing N N 374 
TRP CB  CG   sing N N 375 
TRP CB  HB2  sing N N 376 
TRP CB  HB3  sing N N 377 
TRP CG  CD1  doub Y N 378 
TRP CG  CD2  sing Y N 379 
TRP CD1 NE1  sing Y N 380 
TRP CD1 HD1  sing N N 381 
TRP CD2 CE2  doub Y N 382 
TRP CD2 CE3  sing Y N 383 
TRP NE1 CE2  sing Y N 384 
TRP NE1 HE1  sing N N 385 
TRP CE2 CZ2  sing Y N 386 
TRP CE3 CZ3  doub Y N 387 
TRP CE3 HE3  sing N N 388 
TRP CZ2 CH2  doub Y N 389 
TRP CZ2 HZ2  sing N N 390 
TRP CZ3 CH2  sing Y N 391 
TRP CZ3 HZ3  sing N N 392 
TRP CH2 HH2  sing N N 393 
TRP OXT HXT  sing N N 394 
TYR N   CA   sing N N 395 
TYR N   H    sing N N 396 
TYR N   H2   sing N N 397 
TYR CA  C    sing N N 398 
TYR CA  CB   sing N N 399 
TYR CA  HA   sing N N 400 
TYR C   O    doub N N 401 
TYR C   OXT  sing N N 402 
TYR CB  CG   sing N N 403 
TYR CB  HB2  sing N N 404 
TYR CB  HB3  sing N N 405 
TYR CG  CD1  doub Y N 406 
TYR CG  CD2  sing Y N 407 
TYR CD1 CE1  sing Y N 408 
TYR CD1 HD1  sing N N 409 
TYR CD2 CE2  doub Y N 410 
TYR CD2 HD2  sing N N 411 
TYR CE1 CZ   doub Y N 412 
TYR CE1 HE1  sing N N 413 
TYR CE2 CZ   sing Y N 414 
TYR CE2 HE2  sing N N 415 
TYR CZ  OH   sing N N 416 
TYR OH  HH   sing N N 417 
TYR OXT HXT  sing N N 418 
VAL N   CA   sing N N 419 
VAL N   H    sing N N 420 
VAL N   H2   sing N N 421 
VAL CA  C    sing N N 422 
VAL CA  CB   sing N N 423 
VAL CA  HA   sing N N 424 
VAL C   O    doub N N 425 
VAL C   OXT  sing N N 426 
VAL CB  CG1  sing N N 427 
VAL CB  CG2  sing N N 428 
VAL CB  HB   sing N N 429 
VAL CG1 HG11 sing N N 430 
VAL CG1 HG12 sing N N 431 
VAL CG1 HG13 sing N N 432 
VAL CG2 HG21 sing N N 433 
VAL CG2 HG22 sing N N 434 
VAL CG2 HG23 sing N N 435 
VAL OXT HXT  sing N N 436 
# 
_atom_sites.entry_id                    1MMR 
_atom_sites.fract_transf_matrix[1][1]   -0.00961215 
_atom_sites.fract_transf_matrix[1][2]   -0.01568749 
_atom_sites.fract_transf_matrix[1][3]   0.00269256 
_atom_sites.fract_transf_matrix[2][1]   0.00720148 
_atom_sites.fract_transf_matrix[2][2]   -0.01632825 
_atom_sites.fract_transf_matrix[2][3]   -0.00522148 
_atom_sites.fract_transf_matrix[3][1]   0.00481025 
_atom_sites.fract_transf_matrix[3][2]   -0.00117696 
_atom_sites.fract_transf_matrix[3][3]   0.01031482 
_atom_sites.fract_transf_vector[1]      0.408181 
_atom_sites.fract_transf_vector[2]      -0.746052 
_atom_sites.fract_transf_vector[3]      0.681346 
# 
loop_
_atom_type.symbol 
C  
CA 
N  
O  
S  
ZN 
# 
loop_
_atom_site.group_PDB 
_atom_site.id 
_atom_site.type_symbol 
_atom_site.label_atom_id 
_atom_site.label_alt_id 
_atom_site.label_comp_id 
_atom_site.label_asym_id 
_atom_site.label_entity_id 
_atom_site.label_seq_id 
_atom_site.pdbx_PDB_ins_code 
_atom_site.Cartn_x 
_atom_site.Cartn_y 
_atom_site.Cartn_z 
_atom_site.occupancy 
_atom_site.B_iso_or_equiv 
_atom_site.pdbx_formal_charge 
_atom_site.auth_seq_id 
_atom_site.auth_comp_id 
_atom_site.auth_asym_id 
_atom_site.auth_atom_id 
_atom_site.pdbx_PDB_model_num 
ATOM   1    N  N   . TYR A 1 1   ? 9.560   9.104   -10.982 1.00 26.51 ? 100 TYR A N   1 
ATOM   2    C  CA  . TYR A 1 1   ? 8.591   9.113   -9.888  1.00 25.91 ? 100 TYR A CA  1 
ATOM   3    C  C   . TYR A 1 1   ? 7.857   10.433  -9.841  1.00 25.78 ? 100 TYR A C   1 
ATOM   4    O  O   . TYR A 1 1   ? 8.294   11.376  -10.493 1.00 26.41 ? 100 TYR A O   1 
ATOM   5    C  CB  . TYR A 1 1   ? 9.291   8.915   -8.517  1.00 25.33 ? 100 TYR A CB  1 
ATOM   6    C  CG  . TYR A 1 1   ? 10.136  10.052  -8.102  1.00 26.07 ? 100 TYR A CG  1 
ATOM   7    C  CD1 . TYR A 1 1   ? 9.568   11.128  -7.388  1.00 25.50 ? 100 TYR A CD1 1 
ATOM   8    C  CD2 . TYR A 1 1   ? 11.498  10.043  -8.433  1.00 28.15 ? 100 TYR A CD2 1 
ATOM   9    C  CE1 . TYR A 1 1   ? 10.372  12.201  -7.003  1.00 27.29 ? 100 TYR A CE1 1 
ATOM   10   C  CE2 . TYR A 1 1   ? 12.304  11.115  -8.044  1.00 27.97 ? 100 TYR A CE2 1 
ATOM   11   C  CZ  . TYR A 1 1   ? 11.742  12.187  -7.330  1.00 30.49 ? 100 TYR A CZ  1 
ATOM   12   O  OH  . TYR A 1 1   ? 12.580  13.211  -6.895  1.00 33.23 ? 100 TYR A OH  1 
ATOM   13   N  N   . SER A 1 2   ? 6.806   10.558  -9.033  1.00 25.26 ? 101 SER A N   1 
ATOM   14   C  CA  . SER A 1 2   ? 6.063   11.810  -8.862  1.00 24.56 ? 101 SER A CA  1 
ATOM   15   C  C   . SER A 1 2   ? 5.494   11.716  -7.460  1.00 23.68 ? 101 SER A C   1 
ATOM   16   O  O   . SER A 1 2   ? 5.193   10.612  -6.996  1.00 23.02 ? 101 SER A O   1 
ATOM   17   C  CB  . SER A 1 2   ? 4.937   11.926  -9.925  1.00 23.26 ? 101 SER A CB  1 
ATOM   18   O  OG  . SER A 1 2   ? 3.955   10.893  -9.786  1.00 26.29 ? 101 SER A OG  1 
ATOM   19   N  N   . LEU A 1 3   ? 5.489   12.795  -6.703  1.00 24.54 ? 102 LEU A N   1 
ATOM   20   C  CA  . LEU A 1 3   ? 4.925   12.781  -5.340  1.00 24.28 ? 102 LEU A CA  1 
ATOM   21   C  C   . LEU A 1 3   ? 3.542   13.383  -5.416  1.00 25.66 ? 102 LEU A C   1 
ATOM   22   O  O   . LEU A 1 3   ? 3.106   13.754  -6.521  1.00 27.38 ? 102 LEU A O   1 
ATOM   23   C  CB  . LEU A 1 3   ? 5.816   13.612  -4.429  1.00 22.54 ? 102 LEU A CB  1 
ATOM   24   C  CG  . LEU A 1 3   ? 7.279   13.127  -4.477  1.00 25.94 ? 102 LEU A CG  1 
ATOM   25   C  CD1 . LEU A 1 3   ? 8.056   14.130  -3.606  1.00 25.28 ? 102 LEU A CD1 1 
ATOM   26   C  CD2 . LEU A 1 3   ? 7.460   11.635  -4.038  1.00 22.03 ? 102 LEU A CD2 1 
ATOM   27   N  N   . PHE A 1 4   ? 2.788   13.482  -4.315  1.00 25.52 ? 103 PHE A N   1 
ATOM   28   C  CA  . PHE A 1 4   ? 1.460   14.110  -4.461  1.00 22.87 ? 103 PHE A CA  1 
ATOM   29   C  C   . PHE A 1 4   ? 1.624   15.634  -4.549  1.00 24.29 ? 103 PHE A C   1 
ATOM   30   O  O   . PHE A 1 4   ? 2.652   16.190  -4.137  1.00 19.35 ? 103 PHE A O   1 
ATOM   31   C  CB  . PHE A 1 4   ? 0.534   13.742  -3.264  1.00 19.72 ? 103 PHE A CB  1 
ATOM   32   C  CG  . PHE A 1 4   ? -0.008  12.379  -3.426  1.00 19.91 ? 103 PHE A CG  1 
ATOM   33   C  CD1 . PHE A 1 4   ? -1.095  12.154  -4.277  1.00 16.37 ? 103 PHE A CD1 1 
ATOM   34   C  CD2 . PHE A 1 4   ? 0.547   11.308  -2.714  1.00 17.31 ? 103 PHE A CD2 1 
ATOM   35   C  CE1 . PHE A 1 4   ? -1.618  10.853  -4.406  1.00 18.87 ? 103 PHE A CE1 1 
ATOM   36   C  CE2 . PHE A 1 4   ? 0.019   10.016  -2.845  1.00 16.30 ? 103 PHE A CE2 1 
ATOM   37   C  CZ  . PHE A 1 4   ? -1.064  9.786   -3.693  1.00 15.51 ? 103 PHE A CZ  1 
ATOM   38   N  N   . PRO A 1 5   ? 0.629   16.349  -5.110  1.00 28.17 ? 104 PRO A N   1 
ATOM   39   C  CA  . PRO A 1 5   ? 0.593   17.818  -5.049  1.00 30.56 ? 104 PRO A CA  1 
ATOM   40   C  C   . PRO A 1 5   ? 0.793   18.284  -3.636  1.00 32.17 ? 104 PRO A C   1 
ATOM   41   O  O   . PRO A 1 5   ? 0.140   17.787  -2.722  1.00 32.68 ? 104 PRO A O   1 
ATOM   42   C  CB  . PRO A 1 5   ? -0.775  18.209  -5.590  1.00 31.19 ? 104 PRO A CB  1 
ATOM   43   C  CG  . PRO A 1 5   ? -1.036  17.117  -6.635  1.00 31.11 ? 104 PRO A CG  1 
ATOM   44   C  CD  . PRO A 1 5   ? -0.514  15.856  -5.923  1.00 30.36 ? 104 PRO A CD  1 
ATOM   45   N  N   . ASN A 1 6   ? 1.644   19.287  -3.472  1.00 33.55 ? 105 ASN A N   1 
ATOM   46   C  CA  . ASN A 1 6   ? 1.967   19.880  -2.152  1.00 34.52 ? 105 ASN A CA  1 
ATOM   47   C  C   . ASN A 1 6   ? 2.713   18.903  -1.220  1.00 33.55 ? 105 ASN A C   1 
ATOM   48   O  O   . ASN A 1 6   ? 2.906   19.120  -0.009  1.00 33.09 ? 105 ASN A O   1 
ATOM   49   C  CB  . ASN A 1 6   ? 0.660   20.384  -1.469  1.00 34.73 ? 105 ASN A CB  1 
ATOM   50   N  N   . SER A 1 7   ? 3.196   17.839  -1.861  1.00 32.30 ? 106 SER A N   1 
ATOM   51   C  CA  . SER A 1 7   ? 3.981   16.751  -1.280  1.00 30.16 ? 106 SER A CA  1 
ATOM   52   C  C   . SER A 1 7   ? 3.714   16.454  0.191   1.00 26.61 ? 106 SER A C   1 
ATOM   53   O  O   . SER A 1 7   ? 4.616   16.534  1.055   1.00 23.27 ? 106 SER A O   1 
ATOM   54   C  CB  . SER A 1 7   ? 5.432   17.133  -1.602  1.00 32.80 ? 106 SER A CB  1 
ATOM   55   O  OG  . SER A 1 7   ? 5.484   17.541  -2.997  1.00 40.36 ? 106 SER A OG  1 
ATOM   56   N  N   . PRO A 1 8   ? 2.461   16.074  0.492   1.00 24.30 ? 107 PRO A N   1 
ATOM   57   C  CA  . PRO A 1 8   ? 2.113   15.693  1.864   1.00 23.84 ? 107 PRO A CA  1 
ATOM   58   C  C   . PRO A 1 8   ? 3.012   14.545  2.293   1.00 23.40 ? 107 PRO A C   1 
ATOM   59   O  O   . PRO A 1 8   ? 3.464   13.775  1.441   1.00 24.90 ? 107 PRO A O   1 
ATOM   60   C  CB  . PRO A 1 8   ? 0.623   15.346  1.779   1.00 23.60 ? 107 PRO A CB  1 
ATOM   61   C  CG  . PRO A 1 8   ? 0.431   14.910  0.342   1.00 23.45 ? 107 PRO A CG  1 
ATOM   62   C  CD  . PRO A 1 8   ? 1.319   15.890  -0.428  1.00 22.34 ? 107 PRO A CD  1 
ATOM   63   N  N   . LYS A 1 9   ? 3.270   14.368  3.573   1.00 21.88 ? 108 LYS A N   1 
ATOM   64   C  CA  . LYS A 1 9   ? 4.155   13.283  4.022   1.00 23.17 ? 108 LYS A CA  1 
ATOM   65   C  C   . LYS A 1 9   ? 3.939   13.116  5.517   1.00 22.64 ? 108 LYS A C   1 
ATOM   66   O  O   . LYS A 1 9   ? 3.395   14.021  6.155   1.00 24.00 ? 108 LYS A O   1 
ATOM   67   C  CB  . LYS A 1 9   ? 5.630   13.673  3.746   1.00 25.05 ? 108 LYS A CB  1 
ATOM   68   C  CG  . LYS A 1 9   ? 6.126   14.783  4.695   1.00 29.22 ? 108 LYS A CG  1 
ATOM   69   C  CD  . LYS A 1 9   ? 7.491   15.406  4.366   1.00 35.00 ? 108 LYS A CD  1 
ATOM   70   C  CE  . LYS A 1 9   ? 7.524   16.152  2.991   1.00 40.79 ? 108 LYS A CE  1 
ATOM   71   N  NZ  . LYS A 1 9   ? 6.369   17.058  2.746   1.00 44.73 ? 108 LYS A NZ  1 
ATOM   72   N  N   . TRP A 1 10  ? 4.305   11.998  6.104   1.00 21.39 ? 109 TRP A N   1 
ATOM   73   C  CA  . TRP A 1 10  ? 4.131   11.849  7.544   1.00 21.93 ? 109 TRP A CA  1 
ATOM   74   C  C   . TRP A 1 10  ? 5.252   12.617  8.209   1.00 24.15 ? 109 TRP A C   1 
ATOM   75   O  O   . TRP A 1 10  ? 6.405   12.492  7.797   1.00 24.98 ? 109 TRP A O   1 
ATOM   76   C  CB  . TRP A 1 10  ? 4.197   10.368  7.918   1.00 18.40 ? 109 TRP A CB  1 
ATOM   77   C  CG  . TRP A 1 10  ? 3.070   9.643   7.283   1.00 19.67 ? 109 TRP A CG  1 
ATOM   78   C  CD1 . TRP A 1 10  ? 3.129   8.716   6.209   1.00 16.52 ? 109 TRP A CD1 1 
ATOM   79   C  CD2 . TRP A 1 10  ? 1.706   9.725   7.651   1.00 16.05 ? 109 TRP A CD2 1 
ATOM   80   N  NE1 . TRP A 1 10  ? 1.889   8.250   5.921   1.00 15.51 ? 109 TRP A NE1 1 
ATOM   81   C  CE2 . TRP A 1 10  ? 1.002   8.837   6.779   1.00 14.72 ? 109 TRP A CE2 1 
ATOM   82   C  CE3 . TRP A 1 10  ? 1.034   10.473  8.641   1.00 11.98 ? 109 TRP A CE3 1 
ATOM   83   C  CZ2 . TRP A 1 10  ? -0.388  8.707   6.911   1.00 13.99 ? 109 TRP A CZ2 1 
ATOM   84   C  CZ3 . TRP A 1 10  ? -0.354  10.333  8.754   1.00 12.57 ? 109 TRP A CZ3 1 
ATOM   85   C  CH2 . TRP A 1 10  ? -1.057  9.457   7.898   1.00 14.80 ? 109 TRP A CH2 1 
ATOM   86   N  N   . THR A 1 11  ? 4.943   13.447  9.202   1.00 26.04 ? 110 THR A N   1 
ATOM   87   C  CA  . THR A 1 11  ? 5.995   14.210  9.899   1.00 27.46 ? 110 THR A CA  1 
ATOM   88   C  C   . THR A 1 11  ? 6.457   13.524  11.181  1.00 29.27 ? 110 THR A C   1 
ATOM   89   O  O   . THR A 1 11  ? 7.487   13.857  11.747  1.00 31.80 ? 110 THR A O   1 
ATOM   90   C  CB  . THR A 1 11  ? 5.473   15.678  10.182  1.00 28.39 ? 110 THR A CB  1 
ATOM   91   O  OG1 . THR A 1 11  ? 4.145   15.715  10.768  1.00 28.65 ? 110 THR A OG1 1 
ATOM   92   C  CG2 . THR A 1 11  ? 5.425   16.431  8.829   1.00 29.24 ? 110 THR A CG2 1 
ATOM   93   N  N   . SER A 1 12  ? 5.690   12.599  11.736  1.00 30.54 ? 111 SER A N   1 
ATOM   94   C  CA  . SER A 1 12  ? 6.105   11.920  12.958  1.00 32.62 ? 111 SER A CA  1 
ATOM   95   C  C   . SER A 1 12  ? 7.253   10.981  12.685  1.00 32.27 ? 111 SER A C   1 
ATOM   96   O  O   . SER A 1 12  ? 7.487   10.602  11.543  1.00 34.49 ? 111 SER A O   1 
ATOM   97   C  CB  . SER A 1 12  ? 4.913   11.136  13.512  1.00 35.86 ? 111 SER A CB  1 
ATOM   98   O  OG  . SER A 1 12  ? 4.101   10.602  12.443  1.00 42.42 ? 111 SER A OG  1 
ATOM   99   N  N   . LYS A 1 13  ? 7.986   10.591  13.710  1.00 32.16 ? 112 LYS A N   1 
ATOM   100  C  CA  . LYS A 1 13  ? 9.101   9.643   13.559  1.00 32.79 ? 112 LYS A CA  1 
ATOM   101  C  C   . LYS A 1 13  ? 8.556   8.216   13.343  1.00 32.32 ? 112 LYS A C   1 
ATOM   102  O  O   . LYS A 1 13  ? 9.150   7.331   12.707  1.00 32.89 ? 112 LYS A O   1 
ATOM   103  C  CB  . LYS A 1 13  ? 9.965   9.673   14.844  1.00 36.41 ? 112 LYS A CB  1 
ATOM   104  N  N   . VAL A 1 14  ? 7.450   7.936   14.022  1.00 29.54 ? 113 VAL A N   1 
ATOM   105  C  CA  . VAL A 1 14  ? 6.800   6.639   13.919  1.00 28.88 ? 113 VAL A CA  1 
ATOM   106  C  C   . VAL A 1 14  ? 5.369   6.899   13.441  1.00 25.76 ? 113 VAL A C   1 
ATOM   107  O  O   . VAL A 1 14  ? 4.742   7.911   13.776  1.00 25.57 ? 113 VAL A O   1 
ATOM   108  C  CB  . VAL A 1 14  ? 6.875   5.907   15.320  1.00 29.16 ? 113 VAL A CB  1 
ATOM   109  C  CG1 . VAL A 1 14  ? 6.345   6.747   16.482  1.00 33.59 ? 113 VAL A CG1 1 
ATOM   110  C  CG2 . VAL A 1 14  ? 6.019   4.651   15.239  1.00 29.51 ? 113 VAL A CG2 1 
ATOM   111  N  N   . VAL A 1 15  ? 4.914   6.019   12.572  1.00 21.79 ? 114 VAL A N   1 
ATOM   112  C  CA  . VAL A 1 15  ? 3.588   6.069   11.964  1.00 18.80 ? 114 VAL A CA  1 
ATOM   113  C  C   . VAL A 1 15  ? 2.913   4.777   12.334  1.00 16.92 ? 114 VAL A C   1 
ATOM   114  O  O   . VAL A 1 15  ? 3.549   3.720   12.256  1.00 16.52 ? 114 VAL A O   1 
ATOM   115  C  CB  . VAL A 1 15  ? 3.761   6.214   10.422  1.00 18.81 ? 114 VAL A CB  1 
ATOM   116  C  CG1 . VAL A 1 15  ? 2.418   6.079   9.698   1.00 17.53 ? 114 VAL A CG1 1 
ATOM   117  C  CG2 . VAL A 1 15  ? 4.369   7.597   10.120  1.00 14.72 ? 114 VAL A CG2 1 
ATOM   118  N  N   . THR A 1 16  ? 1.693   4.824   12.836  1.00 15.13 ? 115 THR A N   1 
ATOM   119  C  CA  . THR A 1 16  ? 0.994   3.581   13.204  1.00 13.56 ? 115 THR A CA  1 
ATOM   120  C  C   . THR A 1 16  ? 0.122   3.104   12.061  1.00 11.20 ? 115 THR A C   1 
ATOM   121  O  O   . THR A 1 16  ? -0.279  3.866   11.164  1.00 8.58  ? 115 THR A O   1 
ATOM   122  C  CB  . THR A 1 16  ? 0.121   3.822   14.450  1.00 12.32 ? 115 THR A CB  1 
ATOM   123  O  OG1 . THR A 1 16  ? -0.761  4.941   14.208  1.00 14.72 ? 115 THR A OG1 1 
ATOM   124  C  CG2 . THR A 1 16  ? 1.028   4.096   15.672  1.00 12.53 ? 115 THR A CG2 1 
ATOM   125  N  N   . TYR A 1 17  ? -0.276  1.866   12.155  1.00 9.43  ? 116 TYR A N   1 
ATOM   126  C  CA  . TYR A 1 17  ? -1.132  1.281   11.150  1.00 11.30 ? 116 TYR A CA  1 
ATOM   127  C  C   . TYR A 1 17  ? -1.965  0.225   11.835  1.00 11.46 ? 116 TYR A C   1 
ATOM   128  O  O   . TYR A 1 17  ? -1.569  -0.314  12.870  1.00 10.52 ? 116 TYR A O   1 
ATOM   129  C  CB  . TYR A 1 17  ? -0.244  0.704   10.030  1.00 12.41 ? 116 TYR A CB  1 
ATOM   130  C  CG  . TYR A 1 17  ? 0.456   -0.535  10.392  1.00 13.01 ? 116 TYR A CG  1 
ATOM   131  C  CD1 . TYR A 1 17  ? -0.174  -1.767  10.148  1.00 14.80 ? 116 TYR A CD1 1 
ATOM   132  C  CD2 . TYR A 1 17  ? 1.777   -0.471  10.871  1.00 13.19 ? 116 TYR A CD2 1 
ATOM   133  C  CE1 . TYR A 1 17  ? 0.519   -2.960  10.374  1.00 13.98 ? 116 TYR A CE1 1 
ATOM   134  C  CE2 . TYR A 1 17  ? 2.469   -1.662  11.094  1.00 13.29 ? 116 TYR A CE2 1 
ATOM   135  C  CZ  . TYR A 1 17  ? 1.838   -2.892  10.843  1.00 15.77 ? 116 TYR A CZ  1 
ATOM   136  O  OH  . TYR A 1 17  ? 2.534   -4.063  11.053  1.00 19.06 ? 116 TYR A OH  1 
ATOM   137  N  N   . ARG A 1 18  ? -3.104  -0.107  11.269  1.00 10.30 ? 117 ARG A N   1 
ATOM   138  C  CA  . ARG A 1 18  ? -3.953  -1.106  11.875  1.00 10.51 ? 117 ARG A CA  1 
ATOM   139  C  C   . ARG A 1 18  ? -4.776  -1.705  10.795  1.00 9.87  ? 117 ARG A C   1 
ATOM   140  O  O   . ARG A 1 18  ? -5.233  -1.020  9.875   1.00 9.73  ? 117 ARG A O   1 
ATOM   141  C  CB  . ARG A 1 18  ? -4.774  -0.386  12.973  1.00 12.36 ? 117 ARG A CB  1 
ATOM   142  C  CG  . ARG A 1 18  ? -6.268  -0.465  13.080  1.00 12.32 ? 117 ARG A CG  1 
ATOM   143  C  CD  . ARG A 1 18  ? -6.924  -1.252  14.200  1.00 13.04 ? 117 ARG A CD  1 
ATOM   144  N  NE  . ARG A 1 18  ? -8.047  -0.366  14.496  1.00 15.39 ? 117 ARG A NE  1 
ATOM   145  C  CZ  . ARG A 1 18  ? -9.334  -0.663  14.755  1.00 16.01 ? 117 ARG A CZ  1 
ATOM   146  N  NH1 . ARG A 1 18  ? -9.829  -1.903  14.797  1.00 11.33 ? 117 ARG A NH1 1 
ATOM   147  N  NH2 . ARG A 1 18  ? -10.131 0.391   14.937  1.00 14.07 ? 117 ARG A NH2 1 
ATOM   148  N  N   . ILE A 1 19  ? -4.811  -3.030  10.823  1.00 9.51  ? 118 ILE A N   1 
ATOM   149  C  CA  . ILE A 1 19  ? -5.587  -3.794  9.850   1.00 10.95 ? 118 ILE A CA  1 
ATOM   150  C  C   . ILE A 1 19  ? -6.975  -3.916  10.422  1.00 11.63 ? 118 ILE A C   1 
ATOM   151  O  O   . ILE A 1 19  ? -7.164  -4.524  11.463  1.00 11.74 ? 118 ILE A O   1 
ATOM   152  C  CB  . ILE A 1 19  ? -4.910  -5.149  9.642   1.00 9.34  ? 118 ILE A CB  1 
ATOM   153  C  CG1 . ILE A 1 19  ? -3.416  -4.873  9.240   1.00 6.64  ? 118 ILE A CG1 1 
ATOM   154  C  CG2 . ILE A 1 19  ? -5.724  -5.959  8.592   1.00 7.77  ? 118 ILE A CG2 1 
ATOM   155  C  CD1 . ILE A 1 19  ? -2.483  -6.075  9.152   1.00 8.14  ? 118 ILE A CD1 1 
ATOM   156  N  N   . VAL A 1 20  ? -7.923  -3.174  9.891   1.00 13.40 ? 119 VAL A N   1 
ATOM   157  C  CA  . VAL A 1 20  ? -9.280  -3.198  10.401  1.00 12.93 ? 119 VAL A CA  1 
ATOM   158  C  C   . VAL A 1 20  ? -10.052 -4.383  9.952   1.00 14.62 ? 119 VAL A C   1 
ATOM   159  O  O   . VAL A 1 20  ? -10.818 -4.916  10.760  1.00 15.64 ? 119 VAL A O   1 
ATOM   160  C  CB  . VAL A 1 20  ? -9.982  -1.886  10.003  1.00 14.14 ? 119 VAL A CB  1 
ATOM   161  C  CG1 . VAL A 1 20  ? -11.462 -1.857  10.506  1.00 14.15 ? 119 VAL A CG1 1 
ATOM   162  C  CG2 . VAL A 1 20  ? -9.148  -0.731  10.620  1.00 10.55 ? 119 VAL A CG2 1 
ATOM   163  N  N   . SER A 1 21  ? -9.915  -4.804  8.700   1.00 14.94 ? 120 SER A N   1 
ATOM   164  C  CA  . SER A 1 21  ? -10.657 -5.977  8.238   1.00 15.24 ? 120 SER A CA  1 
ATOM   165  C  C   . SER A 1 21  ? -9.740  -6.849  7.434   1.00 16.81 ? 120 SER A C   1 
ATOM   166  O  O   . SER A 1 21  ? -8.685  -6.396  6.969   1.00 17.99 ? 120 SER A O   1 
ATOM   167  C  CB  . SER A 1 21  ? -11.873 -5.558  7.391   1.00 14.04 ? 120 SER A CB  1 
ATOM   168  O  OG  . SER A 1 21  ? -11.694 -4.256  6.826   1.00 18.40 ? 120 SER A OG  1 
ATOM   169  N  N   . TYR A 1 22  ? -10.121 -8.117  7.287   1.00 17.98 ? 121 TYR A N   1 
ATOM   170  C  CA  . TYR A 1 22  ? -9.315  -9.104  6.553   1.00 18.63 ? 121 TYR A CA  1 
ATOM   171  C  C   . TYR A 1 22  ? -10.021 -9.647  5.337   1.00 17.46 ? 121 TYR A C   1 
ATOM   172  O  O   . TYR A 1 22  ? -11.195 -9.408  5.129   1.00 18.79 ? 121 TYR A O   1 
ATOM   173  C  CB  . TYR A 1 22  ? -8.964  -10.271 7.513   1.00 16.47 ? 121 TYR A CB  1 
ATOM   174  C  CG  . TYR A 1 22  ? -7.965  -9.857  8.521   1.00 15.29 ? 121 TYR A CG  1 
ATOM   175  C  CD1 . TYR A 1 22  ? -8.389  -9.142  9.649   1.00 16.34 ? 121 TYR A CD1 1 
ATOM   176  C  CD2 . TYR A 1 22  ? -6.607  -10.131 8.313   1.00 14.54 ? 121 TYR A CD2 1 
ATOM   177  C  CE1 . TYR A 1 22  ? -7.452  -8.697  10.573  1.00 14.82 ? 121 TYR A CE1 1 
ATOM   178  C  CE2 . TYR A 1 22  ? -5.655  -9.691  9.231   1.00 14.83 ? 121 TYR A CE2 1 
ATOM   179  C  CZ  . TYR A 1 22  ? -6.096  -8.978  10.355  1.00 16.89 ? 121 TYR A CZ  1 
ATOM   180  O  OH  . TYR A 1 22  ? -5.199  -8.551  11.294  1.00 17.87 ? 121 TYR A OH  1 
ATOM   181  N  N   . THR A 1 23  ? -9.281  -10.320 4.494   1.00 19.08 ? 122 THR A N   1 
ATOM   182  C  CA  . THR A 1 23  ? -9.837  -10.958 3.296   1.00 17.83 ? 122 THR A CA  1 
ATOM   183  C  C   . THR A 1 23  ? -10.172 -12.424 3.640   1.00 18.27 ? 122 THR A C   1 
ATOM   184  O  O   . THR A 1 23  ? -9.522  -13.050 4.491   1.00 17.50 ? 122 THR A O   1 
ATOM   185  C  CB  . THR A 1 23  ? -8.808  -10.938 2.157   1.00 13.28 ? 122 THR A CB  1 
ATOM   186  O  OG1 . THR A 1 23  ? -9.321  -11.766 1.137   1.00 15.51 ? 122 THR A OG1 1 
ATOM   187  C  CG2 . THR A 1 23  ? -7.436  -11.516 2.536   1.00 11.67 ? 122 THR A CG2 1 
ATOM   188  N  N   . ARG A 1 24  ? -11.166 -13.003 3.000   1.00 16.64 ? 123 ARG A N   1 
ATOM   189  C  CA  . ARG A 1 24  ? -11.509 -14.397 3.228   1.00 15.84 ? 123 ARG A CA  1 
ATOM   190  C  C   . ARG A 1 24  ? -10.474 -15.282 2.481   1.00 17.06 ? 123 ARG A C   1 
ATOM   191  O  O   . ARG A 1 24  ? -10.367 -16.482 2.748   1.00 16.83 ? 123 ARG A O   1 
ATOM   192  C  CB  . ARG A 1 24  ? -12.943 -14.664 2.690   1.00 15.80 ? 123 ARG A CB  1 
ATOM   193  N  N   . ASP A 1 25  ? -9.703  -14.715 1.527   1.00 17.66 ? 124 ASP A N   1 
ATOM   194  C  CA  . ASP A 1 25  ? -8.702  -15.453 0.710   1.00 16.30 ? 124 ASP A CA  1 
ATOM   195  C  C   . ASP A 1 25  ? -7.443  -15.891 1.350   1.00 17.40 ? 124 ASP A C   1 
ATOM   196  O  O   . ASP A 1 25  ? -6.774  -16.817 0.875   1.00 18.60 ? 124 ASP A O   1 
ATOM   197  C  CB  . ASP A 1 25  ? -8.235  -14.657 -0.473  1.00 16.10 ? 124 ASP A CB  1 
ATOM   198  C  CG  . ASP A 1 25  ? -9.433  -14.245 -1.258  1.00 19.52 ? 124 ASP A CG  1 
ATOM   199  O  OD1 . ASP A 1 25  ? -10.380 -15.016 -1.390  1.00 18.81 ? 124 ASP A OD1 1 
ATOM   200  O  OD2 . ASP A 1 25  ? -9.411  -13.128 -1.750  1.00 24.03 ? 124 ASP A OD2 1 
ATOM   201  N  N   . LEU A 1 26  ? -7.035  -15.190 2.393   1.00 16.86 ? 125 LEU A N   1 
ATOM   202  C  CA  . LEU A 1 26  ? -5.792  -15.548 3.035   1.00 14.66 ? 125 LEU A CA  1 
ATOM   203  C  C   . LEU A 1 26  ? -6.010  -15.700 4.512   1.00 14.89 ? 125 LEU A C   1 
ATOM   204  O  O   . LEU A 1 26  ? -6.947  -15.143 5.096   1.00 16.25 ? 125 LEU A O   1 
ATOM   205  C  CB  . LEU A 1 26  ? -4.772  -14.450 2.720   1.00 12.40 ? 125 LEU A CB  1 
ATOM   206  C  CG  . LEU A 1 26  ? -4.364  -14.356 1.232   1.00 13.45 ? 125 LEU A CG  1 
ATOM   207  C  CD1 . LEU A 1 26  ? -3.663  -13.007 1.031   1.00 12.63 ? 125 LEU A CD1 1 
ATOM   208  C  CD2 . LEU A 1 26  ? -3.481  -15.565 0.813   1.00 11.66 ? 125 LEU A CD2 1 
ATOM   209  N  N   . PRO A 1 27  ? -5.155  -16.478 5.165   1.00 14.17 ? 126 PRO A N   1 
ATOM   210  C  CA  . PRO A 1 27  ? -5.127  -16.444 6.629   1.00 12.87 ? 126 PRO A CA  1 
ATOM   211  C  C   . PRO A 1 27  ? -4.806  -15.049 7.110   1.00 13.01 ? 126 PRO A C   1 
ATOM   212  O  O   . PRO A 1 27  ? -4.039  -14.313 6.488   1.00 12.89 ? 126 PRO A O   1 
ATOM   213  C  CB  . PRO A 1 27  ? -4.053  -17.429 7.067   1.00 11.34 ? 126 PRO A CB  1 
ATOM   214  C  CG  . PRO A 1 27  ? -4.037  -18.347 5.842   1.00 12.82 ? 126 PRO A CG  1 
ATOM   215  C  CD  . PRO A 1 27  ? -4.198  -17.437 4.621   1.00 10.50 ? 126 PRO A CD  1 
ATOM   216  N  N   . HIS A 1 28  ? -5.317  -14.720 8.296   1.00 14.46 ? 127 HIS A N   1 
ATOM   217  C  CA  . HIS A 1 28  ? -5.056  -13.412 8.907   1.00 15.53 ? 127 HIS A CA  1 
ATOM   218  C  C   . HIS A 1 28  ? -3.582  -13.288 9.153   1.00 13.33 ? 127 HIS A C   1 
ATOM   219  O  O   . HIS A 1 28  ? -2.990  -12.275 8.829   1.00 16.42 ? 127 HIS A O   1 
ATOM   220  C  CB  . HIS A 1 28  ? -5.808  -13.251 10.244  1.00 14.75 ? 127 HIS A CB  1 
ATOM   221  C  CG  . HIS A 1 28  ? -7.251  -13.134 9.988   1.00 15.98 ? 127 HIS A CG  1 
ATOM   222  N  ND1 . HIS A 1 28  ? -8.149  -12.773 10.936  1.00 20.47 ? 127 HIS A ND1 1 
ATOM   223  C  CD2 . HIS A 1 28  ? -7.949  -13.343 8.798   1.00 17.16 ? 127 HIS A CD2 1 
ATOM   224  C  CE1 . HIS A 1 28  ? -9.398  -12.753 10.347  1.00 17.92 ? 127 HIS A CE1 1 
ATOM   225  N  NE2 . HIS A 1 28  ? -9.264  -13.106 9.030   1.00 20.46 ? 127 HIS A NE2 1 
ATOM   226  N  N   . ILE A 1 29  ? -2.937  -14.333 9.643   1.00 14.12 ? 128 ILE A N   1 
ATOM   227  C  CA  . ILE A 1 29  ? -1.487  -14.226 9.877   1.00 14.61 ? 128 ILE A CA  1 
ATOM   228  C  C   . ILE A 1 29  ? -0.739  -13.873 8.600   1.00 14.59 ? 128 ILE A C   1 
ATOM   229  O  O   . ILE A 1 29  ? 0.278   -13.177 8.657   1.00 16.19 ? 128 ILE A O   1 
ATOM   230  C  CB  . ILE A 1 29  ? -0.956  -15.569 10.484  1.00 18.63 ? 128 ILE A CB  1 
ATOM   231  C  CG1 . ILE A 1 29  ? 0.501   -15.337 10.938  1.00 21.22 ? 128 ILE A CG1 1 
ATOM   232  C  CG2 . ILE A 1 29  ? -0.985  -16.749 9.454   1.00 19.39 ? 128 ILE A CG2 1 
ATOM   233  C  CD1 . ILE A 1 29  ? 0.680   -14.033 11.767  1.00 25.70 ? 128 ILE A CD1 1 
ATOM   234  N  N   . THR A 1 30  ? -1.163  -14.350 7.422   1.00 11.92 ? 129 THR A N   1 
ATOM   235  C  CA  . THR A 1 30  ? -0.410  -13.999 6.203   1.00 11.81 ? 129 THR A CA  1 
ATOM   236  C  C   . THR A 1 30  ? -0.552  -12.525 5.857   1.00 12.84 ? 129 THR A C   1 
ATOM   237  O  O   . THR A 1 30  ? 0.435   -11.868 5.487   1.00 11.90 ? 129 THR A O   1 
ATOM   238  C  CB  . THR A 1 30  ? -0.906  -14.914 5.083   1.00 13.47 ? 129 THR A CB  1 
ATOM   239  O  OG1 . THR A 1 30  ? -0.638  -16.257 5.501   1.00 15.20 ? 129 THR A OG1 1 
ATOM   240  C  CG2 . THR A 1 30  ? -0.205  -14.675 3.739   1.00 11.24 ? 129 THR A CG2 1 
ATOM   241  N  N   . VAL A 1 31  ? -1.771  -11.983 5.959   1.00 12.76 ? 130 VAL A N   1 
ATOM   242  C  CA  . VAL A 1 31  ? -1.973  -10.556 5.658   1.00 12.47 ? 130 VAL A CA  1 
ATOM   243  C  C   . VAL A 1 31  ? -1.086  -9.752  6.591   1.00 12.38 ? 130 VAL A C   1 
ATOM   244  O  O   . VAL A 1 31  ? -0.347  -8.887  6.137   1.00 14.88 ? 130 VAL A O   1 
ATOM   245  C  CB  . VAL A 1 31  ? -3.466  -10.158 5.855   1.00 12.23 ? 130 VAL A CB  1 
ATOM   246  C  CG1 . VAL A 1 31  ? -3.633  -8.616  5.821   1.00 12.59 ? 130 VAL A CG1 1 
ATOM   247  C  CG2 . VAL A 1 31  ? -4.297  -10.753 4.708   1.00 9.19  ? 130 VAL A CG2 1 
ATOM   248  N  N   . ASP A 1 32  ? -1.093  -10.031 7.885   1.00 12.44 ? 131 ASP A N   1 
ATOM   249  C  CA  . ASP A 1 32  ? -0.247  -9.277  8.787   1.00 12.36 ? 131 ASP A CA  1 
ATOM   250  C  C   . ASP A 1 32  ? 1.184   -9.351  8.355   1.00 14.60 ? 131 ASP A C   1 
ATOM   251  O  O   . ASP A 1 32  ? 1.849   -8.309  8.266   1.00 14.81 ? 131 ASP A O   1 
ATOM   252  C  CB  . ASP A 1 32  ? -0.301  -9.806  10.208  1.00 12.91 ? 131 ASP A CB  1 
ATOM   253  C  CG  . ASP A 1 32  ? -1.641  -9.674  10.890  1.00 17.32 ? 131 ASP A CG  1 
ATOM   254  O  OD1 . ASP A 1 32  ? -2.498  -8.901  10.490  1.00 17.56 ? 131 ASP A OD1 1 
ATOM   255  O  OD2 . ASP A 1 32  ? -1.794  -10.235 11.972  1.00 22.08 ? 131 ASP A OD2 1 
ATOM   256  N  N   . ARG A 1 33  ? 1.699   -10.554 8.076   1.00 15.42 ? 132 ARG A N   1 
ATOM   257  C  CA  . ARG A 1 33  ? 3.115   -10.665 7.692   1.00 17.66 ? 132 ARG A CA  1 
ATOM   258  C  C   . ARG A 1 33  ? 3.429   -9.870  6.442   1.00 16.50 ? 132 ARG A C   1 
ATOM   259  O  O   . ARG A 1 33  ? 4.455   -9.184  6.370   1.00 17.03 ? 132 ARG A O   1 
ATOM   260  C  CB  . ARG A 1 33  ? 3.542   -12.151 7.443   1.00 19.84 ? 132 ARG A CB  1 
ATOM   261  C  CG  . ARG A 1 33  ? 3.441   -13.117 8.620   1.00 27.22 ? 132 ARG A CG  1 
ATOM   262  C  CD  . ARG A 1 33  ? 4.076   -14.529 8.366   1.00 37.79 ? 132 ARG A CD  1 
ATOM   263  N  NE  . ARG A 1 33  ? 3.073   -15.627 8.223   1.00 41.61 ? 132 ARG A NE  1 
ATOM   264  C  CZ  . ARG A 1 33  ? 2.619   -16.056 7.015   1.00 43.65 ? 132 ARG A CZ  1 
ATOM   265  N  NH1 . ARG A 1 33  ? 3.095   -15.536 5.858   1.00 44.09 ? 132 ARG A NH1 1 
ATOM   266  N  NH2 . ARG A 1 33  ? 1.703   -17.037 6.970   1.00 42.48 ? 132 ARG A NH2 1 
ATOM   267  N  N   . LEU A 1 34  ? 2.570   -9.976  5.433   1.00 17.49 ? 133 LEU A N   1 
ATOM   268  C  CA  . LEU A 1 34  ? 2.752   -9.296  4.126   1.00 16.65 ? 133 LEU A CA  1 
ATOM   269  C  C   . LEU A 1 34  ? 2.692   -7.792  4.262   1.00 15.58 ? 133 LEU A C   1 
ATOM   270  O  O   . LEU A 1 34  ? 3.493   -7.098  3.637   1.00 16.38 ? 133 LEU A O   1 
ATOM   271  C  CB  . LEU A 1 34  ? 1.675   -9.880  3.156   1.00 17.97 ? 133 LEU A CB  1 
ATOM   272  C  CG  . LEU A 1 34  ? 2.163   -11.034 2.193   1.00 20.09 ? 133 LEU A CG  1 
ATOM   273  C  CD1 . LEU A 1 34  ? 3.329   -11.809 2.812   1.00 20.71 ? 133 LEU A CD1 1 
ATOM   274  C  CD2 . LEU A 1 34  ? 0.978   -11.942 1.819   1.00 15.98 ? 133 LEU A CD2 1 
ATOM   275  N  N   . VAL A 1 35  ? 1.795   -7.247  5.097   1.00 16.16 ? 134 VAL A N   1 
ATOM   276  C  CA  . VAL A 1 35  ? 1.700   -5.778  5.325   1.00 15.73 ? 134 VAL A CA  1 
ATOM   277  C  C   . VAL A 1 35  ? 3.006   -5.340  5.962   1.00 15.65 ? 134 VAL A C   1 
ATOM   278  O  O   . VAL A 1 35  ? 3.602   -4.378  5.505   1.00 13.82 ? 134 VAL A O   1 
ATOM   279  C  CB  . VAL A 1 35  ? 0.483   -5.432  6.260   1.00 15.17 ? 134 VAL A CB  1 
ATOM   280  C  CG1 . VAL A 1 35  ? 0.523   -3.964  6.762   1.00 13.75 ? 134 VAL A CG1 1 
ATOM   281  C  CG2 . VAL A 1 35  ? -0.811  -5.626  5.431   1.00 12.81 ? 134 VAL A CG2 1 
ATOM   282  N  N   . SER A 1 36  ? 3.503   -6.022  6.999   1.00 18.29 ? 135 SER A N   1 
ATOM   283  C  CA  . SER A 1 36  ? 4.796   -5.635  7.605   1.00 20.47 ? 135 SER A CA  1 
ATOM   284  C  C   . SER A 1 36  ? 5.889   -5.650  6.555   1.00 18.52 ? 135 SER A C   1 
ATOM   285  O  O   . SER A 1 36  ? 6.732   -4.755  6.527   1.00 19.20 ? 135 SER A O   1 
ATOM   286  C  CB  . SER A 1 36  ? 5.246   -6.610  8.688   1.00 20.82 ? 135 SER A CB  1 
ATOM   287  O  OG  . SER A 1 36  ? 4.107   -7.032  9.427   1.00 31.60 ? 135 SER A OG  1 
ATOM   288  N  N   . LYS A 1 37  ? 5.929   -6.704  5.738   1.00 18.85 ? 136 LYS A N   1 
ATOM   289  C  CA  . LYS A 1 37  ? 6.935   -6.861  4.681   1.00 19.71 ? 136 LYS A CA  1 
ATOM   290  C  C   . LYS A 1 37  ? 6.853   -5.650  3.756   1.00 18.30 ? 136 LYS A C   1 
ATOM   291  O  O   . LYS A 1 37  ? 7.852   -4.979  3.493   1.00 18.09 ? 136 LYS A O   1 
ATOM   292  C  CB  . LYS A 1 37  ? 6.636   -8.171  3.917   1.00 24.41 ? 136 LYS A CB  1 
ATOM   293  C  CG  . LYS A 1 37  ? 7.746   -9.224  3.668   1.00 30.12 ? 136 LYS A CG  1 
ATOM   294  C  CD  . LYS A 1 37  ? 7.217   -10.330 2.700   1.00 34.07 ? 136 LYS A CD  1 
ATOM   295  C  CE  . LYS A 1 37  ? 8.051   -11.622 2.411   1.00 37.02 ? 136 LYS A CE  1 
ATOM   296  N  NZ  . LYS A 1 37  ? 7.424   -12.448 1.326   1.00 39.50 ? 136 LYS A NZ  1 
ATOM   297  N  N   . ALA A 1 38  ? 5.660   -5.315  3.289   1.00 16.63 ? 137 ALA A N   1 
ATOM   298  C  CA  . ALA A 1 38  ? 5.457   -4.171  2.386   1.00 16.43 ? 137 ALA A CA  1 
ATOM   299  C  C   . ALA A 1 38  ? 5.917   -2.858  3.044   1.00 18.41 ? 137 ALA A C   1 
ATOM   300  O  O   . ALA A 1 38  ? 6.685   -2.076  2.465   1.00 20.04 ? 137 ALA A O   1 
ATOM   301  C  CB  . ALA A 1 38  ? 3.960   -4.108  2.011   1.00 12.19 ? 137 ALA A CB  1 
ATOM   302  N  N   . LEU A 1 39  ? 5.514   -2.593  4.287   1.00 17.78 ? 138 LEU A N   1 
ATOM   303  C  CA  . LEU A 1 39  ? 5.940   -1.370  4.951   1.00 18.36 ? 138 LEU A CA  1 
ATOM   304  C  C   . LEU A 1 39  ? 7.437   -1.383  5.088   1.00 20.05 ? 138 LEU A C   1 
ATOM   305  O  O   . LEU A 1 39  ? 8.088   -0.360  4.929   1.00 23.48 ? 138 LEU A O   1 
ATOM   306  C  CB  . LEU A 1 39  ? 5.305   -1.272  6.326   1.00 17.25 ? 138 LEU A CB  1 
ATOM   307  C  CG  . LEU A 1 39  ? 3.846   -0.821  6.216   1.00 15.85 ? 138 LEU A CG  1 
ATOM   308  C  CD1 . LEU A 1 39  ? 3.114   -1.050  7.534   1.00 12.26 ? 138 LEU A CD1 1 
ATOM   309  C  CD2 . LEU A 1 39  ? 3.830   0.648   5.787   1.00 16.81 ? 138 LEU A CD2 1 
ATOM   310  N  N   . ASN A 1 40  ? 8.038   -2.508  5.420   1.00 21.74 ? 139 ASN A N   1 
ATOM   311  C  CA  . ASN A 1 40  ? 9.496   -2.558  5.558   1.00 22.41 ? 139 ASN A CA  1 
ATOM   312  C  C   . ASN A 1 40  ? 10.206  -2.301  4.275   1.00 21.68 ? 139 ASN A C   1 
ATOM   313  O  O   . ASN A 1 40  ? 11.303  -1.744  4.287   1.00 21.35 ? 139 ASN A O   1 
ATOM   314  C  CB  . ASN A 1 40  ? 9.936   -3.897  6.091   1.00 28.50 ? 139 ASN A CB  1 
ATOM   315  C  CG  . ASN A 1 40  ? 10.220  -3.545  7.524   1.00 36.57 ? 139 ASN A CG  1 
ATOM   316  O  OD1 . ASN A 1 40  ? 11.334  -3.164  7.880   1.00 41.49 ? 139 ASN A OD1 1 
ATOM   317  N  ND2 . ASN A 1 40  ? 9.195   -3.562  8.383   1.00 38.97 ? 139 ASN A ND2 1 
ATOM   318  N  N   . MET A 1 41  ? 9.610   -2.681  3.152   1.00 19.66 ? 140 MET A N   1 
ATOM   319  C  CA  . MET A 1 41  ? 10.252  -2.431  1.862   1.00 18.81 ? 140 MET A CA  1 
ATOM   320  C  C   . MET A 1 41  ? 10.547  -0.934  1.752   1.00 18.65 ? 140 MET A C   1 
ATOM   321  O  O   . MET A 1 41  ? 11.632  -0.554  1.310   1.00 16.79 ? 140 MET A O   1 
ATOM   322  C  CB  . MET A 1 41  ? 9.331   -2.871  0.723   1.00 19.24 ? 140 MET A CB  1 
ATOM   323  C  CG  . MET A 1 41  ? 10.208  -3.869  -0.028  1.00 24.44 ? 140 MET A CG  1 
ATOM   324  S  SD  . MET A 1 41  ? 9.442   -4.530  -1.513  1.00 26.63 ? 140 MET A SD  1 
ATOM   325  C  CE  . MET A 1 41  ? 8.391   -5.658  -0.574  1.00 21.27 ? 140 MET A CE  1 
ATOM   326  N  N   . TRP A 1 42  ? 9.591   -0.073  2.134   1.00 14.12 ? 141 TRP A N   1 
ATOM   327  C  CA  . TRP A 1 42  ? 9.833   1.368   2.059   1.00 14.45 ? 141 TRP A CA  1 
ATOM   328  C  C   . TRP A 1 42  ? 10.573  1.892   3.274   1.00 13.97 ? 141 TRP A C   1 
ATOM   329  O  O   . TRP A 1 42  ? 11.424  2.765   3.153   1.00 15.69 ? 141 TRP A O   1 
ATOM   330  C  CB  . TRP A 1 42  ? 8.510   2.176   1.936   1.00 12.62 ? 141 TRP A CB  1 
ATOM   331  C  CG  . TRP A 1 42  ? 7.714   1.787   0.753   1.00 14.07 ? 141 TRP A CG  1 
ATOM   332  C  CD1 . TRP A 1 42  ? 6.621   0.886   0.719   1.00 12.38 ? 141 TRP A CD1 1 
ATOM   333  C  CD2 . TRP A 1 42  ? 7.814   2.327   -0.543  1.00 13.08 ? 141 TRP A CD2 1 
ATOM   334  N  NE1 . TRP A 1 42  ? 6.061   0.871   -0.515  1.00 13.18 ? 141 TRP A NE1 1 
ATOM   335  C  CE2 . TRP A 1 42  ? 6.764   1.743   -1.314  1.00 13.63 ? 141 TRP A CE2 1 
ATOM   336  C  CE3 . TRP A 1 42  ? 8.695   3.256   -1.125  1.00 11.78 ? 141 TRP A CE3 1 
ATOM   337  C  CZ2 . TRP A 1 42  ? 6.609   2.106   -2.666  1.00 11.51 ? 141 TRP A CZ2 1 
ATOM   338  C  CZ3 . TRP A 1 42  ? 8.520   3.599   -2.468  1.00 15.15 ? 141 TRP A CZ3 1 
ATOM   339  C  CH2 . TRP A 1 42  ? 7.481   3.030   -3.235  1.00 13.45 ? 141 TRP A CH2 1 
ATOM   340  N  N   . GLY A 1 43  ? 10.204  1.447   4.470   1.00 14.18 ? 142 GLY A N   1 
ATOM   341  C  CA  . GLY A 1 43  ? 10.821  1.876   5.731   1.00 16.46 ? 142 GLY A CA  1 
ATOM   342  C  C   . GLY A 1 43  ? 12.337  1.717   5.687   1.00 19.64 ? 142 GLY A C   1 
ATOM   343  O  O   . GLY A 1 43  ? 13.056  2.581   6.183   1.00 21.99 ? 142 GLY A O   1 
ATOM   344  N  N   . LYS A 1 44  ? 12.835  0.621   5.103   1.00 19.74 ? 143 LYS A N   1 
ATOM   345  C  CA  . LYS A 1 44  ? 14.283  0.355   4.985   1.00 20.31 ? 143 LYS A CA  1 
ATOM   346  C  C   . LYS A 1 44  ? 14.990  1.532   4.330   1.00 21.13 ? 143 LYS A C   1 
ATOM   347  O  O   . LYS A 1 44  ? 16.115  1.832   4.696   1.00 25.99 ? 143 LYS A O   1 
ATOM   348  C  CB  . LYS A 1 44  ? 14.568  -0.916  4.117   1.00 18.06 ? 143 LYS A CB  1 
ATOM   349  N  N   . GLU A 1 45  ? 14.392  2.215   3.372   1.00 21.87 ? 144 GLU A N   1 
ATOM   350  C  CA  . GLU A 1 45  ? 15.021  3.352   2.680   1.00 22.34 ? 144 GLU A CA  1 
ATOM   351  C  C   . GLU A 1 45  ? 14.909  4.707   3.343   1.00 22.73 ? 144 GLU A C   1 
ATOM   352  O  O   . GLU A 1 45  ? 15.558  5.671   2.907   1.00 22.37 ? 144 GLU A O   1 
ATOM   353  C  CB  . GLU A 1 45  ? 14.411  3.528   1.282   1.00 26.37 ? 144 GLU A CB  1 
ATOM   354  C  CG  . GLU A 1 45  ? 14.403  2.287   0.374   1.00 31.54 ? 144 GLU A CG  1 
ATOM   355  C  CD  . GLU A 1 45  ? 15.777  1.625   0.325   1.00 35.15 ? 144 GLU A CD  1 
ATOM   356  O  OE1 . GLU A 1 45  ? 16.800  2.314   0.198   1.00 38.40 ? 144 GLU A OE1 1 
ATOM   357  O  OE2 . GLU A 1 45  ? 15.797  0.392   0.384   1.00 37.75 ? 144 GLU A OE2 1 
ATOM   358  N  N   . ILE A 1 46  ? 14.128  4.816   4.414   1.00 22.51 ? 145 ILE A N   1 
ATOM   359  C  CA  . ILE A 1 46  ? 13.872  6.134   5.029   1.00 24.20 ? 145 ILE A CA  1 
ATOM   360  C  C   . ILE A 1 46  ? 13.914  6.177   6.547   1.00 24.51 ? 145 ILE A C   1 
ATOM   361  O  O   . ILE A 1 46  ? 13.878  5.146   7.215   1.00 25.48 ? 145 ILE A O   1 
ATOM   362  C  CB  . ILE A 1 46  ? 12.451  6.660   4.543   1.00 23.43 ? 145 ILE A CB  1 
ATOM   363  C  CG1 . ILE A 1 46  ? 11.365  5.594   4.841   1.00 22.16 ? 145 ILE A CG1 1 
ATOM   364  C  CG2 . ILE A 1 46  ? 12.523  7.052   3.055   1.00 23.80 ? 145 ILE A CG2 1 
ATOM   365  C  CD1 . ILE A 1 46  ? 9.943   6.102   4.634   1.00 19.71 ? 145 ILE A CD1 1 
ATOM   366  N  N   . PRO A 1 47  ? 13.914  7.380   7.129   1.00 25.63 ? 146 PRO A N   1 
ATOM   367  C  CA  . PRO A 1 47  ? 13.897  7.532   8.592   1.00 27.02 ? 146 PRO A CA  1 
ATOM   368  C  C   . PRO A 1 47  ? 12.654  7.037   9.337   1.00 27.43 ? 146 PRO A C   1 
ATOM   369  O  O   . PRO A 1 47  ? 12.723  6.837   10.553  1.00 30.41 ? 146 PRO A O   1 
ATOM   370  C  CB  . PRO A 1 47  ? 14.164  9.035   8.812   1.00 27.44 ? 146 PRO A CB  1 
ATOM   371  C  CG  . PRO A 1 47  ? 15.013  9.395   7.609   1.00 27.42 ? 146 PRO A CG  1 
ATOM   372  C  CD  . PRO A 1 47  ? 14.246  8.674   6.492   1.00 26.44 ? 146 PRO A CD  1 
ATOM   373  N  N   . LEU A 1 48  ? 11.502  6.872   8.694   1.00 26.30 ? 147 LEU A N   1 
ATOM   374  C  CA  . LEU A 1 48  ? 10.301  6.397   9.422   1.00 26.00 ? 147 LEU A CA  1 
ATOM   375  C  C   . LEU A 1 48  ? 10.388  4.993   10.042  1.00 24.13 ? 147 LEU A C   1 
ATOM   376  O  O   . LEU A 1 48  ? 11.216  4.135   9.721   1.00 25.66 ? 147 LEU A O   1 
ATOM   377  C  CB  . LEU A 1 48  ? 9.059   6.369   8.500   1.00 26.99 ? 147 LEU A CB  1 
ATOM   378  C  CG  . LEU A 1 48  ? 8.550   7.711   7.997   1.00 25.49 ? 147 LEU A CG  1 
ATOM   379  C  CD1 . LEU A 1 48  ? 7.473   7.481   6.925   1.00 26.47 ? 147 LEU A CD1 1 
ATOM   380  C  CD2 . LEU A 1 48  ? 8.011   8.519   9.177   1.00 26.99 ? 147 LEU A CD2 1 
ATOM   381  N  N   . HIS A 1 49  ? 9.473   4.739   10.962  1.00 23.44 ? 148 HIS A N   1 
ATOM   382  C  CA  . HIS A 1 49  ? 9.319   3.451   11.633  1.00 23.16 ? 148 HIS A CA  1 
ATOM   383  C  C   . HIS A 1 49  ? 7.813   3.284   11.738  1.00 22.53 ? 148 HIS A C   1 
ATOM   384  O  O   . HIS A 1 49  ? 7.059   4.262   11.847  1.00 20.08 ? 148 HIS A O   1 
ATOM   385  C  CB  . HIS A 1 49  ? 9.885   3.424   13.057  1.00 30.72 ? 148 HIS A CB  1 
ATOM   386  C  CG  . HIS A 1 49  ? 11.334  3.626   13.043  1.00 37.69 ? 148 HIS A CG  1 
ATOM   387  N  ND1 . HIS A 1 49  ? 12.210  2.895   12.298  1.00 39.25 ? 148 HIS A ND1 1 
ATOM   388  C  CD2 . HIS A 1 49  ? 12.033  4.624   13.735  1.00 40.76 ? 148 HIS A CD2 1 
ATOM   389  C  CE1 . HIS A 1 49  ? 13.452  3.432   12.524  1.00 40.90 ? 148 HIS A CE1 1 
ATOM   390  N  NE2 . HIS A 1 49  ? 13.344  4.491   13.400  1.00 41.34 ? 148 HIS A NE2 1 
ATOM   391  N  N   . PHE A 1 50  ? 7.365   2.047   11.731  1.00 20.10 ? 149 PHE A N   1 
ATOM   392  C  CA  . PHE A 1 50  ? 5.940   1.742   11.790  1.00 19.57 ? 149 PHE A CA  1 
ATOM   393  C  C   . PHE A 1 50  ? 5.680   0.892   13.012  1.00 19.67 ? 149 PHE A C   1 
ATOM   394  O  O   . PHE A 1 50  ? 6.610   0.199   13.477  1.00 20.22 ? 149 PHE A O   1 
ATOM   395  C  CB  . PHE A 1 50  ? 5.552   0.994   10.493  1.00 18.42 ? 149 PHE A CB  1 
ATOM   396  C  CG  . PHE A 1 50  ? 5.946   1.774   9.302   1.00 17.48 ? 149 PHE A CG  1 
ATOM   397  C  CD1 . PHE A 1 50  ? 5.186   2.886   8.895   1.00 15.37 ? 149 PHE A CD1 1 
ATOM   398  C  CD2 . PHE A 1 50  ? 7.106   1.397   8.586   1.00 15.63 ? 149 PHE A CD2 1 
ATOM   399  C  CE1 . PHE A 1 50  ? 5.593   3.625   7.764   1.00 16.73 ? 149 PHE A CE1 1 
ATOM   400  C  CE2 . PHE A 1 50  ? 7.503   2.144   7.457   1.00 16.46 ? 149 PHE A CE2 1 
ATOM   401  C  CZ  . PHE A 1 50  ? 6.747   3.262   7.045   1.00 15.26 ? 149 PHE A CZ  1 
ATOM   402  N  N   . ARG A 1 51  ? 4.444   0.982   13.534  1.00 18.73 ? 150 ARG A N   1 
ATOM   403  C  CA  . ARG A 1 51  ? 3.973   0.252   14.719  1.00 20.20 ? 150 ARG A CA  1 
ATOM   404  C  C   . ARG A 1 51  ? 2.538   -0.141  14.467  1.00 19.45 ? 150 ARG A C   1 
ATOM   405  O  O   . ARG A 1 51  ? 1.736   0.733   14.111  1.00 18.08 ? 150 ARG A O   1 
ATOM   406  C  CB  . ARG A 1 51  ? 3.933   1.114   15.991  1.00 25.90 ? 150 ARG A CB  1 
ATOM   407  C  CG  . ARG A 1 51  ? 5.229   1.690   16.524  1.00 32.60 ? 150 ARG A CG  1 
ATOM   408  C  CD  . ARG A 1 51  ? 6.114   0.652   17.208  1.00 41.87 ? 150 ARG A CD  1 
ATOM   409  N  NE  . ARG A 1 51  ? 7.380   1.334   17.541  1.00 49.39 ? 150 ARG A NE  1 
ATOM   410  C  CZ  . ARG A 1 51  ? 8.425   1.365   16.680  1.00 54.29 ? 150 ARG A CZ  1 
ATOM   411  N  NH1 . ARG A 1 51  ? 8.335   0.794   15.443  1.00 54.61 ? 150 ARG A NH1 1 
ATOM   412  N  NH2 . ARG A 1 51  ? 9.546   2.010   17.077  1.00 54.29 ? 150 ARG A NH2 1 
ATOM   413  N  N   . LYS A 1 52  ? 2.212   -1.431  14.628  1.00 17.36 ? 151 LYS A N   1 
ATOM   414  C  CA  . LYS A 1 52  ? 0.854   -1.948  14.419  1.00 16.22 ? 151 LYS A CA  1 
ATOM   415  C  C   . LYS A 1 52  ? 0.047   -1.801  15.680  1.00 15.64 ? 151 LYS A C   1 
ATOM   416  O  O   . LYS A 1 52  ? 0.553   -2.086  16.767  1.00 17.58 ? 151 LYS A O   1 
ATOM   417  C  CB  . LYS A 1 52  ? 0.944   -3.445  14.004  1.00 16.02 ? 151 LYS A CB  1 
ATOM   418  C  CG  . LYS A 1 52  ? -0.356  -4.289  13.864  1.00 20.61 ? 151 LYS A CG  1 
ATOM   419  C  CD  . LYS A 1 52  ? -0.191  -5.823  13.568  1.00 25.10 ? 151 LYS A CD  1 
ATOM   420  C  CE  . LYS A 1 52  ? -1.541  -6.611  13.725  1.00 32.33 ? 151 LYS A CE  1 
ATOM   421  N  NZ  . LYS A 1 52  ? -1.791  -7.749  12.795  1.00 37.80 ? 151 LYS A NZ  1 
ATOM   422  N  N   . VAL A 1 53  ? -1.188  -1.339  15.619  1.00 14.97 ? 152 VAL A N   1 
ATOM   423  C  CA  . VAL A 1 53  ? -2.049  -1.261  16.821  1.00 15.52 ? 152 VAL A CA  1 
ATOM   424  C  C   . VAL A 1 53  ? -3.271  -2.103  16.456  1.00 14.59 ? 152 VAL A C   1 
ATOM   425  O  O   . VAL A 1 53  ? -3.563  -2.313  15.278  1.00 14.62 ? 152 VAL A O   1 
ATOM   426  C  CB  . VAL A 1 53  ? -2.552  0.196   17.214  1.00 16.58 ? 152 VAL A CB  1 
ATOM   427  C  CG1 . VAL A 1 53  ? -1.341  1.043   17.619  1.00 18.50 ? 152 VAL A CG1 1 
ATOM   428  C  CG2 . VAL A 1 53  ? -3.271  0.907   16.071  1.00 18.25 ? 152 VAL A CG2 1 
ATOM   429  N  N   . VAL A 1 54  ? -4.024  -2.624  17.427  1.00 13.78 ? 153 VAL A N   1 
ATOM   430  C  CA  . VAL A 1 54  ? -5.188  -3.448  17.091  1.00 10.82 ? 153 VAL A CA  1 
ATOM   431  C  C   . VAL A 1 54  ? -6.496  -2.798  17.469  1.00 11.28 ? 153 VAL A C   1 
ATOM   432  O  O   . VAL A 1 54  ? -7.553  -3.416  17.339  1.00 11.43 ? 153 VAL A O   1 
ATOM   433  C  CB  . VAL A 1 54  ? -5.073  -4.873  17.781  1.00 12.81 ? 153 VAL A CB  1 
ATOM   434  C  CG1 . VAL A 1 54  ? -3.760  -5.495  17.253  1.00 9.31  ? 153 VAL A CG1 1 
ATOM   435  C  CG2 . VAL A 1 54  ? -5.180  -4.819  19.330  1.00 8.69  ? 153 VAL A CG2 1 
ATOM   436  N  N   . TRP A 1 55  ? -6.499  -1.537  17.874  1.00 11.24 ? 154 TRP A N   1 
ATOM   437  C  CA  . TRP A 1 55  ? -7.764  -0.920  18.252  1.00 10.80 ? 154 TRP A CA  1 
ATOM   438  C  C   . TRP A 1 55  ? -7.617  0.549   18.031  1.00 10.18 ? 154 TRP A C   1 
ATOM   439  O  O   . TRP A 1 55  ? -6.493  1.031   17.932  1.00 10.49 ? 154 TRP A O   1 
ATOM   440  C  CB  . TRP A 1 55  ? -8.080  -1.216  19.731  1.00 11.21 ? 154 TRP A CB  1 
ATOM   441  C  CG  . TRP A 1 55  ? -7.178  -0.494  20.631  1.00 15.91 ? 154 TRP A CG  1 
ATOM   442  C  CD1 . TRP A 1 55  ? -5.850  -0.800  20.972  1.00 13.91 ? 154 TRP A CD1 1 
ATOM   443  C  CD2 . TRP A 1 55  ? -7.482  0.711   21.297  1.00 17.22 ? 154 TRP A CD2 1 
ATOM   444  N  NE1 . TRP A 1 55  ? -5.342  0.147   21.810  1.00 17.21 ? 154 TRP A NE1 1 
ATOM   445  C  CE2 . TRP A 1 55  ? -6.322  1.082   22.020  1.00 16.90 ? 154 TRP A CE2 1 
ATOM   446  C  CE3 . TRP A 1 55  ? -8.633  1.500   21.341  1.00 17.51 ? 154 TRP A CE3 1 
ATOM   447  C  CZ2 . TRP A 1 55  ? -6.334  2.252   22.784  1.00 19.60 ? 154 TRP A CZ2 1 
ATOM   448  C  CZ3 . TRP A 1 55  ? -8.622  2.667   22.109  1.00 18.43 ? 154 TRP A CZ3 1 
ATOM   449  C  CH2 . TRP A 1 55  ? -7.479  3.038   22.829  1.00 18.66 ? 154 TRP A CH2 1 
ATOM   450  N  N   . GLY A 1 56  ? -8.731  1.261   17.984  1.00 12.52 ? 155 GLY A N   1 
ATOM   451  C  CA  . GLY A 1 56  ? -8.737  2.704   17.771  1.00 13.07 ? 155 GLY A CA  1 
ATOM   452  C  C   . GLY A 1 56  ? -8.185  3.079   16.414  1.00 15.34 ? 155 GLY A C   1 
ATOM   453  O  O   . GLY A 1 56  ? -8.190  2.292   15.455  1.00 14.17 ? 155 GLY A O   1 
ATOM   454  N  N   . THR A 1 57  ? -7.808  4.349   16.369  1.00 17.27 ? 156 THR A N   1 
ATOM   455  C  CA  . THR A 1 57  ? -7.222  5.037   15.221  1.00 19.98 ? 156 THR A CA  1 
ATOM   456  C  C   . THR A 1 57  ? -5.731  4.781   15.127  1.00 18.68 ? 156 THR A C   1 
ATOM   457  O  O   . THR A 1 57  ? -4.988  4.725   16.117  1.00 20.21 ? 156 THR A O   1 
ATOM   458  C  CB  . THR A 1 57  ? -7.439  6.570   15.346  1.00 22.82 ? 156 THR A CB  1 
ATOM   459  O  OG1 . THR A 1 57  ? -8.850  6.806   15.516  1.00 27.89 ? 156 THR A OG1 1 
ATOM   460  C  CG2 . THR A 1 57  ? -6.911  7.344   14.109  1.00 22.95 ? 156 THR A CG2 1 
ATOM   461  N  N   . ALA A 1 58  ? -5.302  4.757   13.899  1.00 15.71 ? 157 ALA A N   1 
ATOM   462  C  CA  . ALA A 1 58  ? -3.917  4.564   13.503  1.00 12.98 ? 157 ALA A CA  1 
ATOM   463  C  C   . ALA A 1 58  ? -3.781  5.512   12.348  1.00 10.71 ? 157 ALA A C   1 
ATOM   464  O  O   . ALA A 1 58  ? -4.804  5.937   11.790  1.00 10.05 ? 157 ALA A O   1 
ATOM   465  C  CB  . ALA A 1 58  ? -3.675  3.153   12.972  1.00 13.96 ? 157 ALA A CB  1 
ATOM   466  N  N   . ASP A 1 59  ? -2.583  5.930   12.007  1.00 10.36 ? 158 ASP A N   1 
ATOM   467  C  CA  . ASP A 1 59  ? -2.400  6.830   10.865  1.00 10.72 ? 158 ASP A CA  1 
ATOM   468  C  C   . ASP A 1 59  ? -2.817  6.088   9.616   1.00 11.64 ? 158 ASP A C   1 
ATOM   469  O  O   . ASP A 1 59  ? -3.576  6.635   8.791   1.00 12.37 ? 158 ASP A O   1 
ATOM   470  C  CB  . ASP A 1 59  ? -0.937  7.253   10.730  1.00 11.91 ? 158 ASP A CB  1 
ATOM   471  C  CG  . ASP A 1 59  ? -0.524  7.975   11.980  1.00 13.78 ? 158 ASP A CG  1 
ATOM   472  O  OD1 . ASP A 1 59  ? -1.280  8.821   12.470  1.00 14.01 ? 158 ASP A OD1 1 
ATOM   473  O  OD2 . ASP A 1 59  ? 0.557   7.687   12.474  1.00 15.60 ? 158 ASP A OD2 1 
ATOM   474  N  N   . ILE A 1 60  ? -2.369  4.845   9.436   1.00 10.70 ? 159 ILE A N   1 
ATOM   475  C  CA  . ILE A 1 60  ? -2.748  4.072   8.249   1.00 8.25  ? 159 ILE A CA  1 
ATOM   476  C  C   . ILE A 1 60  ? -3.789  3.028   8.610   1.00 7.64  ? 159 ILE A C   1 
ATOM   477  O  O   . ILE A 1 60  ? -3.508  2.087   9.366   1.00 7.09  ? 159 ILE A O   1 
ATOM   478  C  CB  . ILE A 1 60  ? -1.461  3.430   7.649   1.00 10.95 ? 159 ILE A CB  1 
ATOM   479  C  CG1 . ILE A 1 60  ? -0.441  4.554   7.271   1.00 13.57 ? 159 ILE A CG1 1 
ATOM   480  C  CG2 . ILE A 1 60  ? -1.836  2.573   6.385   1.00 9.04  ? 159 ILE A CG2 1 
ATOM   481  C  CD1 . ILE A 1 60  ? 0.906   4.018   6.717   1.00 13.17 ? 159 ILE A CD1 1 
ATOM   482  N  N   . MET A 1 61  ? -5.024  3.215   8.168   1.00 7.27  ? 160 MET A N   1 
ATOM   483  C  CA  . MET A 1 61  ? -6.070  2.238   8.456   1.00 9.32  ? 160 MET A CA  1 
ATOM   484  C  C   . MET A 1 61  ? -6.110  1.360   7.227   1.00 9.00  ? 160 MET A C   1 
ATOM   485  O  O   . MET A 1 61  ? -6.185  1.874   6.112   1.00 8.47  ? 160 MET A O   1 
ATOM   486  C  CB  . MET A 1 61  ? -7.418  2.937   8.678   1.00 9.65  ? 160 MET A CB  1 
ATOM   487  C  CG  . MET A 1 61  ? -7.403  3.832   9.934   1.00 11.41 ? 160 MET A CG  1 
ATOM   488  S  SD  . MET A 1 61  ? -7.383  2.957   11.512  1.00 13.11 ? 160 MET A SD  1 
ATOM   489  C  CE  . MET A 1 61  ? -9.147  2.656   11.777  1.00 8.87  ? 160 MET A CE  1 
ATOM   490  N  N   . ILE A 1 62  ? -6.018  0.042   7.401   1.00 10.10 ? 161 ILE A N   1 
ATOM   491  C  CA  . ILE A 1 62  ? -6.007  -0.910  6.270   1.00 12.17 ? 161 ILE A CA  1 
ATOM   492  C  C   . ILE A 1 62  ? -7.221  -1.820  6.294   1.00 12.43 ? 161 ILE A C   1 
ATOM   493  O  O   . ILE A 1 62  ? -7.545  -2.347  7.353   1.00 14.78 ? 161 ILE A O   1 
ATOM   494  C  CB  . ILE A 1 62  ? -4.682  -1.748  6.341   1.00 12.50 ? 161 ILE A CB  1 
ATOM   495  C  CG1 . ILE A 1 62  ? -3.436  -0.802  6.360   1.00 12.47 ? 161 ILE A CG1 1 
ATOM   496  C  CG2 . ILE A 1 62  ? -4.661  -2.732  5.152   1.00 10.53 ? 161 ILE A CG2 1 
ATOM   497  C  CD1 . ILE A 1 62  ? -2.065  -1.433  6.641   1.00 10.75 ? 161 ILE A CD1 1 
ATOM   498  N  N   . GLY A 1 63  ? -7.882  -2.096  5.181   1.00 12.22 ? 162 GLY A N   1 
ATOM   499  C  CA  . GLY A 1 63  ? -9.048  -2.970  5.211   1.00 11.41 ? 162 GLY A CA  1 
ATOM   500  C  C   . GLY A 1 63  ? -9.431  -3.416  3.828   1.00 10.49 ? 162 GLY A C   1 
ATOM   501  O  O   . GLY A 1 63  ? -9.004  -2.862  2.827   1.00 12.34 ? 162 GLY A O   1 
ATOM   502  N  N   . PHE A 1 64  ? -10.170 -4.492  3.760   1.00 12.85 ? 163 PHE A N   1 
ATOM   503  C  CA  . PHE A 1 64  ? -10.689 -5.119  2.537   1.00 14.56 ? 163 PHE A CA  1 
ATOM   504  C  C   . PHE A 1 64  ? -12.141 -4.728  2.437   1.00 16.10 ? 163 PHE A C   1 
ATOM   505  O  O   . PHE A 1 64  ? -12.787 -4.603  3.486   1.00 19.94 ? 163 PHE A O   1 
ATOM   506  C  CB  . PHE A 1 64  ? -10.604 -6.667  2.629   1.00 12.79 ? 163 PHE A CB  1 
ATOM   507  C  CG  . PHE A 1 64  ? -9.201  -7.090  2.508   1.00 14.22 ? 163 PHE A CG  1 
ATOM   508  C  CD1 . PHE A 1 64  ? -8.339  -7.019  3.607   1.00 13.81 ? 163 PHE A CD1 1 
ATOM   509  C  CD2 . PHE A 1 64  ? -8.712  -7.492  1.260   1.00 12.50 ? 163 PHE A CD2 1 
ATOM   510  C  CE1 . PHE A 1 64  ? -6.989  -7.347  3.476   1.00 12.50 ? 163 PHE A CE1 1 
ATOM   511  C  CE2 . PHE A 1 64  ? -7.359  -7.820  1.131   1.00 14.94 ? 163 PHE A CE2 1 
ATOM   512  C  CZ  . PHE A 1 64  ? -6.499  -7.748  2.237   1.00 13.48 ? 163 PHE A CZ  1 
ATOM   513  N  N   . ALA A 1 65  ? -12.724 -4.588  1.258   1.00 17.47 ? 164 ALA A N   1 
ATOM   514  C  CA  . ALA A 1 65  ? -14.159 -4.225  1.182   1.00 16.46 ? 164 ALA A CA  1 
ATOM   515  C  C   . ALA A 1 65  ? -14.640 -4.447  -0.208  1.00 15.45 ? 164 ALA A C   1 
ATOM   516  O  O   . ALA A 1 65  ? -13.855 -4.374  -1.148  1.00 15.74 ? 164 ALA A O   1 
ATOM   517  C  CB  . ALA A 1 65  ? -14.430 -2.733  1.488   1.00 12.54 ? 164 ALA A CB  1 
ATOM   518  N  N   . ARG A 1 66  ? -15.870 -4.843  -0.381  1.00 15.50 ? 165 ARG A N   1 
ATOM   519  C  CA  . ARG A 1 66  ? -16.317 -4.980  -1.753  1.00 18.38 ? 165 ARG A CA  1 
ATOM   520  C  C   . ARG A 1 66  ? -17.314 -3.864  -1.967  1.00 18.63 ? 165 ARG A C   1 
ATOM   521  O  O   . ARG A 1 66  ? -17.957 -3.372  -1.031  1.00 20.76 ? 165 ARG A O   1 
ATOM   522  C  CB  . ARG A 1 66  ? -16.912 -6.400  -1.966  1.00 20.26 ? 165 ARG A CB  1 
ATOM   523  C  CG  . ARG A 1 66  ? -17.858 -7.042  -0.950  1.00 28.54 ? 165 ARG A CG  1 
ATOM   524  C  CD  . ARG A 1 66  ? -18.162 -8.535  -1.220  1.00 36.14 ? 165 ARG A CD  1 
ATOM   525  N  NE  . ARG A 1 66  ? -18.321 -8.680  -2.681  1.00 48.75 ? 165 ARG A NE  1 
ATOM   526  C  CZ  . ARG A 1 66  ? -19.335 -8.178  -3.430  1.00 53.01 ? 165 ARG A CZ  1 
ATOM   527  N  NH1 . ARG A 1 66  ? -20.309 -7.425  -2.876  1.00 56.40 ? 165 ARG A NH1 1 
ATOM   528  N  NH2 . ARG A 1 66  ? -19.316 -8.386  -4.757  1.00 54.79 ? 165 ARG A NH2 1 
ATOM   529  N  N   . GLY A 1 67  ? -17.406 -3.338  -3.170  1.00 17.40 ? 166 GLY A N   1 
ATOM   530  C  CA  . GLY A 1 67  ? -18.396 -2.284  -3.421  1.00 14.33 ? 166 GLY A CA  1 
ATOM   531  C  C   . GLY A 1 67  ? -18.239 -0.994  -2.617  1.00 15.54 ? 166 GLY A C   1 
ATOM   532  O  O   . GLY A 1 67  ? -17.128 -0.543  -2.283  1.00 14.54 ? 166 GLY A O   1 
ATOM   533  N  N   . ALA A 1 68  ? -19.362 -0.306  -2.463  1.00 10.49 ? 167 ALA A N   1 
ATOM   534  C  CA  . ALA A 1 68  ? -19.386 0.965   -1.741  1.00 11.95 ? 167 ALA A CA  1 
ATOM   535  C  C   . ALA A 1 68  ? -19.033 0.699   -0.280  1.00 15.57 ? 167 ALA A C   1 
ATOM   536  O  O   . ALA A 1 68  ? -19.599 -0.234  0.314   1.00 16.65 ? 167 ALA A O   1 
ATOM   537  C  CB  . ALA A 1 68  ? -20.791 1.553   -1.857  1.00 10.67 ? 167 ALA A CB  1 
ATOM   538  N  N   . HIS A 1 69  ? -18.129 1.501   0.330   1.00 16.46 ? 168 HIS A N   1 
ATOM   539  C  CA  . HIS A 1 69  ? -17.748 1.249   1.754   1.00 15.33 ? 168 HIS A CA  1 
ATOM   540  C  C   . HIS A 1 69  ? -17.514 2.485   2.618   1.00 14.65 ? 168 HIS A C   1 
ATOM   541  O  O   . HIS A 1 69  ? -16.678 2.490   3.527   1.00 14.18 ? 168 HIS A O   1 
ATOM   542  C  CB  . HIS A 1 69  ? -16.470 0.348   1.815   1.00 15.16 ? 168 HIS A CB  1 
ATOM   543  C  CG  . HIS A 1 69  ? -15.381 0.787   0.831   1.00 11.84 ? 168 HIS A CG  1 
ATOM   544  N  ND1 . HIS A 1 69  ? -15.368 0.561   -0.473  1.00 11.95 ? 168 HIS A ND1 1 
ATOM   545  C  CD2 . HIS A 1 69  ? -14.288 1.543   1.142   1.00 9.28  ? 168 HIS A CD2 1 
ATOM   546  C  CE1 . HIS A 1 69  ? -14.318 1.154   -0.988  1.00 10.16 ? 168 HIS A CE1 1 
ATOM   547  N  NE2 . HIS A 1 69  ? -13.687 1.730   -0.008  1.00 9.18  ? 168 HIS A NE2 1 
ATOM   548  N  N   . GLY A 1 70  ? -18.240 3.561   2.317   1.00 12.59 ? 169 GLY A N   1 
ATOM   549  C  CA  . GLY A 1 70  ? -18.146 4.785   3.115   1.00 16.75 ? 169 GLY A CA  1 
ATOM   550  C  C   . GLY A 1 70  ? -17.389 5.969   2.548   1.00 18.82 ? 169 GLY A C   1 
ATOM   551  O  O   . GLY A 1 70  ? -17.915 7.101   2.569   1.00 23.62 ? 169 GLY A O   1 
ATOM   552  N  N   . ASP A 1 71  ? -16.224 5.735   1.955   1.00 19.24 ? 170 ASP A N   1 
ATOM   553  C  CA  . ASP A 1 71  ? -15.374 6.818   1.433   1.00 18.94 ? 170 ASP A CA  1 
ATOM   554  C  C   . ASP A 1 71  ? -15.668 7.452   0.081   1.00 20.83 ? 170 ASP A C   1 
ATOM   555  O  O   . ASP A 1 71  ? -14.901 8.320   -0.359  1.00 22.78 ? 170 ASP A O   1 
ATOM   556  C  CB  . ASP A 1 71  ? -13.913 6.310   1.468   1.00 16.02 ? 170 ASP A CB  1 
ATOM   557  C  CG  . ASP A 1 71  ? -13.537 5.287   0.400   1.00 16.67 ? 170 ASP A CG  1 
ATOM   558  O  OD1 . ASP A 1 71  ? -14.321 4.743   -0.374  1.00 14.05 ? 170 ASP A OD1 1 
ATOM   559  O  OD2 . ASP A 1 71  ? -12.362 4.934   0.345   1.00 18.70 ? 170 ASP A OD2 1 
ATOM   560  N  N   . SER A 1 72  ? -16.782 7.098   -0.573  1.00 20.09 ? 171 SER A N   1 
ATOM   561  C  CA  . SER A 1 72  ? -17.147 7.670   -1.884  1.00 23.87 ? 171 SER A CA  1 
ATOM   562  C  C   . SER A 1 72  ? -16.271 7.239   -3.055  1.00 24.88 ? 171 SER A C   1 
ATOM   563  O  O   . SER A 1 72  ? -16.225 7.954   -4.060  1.00 27.39 ? 171 SER A O   1 
ATOM   564  C  CB  . SER A 1 72  ? -17.135 9.221   -1.845  1.00 25.73 ? 171 SER A CB  1 
ATOM   565  O  OG  . SER A 1 72  ? -17.523 9.603   -0.506  1.00 38.49 ? 171 SER A OG  1 
ATOM   566  N  N   . TYR A 1 73  ? -15.584 6.085   -2.969  1.00 23.40 ? 172 TYR A N   1 
ATOM   567  C  CA  . TYR A 1 73  ? -14.782 5.537   -4.084  1.00 19.99 ? 172 TYR A CA  1 
ATOM   568  C  C   . TYR A 1 73  ? -15.166 4.053   -4.095  1.00 18.82 ? 172 TYR A C   1 
ATOM   569  O  O   . TYR A 1 73  ? -14.411 3.175   -3.659  1.00 18.98 ? 172 TYR A O   1 
ATOM   570  C  CB  . TYR A 1 73  ? -13.284 5.693   -3.819  1.00 21.36 ? 172 TYR A CB  1 
ATOM   571  C  CG  . TYR A 1 73  ? -12.947 7.103   -3.717  1.00 24.06 ? 172 TYR A CG  1 
ATOM   572  C  CD1 . TYR A 1 73  ? -12.893 7.860   -4.889  1.00 26.67 ? 172 TYR A CD1 1 
ATOM   573  C  CD2 . TYR A 1 73  ? -12.720 7.682   -2.456  1.00 25.97 ? 172 TYR A CD2 1 
ATOM   574  C  CE1 . TYR A 1 73  ? -12.607 9.233   -4.795  1.00 30.60 ? 172 TYR A CE1 1 
ATOM   575  C  CE2 . TYR A 1 73  ? -12.436 9.049   -2.358  1.00 29.02 ? 172 TYR A CE2 1 
ATOM   576  C  CZ  . TYR A 1 73  ? -12.383 9.821   -3.537  1.00 31.73 ? 172 TYR A CZ  1 
ATOM   577  O  OH  . TYR A 1 73  ? -12.133 11.185  -3.487  1.00 35.04 ? 172 TYR A OH  1 
ATOM   578  N  N   . PRO A 1 74  ? -16.427 3.735   -4.456  1.00 17.08 ? 173 PRO A N   1 
ATOM   579  C  CA  . PRO A 1 74  ? -16.918 2.347   -4.416  1.00 15.69 ? 173 PRO A CA  1 
ATOM   580  C  C   . PRO A 1 74  ? -16.020 1.401   -5.186  1.00 15.66 ? 173 PRO A C   1 
ATOM   581  O  O   . PRO A 1 74  ? -15.397 1.810   -6.165  1.00 15.70 ? 173 PRO A O   1 
ATOM   582  C  CB  . PRO A 1 74  ? -18.306 2.375   -5.038  1.00 13.18 ? 173 PRO A CB  1 
ATOM   583  C  CG  . PRO A 1 74  ? -18.684 3.810   -4.742  1.00 12.72 ? 173 PRO A CG  1 
ATOM   584  C  CD  . PRO A 1 74  ? -17.445 4.603   -5.060  1.00 13.72 ? 173 PRO A CD  1 
ATOM   585  N  N   . PHE A 1 75  ? -15.875 0.159   -4.753  1.00 14.38 ? 174 PHE A N   1 
ATOM   586  C  CA  . PHE A 1 75  ? -15.072 -0.726  -5.575  1.00 10.68 ? 174 PHE A CA  1 
ATOM   587  C  C   . PHE A 1 75  ? -15.978 -1.181  -6.718  1.00 11.26 ? 174 PHE A C   1 
ATOM   588  O  O   . PHE A 1 75  ? -17.208 -1.090  -6.710  1.00 10.67 ? 174 PHE A O   1 
ATOM   589  C  CB  . PHE A 1 75  ? -14.548 -1.863  -4.720  1.00 6.39  ? 174 PHE A CB  1 
ATOM   590  C  CG  . PHE A 1 75  ? -13.314 -1.414  -4.052  1.00 5.10  ? 174 PHE A CG  1 
ATOM   591  C  CD1 . PHE A 1 75  ? -12.260 -0.856  -4.807  1.00 6.36  ? 174 PHE A CD1 1 
ATOM   592  C  CD2 . PHE A 1 75  ? -13.156 -1.606  -2.670  1.00 2.07  ? 174 PHE A CD2 1 
ATOM   593  C  CE1 . PHE A 1 75  ? -11.049 -0.493  -4.176  1.00 6.43  ? 174 PHE A CE1 1 
ATOM   594  C  CE2 . PHE A 1 75  ? -11.955 -1.241  -2.060  1.00 2.00  ? 174 PHE A CE2 1 
ATOM   595  C  CZ  . PHE A 1 75  ? -10.899 -0.685  -2.806  1.00 2.00  ? 174 PHE A CZ  1 
ATOM   596  N  N   . ASP A 1 76  ? -15.363 -1.775  -7.700  1.00 12.24 ? 175 ASP A N   1 
ATOM   597  C  CA  . ASP A 1 76  ? -16.060 -2.182  -8.913  1.00 10.73 ? 175 ASP A CA  1 
ATOM   598  C  C   . ASP A 1 76  ? -16.160 -3.647  -9.190  1.00 9.59  ? 175 ASP A C   1 
ATOM   599  O  O   . ASP A 1 76  ? -16.307 -4.000  -10.349 1.00 13.45 ? 175 ASP A O   1 
ATOM   600  C  CB  . ASP A 1 76  ? -15.326 -1.448  -10.061 1.00 10.20 ? 175 ASP A CB  1 
ATOM   601  C  CG  . ASP A 1 76  ? -13.847 -1.816  -10.069 1.00 11.88 ? 175 ASP A CG  1 
ATOM   602  O  OD1 . ASP A 1 76  ? -13.442 -2.708  -9.339  1.00 8.57  ? 175 ASP A OD1 1 
ATOM   603  O  OD2 . ASP A 1 76  ? -13.047 -1.215  -10.771 1.00 13.70 ? 175 ASP A OD2 1 
ATOM   604  N  N   . GLY A 1 77  ? -16.124 -4.545  -8.224  1.00 9.90  ? 176 GLY A N   1 
ATOM   605  C  CA  . GLY A 1 77  ? -16.244 -5.983  -8.527  1.00 8.95  ? 176 GLY A CA  1 
ATOM   606  C  C   . GLY A 1 77  ? -14.914 -6.550  -9.004  1.00 9.50  ? 176 GLY A C   1 
ATOM   607  O  O   . GLY A 1 77  ? -13.913 -5.831  -8.976  1.00 10.81 ? 176 GLY A O   1 
ATOM   608  N  N   . PRO A 1 78  ? -14.821 -7.807  -9.418  1.00 8.97  ? 177 PRO A N   1 
ATOM   609  C  CA  . PRO A 1 78  ? -13.561 -8.450  -9.771  1.00 8.41  ? 177 PRO A CA  1 
ATOM   610  C  C   . PRO A 1 78  ? -12.878 -7.687  -10.884 1.00 10.69 ? 177 PRO A C   1 
ATOM   611  O  O   . PRO A 1 78  ? -13.555 -7.261  -11.815 1.00 11.88 ? 177 PRO A O   1 
ATOM   612  C  CB  . PRO A 1 78  ? -13.926 -9.860  -10.229 1.00 9.47  ? 177 PRO A CB  1 
ATOM   613  C  CG  . PRO A 1 78  ? -15.312 -10.092 -9.698  1.00 7.63  ? 177 PRO A CG  1 
ATOM   614  C  CD  . PRO A 1 78  ? -15.946 -8.700  -9.710  1.00 8.50  ? 177 PRO A CD  1 
ATOM   615  N  N   . GLY A 1 79  ? -11.555 -7.560  -10.917 1.00 10.52 ? 178 GLY A N   1 
ATOM   616  C  CA  . GLY A 1 79  ? -10.872 -6.836  -11.998 1.00 10.87 ? 178 GLY A CA  1 
ATOM   617  C  C   . GLY A 1 79  ? -10.906 -5.335  -11.900 1.00 12.25 ? 178 GLY A C   1 
ATOM   618  O  O   . GLY A 1 79  ? -11.355 -4.768  -10.902 1.00 12.47 ? 178 GLY A O   1 
ATOM   619  N  N   . ASN A 1 80  ? -10.355 -4.670  -12.901 1.00 12.42 ? 179 ASN A N   1 
ATOM   620  C  CA  . ASN A 1 80  ? -10.266 -3.204  -12.989 1.00 11.45 ? 179 ASN A CA  1 
ATOM   621  C  C   . ASN A 1 80  ? -9.583  -2.642  -11.761 1.00 10.73 ? 179 ASN A C   1 
ATOM   622  O  O   . ASN A 1 80  ? -8.457  -3.062  -11.536 1.00 8.37  ? 179 ASN A O   1 
ATOM   623  C  CB  . ASN A 1 80  ? -11.675 -2.664  -13.181 1.00 14.32 ? 179 ASN A CB  1 
ATOM   624  C  CG  . ASN A 1 80  ? -12.163 -2.960  -14.576 1.00 18.15 ? 179 ASN A CG  1 
ATOM   625  O  OD1 . ASN A 1 80  ? -13.214 -2.480  -14.969 1.00 23.00 ? 179 ASN A OD1 1 
ATOM   626  N  ND2 . ASN A 1 80  ? -11.499 -3.737  -15.425 1.00 22.60 ? 179 ASN A ND2 1 
ATOM   627  N  N   . THR A 1 81  ? -10.126 -1.729  -10.951 1.00 7.98  ? 180 THR A N   1 
ATOM   628  C  CA  . THR A 1 81  ? -9.407  -1.239  -9.776  1.00 8.13  ? 180 THR A CA  1 
ATOM   629  C  C   . THR A 1 81  ? -9.276  -2.346  -8.776  1.00 8.08  ? 180 THR A C   1 
ATOM   630  O  O   . THR A 1 81  ? -10.279 -2.938  -8.353  1.00 7.84  ? 180 THR A O   1 
ATOM   631  C  CB  . THR A 1 81  ? -10.171 -0.075  -9.119  1.00 8.97  ? 180 THR A CB  1 
ATOM   632  O  OG1 . THR A 1 81  ? -10.397 0.903   -10.146 1.00 13.21 ? 180 THR A OG1 1 
ATOM   633  C  CG2 . THR A 1 81  ? -9.399  0.554   -7.928  1.00 6.62  ? 180 THR A CG2 1 
ATOM   634  N  N   . LEU A 1 82  ? -8.068  -2.702  -8.418  1.00 8.01  ? 181 LEU A N   1 
ATOM   635  C  CA  . LEU A 1 82  ? -7.791  -3.758  -7.418  1.00 8.45  ? 181 LEU A CA  1 
ATOM   636  C  C   . LEU A 1 82  ? -7.833  -3.256  -5.980  1.00 6.60  ? 181 LEU A C   1 
ATOM   637  O  O   . LEU A 1 82  ? -8.154  -3.993  -5.056  1.00 8.30  ? 181 LEU A O   1 
ATOM   638  C  CB  . LEU A 1 82  ? -6.393  -4.342  -7.669  1.00 7.54  ? 181 LEU A CB  1 
ATOM   639  C  CG  . LEU A 1 82  ? -6.136  -5.414  -8.734  1.00 10.50 ? 181 LEU A CG  1 
ATOM   640  C  CD1 . LEU A 1 82  ? -7.274  -5.538  -9.730  1.00 7.60  ? 181 LEU A CD1 1 
ATOM   641  C  CD2 . LEU A 1 82  ? -4.737  -5.100  -9.297  1.00 7.94  ? 181 LEU A CD2 1 
ATOM   642  N  N   . ALA A 1 83  ? -7.437  -2.006  -5.768  1.00 5.94  ? 182 ALA A N   1 
ATOM   643  C  CA  . ALA A 1 83  ? -7.341  -1.398  -4.447  1.00 6.00  ? 182 ALA A CA  1 
ATOM   644  C  C   . ALA A 1 83  ? -7.149  0.105   -4.624  1.00 8.05  ? 182 ALA A C   1 
ATOM   645  O  O   . ALA A 1 83  ? -7.183  0.544   -5.778  1.00 9.48  ? 182 ALA A O   1 
ATOM   646  C  CB  . ALA A 1 83  ? -6.112  -2.011  -3.765  1.00 5.74  ? 182 ALA A CB  1 
ATOM   647  N  N   . HIS A 1 84  ? -7.096  0.918   -3.555  1.00 7.22  ? 183 HIS A N   1 
ATOM   648  C  CA  . HIS A 1 84  ? -6.828  2.376   -3.666  1.00 8.85  ? 183 HIS A CA  1 
ATOM   649  C  C   . HIS A 1 84  ? -6.346  2.882   -2.290  1.00 8.97  ? 183 HIS A C   1 
ATOM   650  O  O   . HIS A 1 84  ? -6.748  2.374   -1.232  1.00 5.84  ? 183 HIS A O   1 
ATOM   651  C  CB  . HIS A 1 84  ? -8.074  3.244   -4.137  1.00 5.36  ? 183 HIS A CB  1 
ATOM   652  C  CG  . HIS A 1 84  ? -9.374  3.082   -3.369  1.00 9.17  ? 183 HIS A CG  1 
ATOM   653  N  ND1 . HIS A 1 84  ? -10.544 2.929   -3.973  1.00 9.40  ? 183 HIS A ND1 1 
ATOM   654  C  CD2 . HIS A 1 84  ? -9.567  3.013   -2.009  1.00 8.09  ? 183 HIS A CD2 1 
ATOM   655  C  CE1 . HIS A 1 84  ? -11.443 2.762   -3.048  1.00 8.99  ? 183 HIS A CE1 1 
ATOM   656  N  NE2 . HIS A 1 84  ? -10.849 2.811   -1.888  1.00 10.02 ? 183 HIS A NE2 1 
ATOM   657  N  N   . ALA A 1 85  ? -5.467  3.877   -2.283  1.00 9.91  ? 184 ALA A N   1 
ATOM   658  C  CA  . ALA A 1 85  ? -4.922  4.416   -1.026  1.00 12.00 ? 184 ALA A CA  1 
ATOM   659  C  C   . ALA A 1 85  ? -4.955  5.934   -1.106  1.00 12.77 ? 184 ALA A C   1 
ATOM   660  O  O   . ALA A 1 85  ? -5.065  6.476   -2.206  1.00 15.79 ? 184 ALA A O   1 
ATOM   661  C  CB  . ALA A 1 85  ? -3.451  3.971   -0.805  1.00 10.23 ? 184 ALA A CB  1 
ATOM   662  N  N   . PHE A 1 86  ? -4.819  6.638   0.013   1.00 10.57 ? 185 PHE A N   1 
ATOM   663  C  CA  . PHE A 1 86  ? -4.885  8.091   0.014   1.00 8.13  ? 185 PHE A CA  1 
ATOM   664  C  C   . PHE A 1 86  ? -3.622  8.705   0.546   1.00 9.16  ? 185 PHE A C   1 
ATOM   665  O  O   . PHE A 1 86  ? -2.964  8.139   1.428   1.00 6.31  ? 185 PHE A O   1 
ATOM   666  C  CB  . PHE A 1 86  ? -6.107  8.513   0.871   1.00 9.99  ? 185 PHE A CB  1 
ATOM   667  C  CG  . PHE A 1 86  ? -7.319  7.811   0.422   1.00 13.60 ? 185 PHE A CG  1 
ATOM   668  C  CD1 . PHE A 1 86  ? -7.615  6.523   0.900   1.00 15.85 ? 185 PHE A CD1 1 
ATOM   669  C  CD2 . PHE A 1 86  ? -8.126  8.394   -0.576  1.00 14.98 ? 185 PHE A CD2 1 
ATOM   670  C  CE1 . PHE A 1 86  ? -8.705  5.801   0.387   1.00 14.81 ? 185 PHE A CE1 1 
ATOM   671  C  CE2 . PHE A 1 86  ? -9.223  7.684   -1.099  1.00 14.84 ? 185 PHE A CE2 1 
ATOM   672  C  CZ  . PHE A 1 86  ? -9.499  6.395   -0.612  1.00 16.13 ? 185 PHE A CZ  1 
ATOM   673  N  N   . ALA A 1 87  ? -3.308  9.913   0.072   1.00 8.56  ? 186 ALA A N   1 
ATOM   674  C  CA  . ALA A 1 87  ? -2.106  10.639  0.493   1.00 8.64  ? 186 ALA A CA  1 
ATOM   675  C  C   . ALA A 1 87  ? -2.107  10.831  2.005   1.00 10.68 ? 186 ALA A C   1 
ATOM   676  O  O   . ALA A 1 87  ? -3.196  10.875  2.592   1.00 11.26 ? 186 ALA A O   1 
ATOM   677  C  CB  . ALA A 1 87  ? -2.072  12.018  -0.193  1.00 4.79  ? 186 ALA A CB  1 
ATOM   678  N  N   . PRO A 1 88  ? -0.926  10.912  2.659   1.00 11.78 ? 187 PRO A N   1 
ATOM   679  C  CA  . PRO A 1 88  ? -0.802  11.191  4.098   1.00 13.25 ? 187 PRO A CA  1 
ATOM   680  C  C   . PRO A 1 88  ? -1.669  12.354  4.524   1.00 14.40 ? 187 PRO A C   1 
ATOM   681  O  O   . PRO A 1 88  ? -1.730  13.368  3.834   1.00 16.16 ? 187 PRO A O   1 
ATOM   682  C  CB  . PRO A 1 88  ? 0.684   11.516  4.369   1.00 10.81 ? 187 PRO A CB  1 
ATOM   683  C  CG  . PRO A 1 88  ? 1.365   10.710  3.272   1.00 12.04 ? 187 PRO A CG  1 
ATOM   684  C  CD  . PRO A 1 88  ? 0.428   10.879  2.052   1.00 11.45 ? 187 PRO A CD  1 
ATOM   685  N  N   . GLY A 1 89  ? -2.273  12.275  5.695   1.00 16.40 ? 188 GLY A N   1 
ATOM   686  C  CA  . GLY A 1 89  ? -3.142  13.338  6.237   1.00 15.99 ? 188 GLY A CA  1 
ATOM   687  C  C   . GLY A 1 89  ? -3.974  12.711  7.334   1.00 17.27 ? 188 GLY A C   1 
ATOM   688  O  O   . GLY A 1 89  ? -3.768  11.524  7.603   1.00 13.43 ? 188 GLY A O   1 
ATOM   689  N  N   . THR A 1 90  ? -4.861  13.464  7.993   1.00 18.01 ? 189 THR A N   1 
ATOM   690  C  CA  . THR A 1 90  ? -5.707  12.925  9.062   1.00 18.14 ? 189 THR A CA  1 
ATOM   691  C  C   . THR A 1 90  ? -6.933  12.229  8.452   1.00 17.73 ? 189 THR A C   1 
ATOM   692  O  O   . THR A 1 90  ? -7.192  12.346  7.245   1.00 18.88 ? 189 THR A O   1 
ATOM   693  C  CB  . THR A 1 90  ? -6.114  14.109  10.003  1.00 17.90 ? 189 THR A CB  1 
ATOM   694  O  OG1 . THR A 1 90  ? -6.639  15.197  9.231   1.00 17.74 ? 189 THR A OG1 1 
ATOM   695  C  CG2 . THR A 1 90  ? -4.903  14.592  10.808  1.00 16.96 ? 189 THR A CG2 1 
ATOM   696  N  N   . GLY A 1 91  ? -7.700  11.472  9.248   1.00 15.95 ? 190 GLY A N   1 
ATOM   697  C  CA  . GLY A 1 91  ? -8.908  10.782  8.769   1.00 13.97 ? 190 GLY A CA  1 
ATOM   698  C  C   . GLY A 1 91  ? -8.589  9.791   7.678   1.00 12.72 ? 190 GLY A C   1 
ATOM   699  O  O   . GLY A 1 91  ? -7.732  8.923   7.850   1.00 13.62 ? 190 GLY A O   1 
ATOM   700  N  N   . LEU A 1 92  ? -9.263  9.874   6.548   1.00 12.88 ? 191 LEU A N   1 
ATOM   701  C  CA  . LEU A 1 92  ? -9.014  8.949   5.420   1.00 13.67 ? 191 LEU A CA  1 
ATOM   702  C  C   . LEU A 1 92  ? -7.596  9.078   4.871   1.00 11.89 ? 191 LEU A C   1 
ATOM   703  O  O   . LEU A 1 92  ? -7.077  8.187   4.208   1.00 13.42 ? 191 LEU A O   1 
ATOM   704  C  CB  . LEU A 1 92  ? -10.021 9.241   4.307   1.00 13.05 ? 191 LEU A CB  1 
ATOM   705  C  CG  . LEU A 1 92  ? -9.946  8.317   3.090   1.00 14.08 ? 191 LEU A CG  1 
ATOM   706  C  CD1 . LEU A 1 92  ? -10.475 6.894   3.370   1.00 14.55 ? 191 LEU A CD1 1 
ATOM   707  C  CD2 . LEU A 1 92  ? -10.784 8.992   2.005   1.00 15.91 ? 191 LEU A CD2 1 
ATOM   708  N  N   . GLY A 1 93  ? -6.923  10.186  5.110   1.00 11.73 ? 192 GLY A N   1 
ATOM   709  C  CA  . GLY A 1 93  ? -5.563  10.339  4.573   1.00 13.83 ? 192 GLY A CA  1 
ATOM   710  C  C   . GLY A 1 93  ? -4.694  9.183   5.003   1.00 12.84 ? 192 GLY A C   1 
ATOM   711  O  O   . GLY A 1 93  ? -4.812  8.725   6.143   1.00 14.31 ? 192 GLY A O   1 
ATOM   712  N  N   . GLY A 1 94  ? -3.823  8.698   4.140   1.00 13.54 ? 193 GLY A N   1 
ATOM   713  C  CA  . GLY A 1 94  ? -2.935  7.586   4.472   1.00 12.76 ? 193 GLY A CA  1 
ATOM   714  C  C   . GLY A 1 94  ? -3.587  6.204   4.474   1.00 11.55 ? 193 GLY A C   1 
ATOM   715  O  O   . GLY A 1 94  ? -2.853  5.227   4.578   1.00 9.28  ? 193 GLY A O   1 
ATOM   716  N  N   . ASP A 1 95  ? -4.908  6.068   4.414   1.00 10.10 ? 194 ASP A N   1 
ATOM   717  C  CA  . ASP A 1 95  ? -5.503  4.715   4.472   1.00 10.70 ? 194 ASP A CA  1 
ATOM   718  C  C   . ASP A 1 95  ? -5.371  3.955   3.209   1.00 11.58 ? 194 ASP A C   1 
ATOM   719  O  O   . ASP A 1 95  ? -5.232  4.579   2.153   1.00 13.74 ? 194 ASP A O   1 
ATOM   720  C  CB  . ASP A 1 95  ? -6.986  4.825   4.857   1.00 10.29 ? 194 ASP A CB  1 
ATOM   721  C  CG  . ASP A 1 95  ? -7.147  5.523   6.214   1.00 13.41 ? 194 ASP A CG  1 
ATOM   722  O  OD1 . ASP A 1 95  ? -6.178  5.706   6.963   1.00 10.33 ? 194 ASP A OD1 1 
ATOM   723  O  OD2 . ASP A 1 95  ? -8.258  5.906   6.574   1.00 13.11 ? 194 ASP A OD2 1 
ATOM   724  N  N   . ALA A 1 96  ? -5.515  2.626   3.280   1.00 10.71 ? 195 ALA A N   1 
ATOM   725  C  CA  . ALA A 1 96  ? -5.381  1.756   2.113   1.00 9.01  ? 195 ALA A CA  1 
ATOM   726  C  C   . ALA A 1 96  ? -6.482  0.719   2.131   1.00 10.58 ? 195 ALA A C   1 
ATOM   727  O  O   . ALA A 1 96  ? -6.665  0.033   3.151   1.00 11.37 ? 195 ALA A O   1 
ATOM   728  C  CB  . ALA A 1 96  ? -4.025  1.069   2.159   1.00 5.32  ? 195 ALA A CB  1 
ATOM   729  N  N   . HIS A 1 97  ? -7.243  0.575   1.034   1.00 9.74  ? 196 HIS A N   1 
ATOM   730  C  CA  . HIS A 1 97  ? -8.361  -0.386  1.001   1.00 8.14  ? 196 HIS A CA  1 
ATOM   731  C  C   . HIS A 1 97  ? -8.146  -1.349  -0.150  1.00 9.33  ? 196 HIS A C   1 
ATOM   732  O  O   . HIS A 1 97  ? -7.733  -0.927  -1.236  1.00 10.20 ? 196 HIS A O   1 
ATOM   733  C  CB  . HIS A 1 97  ? -9.715  0.329   0.776   1.00 10.60 ? 196 HIS A CB  1 
ATOM   734  C  CG  . HIS A 1 97  ? -10.032 1.502   1.725   1.00 12.08 ? 196 HIS A CG  1 
ATOM   735  N  ND1 . HIS A 1 97  ? -10.915 2.460   1.411   1.00 11.22 ? 196 HIS A ND1 1 
ATOM   736  C  CD2 . HIS A 1 97  ? -9.534  1.676   2.976   1.00 10.41 ? 196 HIS A CD2 1 
ATOM   737  C  CE1 . HIS A 1 97  ? -10.985 3.248   2.450   1.00 10.05 ? 196 HIS A CE1 1 
ATOM   738  N  NE2 . HIS A 1 97  ? -10.162 2.764   3.361   1.00 14.13 ? 196 HIS A NE2 1 
ATOM   739  N  N   . PHE A 1 98  ? -8.480  -2.624  0.016   1.00 7.47  ? 197 PHE A N   1 
ATOM   740  C  CA  . PHE A 1 98  ? -8.271  -3.611  -1.046  1.00 6.67  ? 197 PHE A CA  1 
ATOM   741  C  C   . PHE A 1 98  ? -9.612  -4.136  -1.481  1.00 7.71  ? 197 PHE A C   1 
ATOM   742  O  O   . PHE A 1 98  ? -10.468 -4.406  -0.631  1.00 6.94  ? 197 PHE A O   1 
ATOM   743  C  CB  . PHE A 1 98  ? -7.405  -4.713  -0.474  1.00 8.30  ? 197 PHE A CB  1 
ATOM   744  C  CG  . PHE A 1 98  ? -6.076  -4.190  -0.098  1.00 11.85 ? 197 PHE A CG  1 
ATOM   745  C  CD1 . PHE A 1 98  ? -5.878  -3.597  1.165   1.00 8.27  ? 197 PHE A CD1 1 
ATOM   746  C  CD2 . PHE A 1 98  ? -5.014  -4.261  -1.021  1.00 12.73 ? 197 PHE A CD2 1 
ATOM   747  C  CE1 . PHE A 1 98  ? -4.624  -3.076  1.499   1.00 10.48 ? 197 PHE A CE1 1 
ATOM   748  C  CE2 . PHE A 1 98  ? -3.754  -3.738  -0.670  1.00 13.07 ? 197 PHE A CE2 1 
ATOM   749  C  CZ  . PHE A 1 98  ? -3.565  -3.143  0.592   1.00 9.82  ? 197 PHE A CZ  1 
ATOM   750  N  N   . ASP A 1 99  ? -9.825  -4.297  -2.780  1.00 8.38  ? 198 ASP A N   1 
ATOM   751  C  CA  . ASP A 1 99  ? -11.115 -4.782  -3.258  1.00 10.80 ? 198 ASP A CA  1 
ATOM   752  C  C   . ASP A 1 99  ? -11.305 -6.240  -2.899  1.00 12.34 ? 198 ASP A C   1 
ATOM   753  O  O   . ASP A 1 99  ? -10.631 -7.128  -3.447  1.00 13.80 ? 198 ASP A O   1 
ATOM   754  C  CB  . ASP A 1 99  ? -11.204 -4.582  -4.790  1.00 10.56 ? 198 ASP A CB  1 
ATOM   755  C  CG  . ASP A 1 99  ? -12.630 -4.780  -5.330  1.00 9.78  ? 198 ASP A CG  1 
ATOM   756  O  OD1 . ASP A 1 99  ? -13.485 -5.434  -4.748  1.00 10.50 ? 198 ASP A OD1 1 
ATOM   757  O  OD2 . ASP A 1 99  ? -12.901 -4.254  -6.395  1.00 8.66  ? 198 ASP A OD2 1 
ATOM   758  N  N   . GLU A 1 100 ? -12.211 -6.534  -1.967  1.00 10.96 ? 199 GLU A N   1 
ATOM   759  C  CA  . GLU A 1 100 ? -12.398 -7.925  -1.601  1.00 11.02 ? 199 GLU A CA  1 
ATOM   760  C  C   . GLU A 1 100 ? -12.947 -8.787  -2.729  1.00 11.45 ? 199 GLU A C   1 
ATOM   761  O  O   . GLU A 1 100 ? -12.919 -10.014 -2.671  1.00 12.95 ? 199 GLU A O   1 
ATOM   762  C  CB  . GLU A 1 100 ? -13.286 -7.959  -0.346  1.00 14.88 ? 199 GLU A CB  1 
ATOM   763  C  CG  . GLU A 1 100 ? -13.610 -9.407  0.198   1.00 19.46 ? 199 GLU A CG  1 
ATOM   764  C  CD  . GLU A 1 100 ? -12.410 -10.288 0.598   1.00 22.73 ? 199 GLU A CD  1 
ATOM   765  O  OE1 . GLU A 1 100 ? -11.269 -9.963  0.310   1.00 27.52 ? 199 GLU A OE1 1 
ATOM   766  O  OE2 . GLU A 1 100 ? -12.601 -11.305 1.250   1.00 22.98 ? 199 GLU A OE2 1 
ATOM   767  N  N   . ASP A 1 101 ? -13.484 -8.203  -3.794  1.00 12.20 ? 200 ASP A N   1 
ATOM   768  C  CA  . ASP A 1 101 ? -13.984 -9.007  -4.918  1.00 8.77  ? 200 ASP A CA  1 
ATOM   769  C  C   . ASP A 1 101 ? -12.827 -9.618  -5.686  1.00 10.67 ? 200 ASP A C   1 
ATOM   770  O  O   . ASP A 1 101 ? -13.017 -10.357 -6.666  1.00 11.35 ? 200 ASP A O   1 
ATOM   771  C  CB  . ASP A 1 101 ? -14.815 -8.166  -5.867  1.00 10.67 ? 200 ASP A CB  1 
ATOM   772  C  CG  . ASP A 1 101 ? -16.244 -8.195  -5.413  1.00 14.92 ? 200 ASP A CG  1 
ATOM   773  O  OD1 . ASP A 1 101 ? -16.723 -9.240  -4.992  1.00 18.08 ? 200 ASP A OD1 1 
ATOM   774  O  OD2 . ASP A 1 101 ? -16.944 -7.192  -5.503  1.00 20.17 ? 200 ASP A OD2 1 
ATOM   775  N  N   . GLU A 1 102 ? -11.602 -9.170  -5.399  1.00 9.60  ? 201 GLU A N   1 
ATOM   776  C  CA  . GLU A 1 102 ? -10.467 -9.801  -6.050  1.00 8.64  ? 201 GLU A CA  1 
ATOM   777  C  C   . GLU A 1 102 ? -10.123 -11.063 -5.308  1.00 8.17  ? 201 GLU A C   1 
ATOM   778  O  O   . GLU A 1 102 ? -10.378 -11.209 -4.123  1.00 11.87 ? 201 GLU A O   1 
ATOM   779  C  CB  . GLU A 1 102 ? -9.199  -8.937  -6.034  1.00 6.11  ? 201 GLU A CB  1 
ATOM   780  C  CG  . GLU A 1 102 ? -9.430  -7.510  -6.487  1.00 4.74  ? 201 GLU A CG  1 
ATOM   781  C  CD  . GLU A 1 102 ? -10.027 -7.368  -7.868  1.00 8.87  ? 201 GLU A CD  1 
ATOM   782  O  OE1 . GLU A 1 102 ? -9.975  -8.215  -8.759  1.00 7.37  ? 201 GLU A OE1 1 
ATOM   783  O  OE2 . GLU A 1 102 ? -10.543 -6.309  -8.100  1.00 7.00  ? 201 GLU A OE2 1 
ATOM   784  N  N   . ARG A 1 103 ? -9.398  -11.920 -5.983  1.00 10.84 ? 202 ARG A N   1 
ATOM   785  C  CA  . ARG A 1 103 ? -8.909  -13.200 -5.466  1.00 14.19 ? 202 ARG A CA  1 
ATOM   786  C  C   . ARG A 1 103 ? -7.466  -12.925 -5.041  1.00 12.31 ? 202 ARG A C   1 
ATOM   787  O  O   . ARG A 1 103 ? -6.544  -12.880 -5.869  1.00 10.97 ? 202 ARG A O   1 
ATOM   788  C  CB  . ARG A 1 103 ? -9.022  -14.255 -6.607  1.00 19.57 ? 202 ARG A CB  1 
ATOM   789  C  CG  . ARG A 1 103 ? -8.420  -13.830 -8.024  1.00 30.49 ? 202 ARG A CG  1 
ATOM   790  C  CD  . ARG A 1 103 ? -8.990  -12.716 -9.036  1.00 33.14 ? 202 ARG A CD  1 
ATOM   791  N  NE  . ARG A 1 103 ? -7.931  -12.268 -10.007 1.00 32.95 ? 202 ARG A NE  1 
ATOM   792  C  CZ  . ARG A 1 103 ? -7.222  -13.114 -10.796 1.00 27.58 ? 202 ARG A CZ  1 
ATOM   793  N  NH1 . ARG A 1 103 ? -7.499  -14.424 -10.845 1.00 35.62 ? 202 ARG A NH1 1 
ATOM   794  N  NH2 . ARG A 1 103 ? -6.284  -12.646 -11.605 1.00 24.58 ? 202 ARG A NH2 1 
ATOM   795  N  N   . TRP A 1 104 ? -7.287  -12.607 -3.782  1.00 10.81 ? 203 TRP A N   1 
ATOM   796  C  CA  . TRP A 1 104 ? -5.973  -12.271 -3.231  1.00 11.65 ? 203 TRP A CA  1 
ATOM   797  C  C   . TRP A 1 104 ? -5.139  -13.493 -2.987  1.00 12.57 ? 203 TRP A C   1 
ATOM   798  O  O   . TRP A 1 104 ? -5.617  -14.515 -2.516  1.00 14.02 ? 203 TRP A O   1 
ATOM   799  C  CB  . TRP A 1 104 ? -6.154  -11.435 -1.908  1.00 8.72  ? 203 TRP A CB  1 
ATOM   800  C  CG  . TRP A 1 104 ? -6.815  -10.159 -2.189  1.00 8.04  ? 203 TRP A CG  1 
ATOM   801  C  CD1 . TRP A 1 104 ? -8.183  -9.875  -2.009  1.00 8.23  ? 203 TRP A CD1 1 
ATOM   802  C  CD2 . TRP A 1 104 ? -6.283  -9.018  -2.851  1.00 9.10  ? 203 TRP A CD2 1 
ATOM   803  N  NE1 . TRP A 1 104 ? -8.510  -8.651  -2.515  1.00 7.94  ? 203 TRP A NE1 1 
ATOM   804  C  CE2 . TRP A 1 104 ? -7.364  -8.098  -3.039  1.00 6.52  ? 203 TRP A CE2 1 
ATOM   805  C  CE3 . TRP A 1 104 ? -4.992  -8.689  -3.307  1.00 9.48  ? 203 TRP A CE3 1 
ATOM   806  C  CZ2 . TRP A 1 104 ? -7.125  -6.878  -3.675  1.00 6.42  ? 203 TRP A CZ2 1 
ATOM   807  C  CZ3 . TRP A 1 104 ? -4.773  -7.458  -3.943  1.00 9.28  ? 203 TRP A CZ3 1 
ATOM   808  C  CH2 . TRP A 1 104 ? -5.834  -6.560  -4.124  1.00 7.50  ? 203 TRP A CH2 1 
ATOM   809  N  N   . THR A 1 105 ? -3.844  -13.396 -3.227  1.00 14.85 ? 204 THR A N   1 
ATOM   810  C  CA  . THR A 1 105 ? -2.968  -14.546 -3.044  1.00 15.17 ? 204 THR A CA  1 
ATOM   811  C  C   . THR A 1 105 ? -1.622  -14.113 -2.533  1.00 16.55 ? 204 THR A C   1 
ATOM   812  O  O   . THR A 1 105 ? -1.189  -12.972 -2.716  1.00 17.12 ? 204 THR A O   1 
ATOM   813  C  CB  . THR A 1 105 ? -2.796  -15.282 -4.402  1.00 16.56 ? 204 THR A CB  1 
ATOM   814  O  OG1 . THR A 1 105 ? -1.948  -16.428 -4.192  1.00 22.64 ? 204 THR A OG1 1 
ATOM   815  C  CG2 . THR A 1 105 ? -2.102  -14.427 -5.468  1.00 13.44 ? 204 THR A CG2 1 
ATOM   816  N  N   . ASP A 1 106 ? -0.965  -15.037 -1.864  1.00 16.96 ? 205 ASP A N   1 
ATOM   817  C  CA  . ASP A 1 106 ? 0.370   -14.817 -1.338  1.00 18.39 ? 205 ASP A CA  1 
ATOM   818  C  C   . ASP A 1 106 ? 1.357   -15.194 -2.435  1.00 20.03 ? 205 ASP A C   1 
ATOM   819  O  O   . ASP A 1 106 ? 2.579   -15.099 -2.262  1.00 20.75 ? 205 ASP A O   1 
ATOM   820  C  CB  . ASP A 1 106 ? 0.586   -15.686 -0.109  1.00 20.74 ? 205 ASP A CB  1 
ATOM   821  C  CG  . ASP A 1 106 ? 0.633   -17.160 -0.450  1.00 25.44 ? 205 ASP A CG  1 
ATOM   822  O  OD1 . ASP A 1 106 ? 0.154   -17.580 -1.507  1.00 28.45 ? 205 ASP A OD1 1 
ATOM   823  O  OD2 . ASP A 1 106 ? 1.111   -17.897 0.396   1.00 29.84 ? 205 ASP A OD2 1 
ATOM   824  N  N   . GLY A 1 107 ? 0.891   -15.645 -3.595  1.00 19.04 ? 206 GLY A N   1 
ATOM   825  C  CA  . GLY A 1 107 ? 1.867   -15.942 -4.653  1.00 20.04 ? 206 GLY A CA  1 
ATOM   826  C  C   . GLY A 1 107 ? 1.878   -17.388 -5.038  1.00 20.87 ? 206 GLY A C   1 
ATOM   827  O  O   . GLY A 1 107 ? 2.362   -17.749 -6.115  1.00 21.11 ? 206 GLY A O   1 
ATOM   828  N  N   . SER A 1 108 ? 1.391   -18.241 -4.174  1.00 20.99 ? 207 SER A N   1 
ATOM   829  C  CA  . SER A 1 108 ? 1.360   -19.655 -4.510  1.00 20.75 ? 207 SER A CA  1 
ATOM   830  C  C   . SER A 1 108 ? 0.134   -20.024 -5.319  1.00 21.54 ? 207 SER A C   1 
ATOM   831  O  O   . SER A 1 108 ? -0.112  -21.212 -5.506  1.00 23.83 ? 207 SER A O   1 
ATOM   832  C  CB  . SER A 1 108 ? 1.418   -20.387 -3.185  1.00 21.56 ? 207 SER A CB  1 
ATOM   833  O  OG  . SER A 1 108 ? 0.222   -20.091 -2.488  1.00 24.26 ? 207 SER A OG  1 
ATOM   834  N  N   . SER A 1 109 ? -0.666  -19.072 -5.811  1.00 21.21 ? 208 SER A N   1 
ATOM   835  C  CA  . SER A 1 109 ? -1.872  -19.420 -6.580  1.00 20.81 ? 208 SER A CA  1 
ATOM   836  C  C   . SER A 1 109 ? -2.072  -18.382 -7.661  1.00 19.20 ? 208 SER A C   1 
ATOM   837  O  O   . SER A 1 109 ? -1.301  -17.423 -7.815  1.00 19.53 ? 208 SER A O   1 
ATOM   838  C  CB  . SER A 1 109 ? -3.182  -19.382 -5.725  1.00 21.49 ? 208 SER A CB  1 
ATOM   839  O  OG  . SER A 1 109 ? -3.057  -20.003 -4.451  1.00 29.63 ? 208 SER A OG  1 
ATOM   840  N  N   . LEU A 1 110 B -3.078  -18.632 -8.482  1.00 17.74 ? 208 LEU A N   1 
ATOM   841  C  CA  . LEU A 1 110 B -3.485  -17.695 -9.530  1.00 18.03 ? 208 LEU A CA  1 
ATOM   842  C  C   . LEU A 1 110 B -4.190  -16.550 -8.797  1.00 16.01 ? 208 LEU A C   1 
ATOM   843  O  O   . LEU A 1 110 B -4.811  -16.819 -7.780  1.00 17.33 ? 208 LEU A O   1 
ATOM   844  C  CB  . LEU A 1 110 B -4.432  -18.451 -10.436 1.00 17.66 ? 208 LEU A CB  1 
ATOM   845  C  CG  . LEU A 1 110 B -4.028  -18.445 -11.899 1.00 21.56 ? 208 LEU A CG  1 
ATOM   846  C  CD1 . LEU A 1 110 B -2.489  -18.564 -12.072 1.00 20.64 ? 208 LEU A CD1 1 
ATOM   847  C  CD2 . LEU A 1 110 B -4.823  -19.586 -12.566 1.00 20.82 ? 208 LEU A CD2 1 
ATOM   848  N  N   . GLY A 1 111 ? -4.188  -15.303 -9.215  1.00 15.33 ? 209 GLY A N   1 
ATOM   849  C  CA  . GLY A 1 111 ? -4.909  -14.275 -8.432  1.00 13.43 ? 209 GLY A CA  1 
ATOM   850  C  C   . GLY A 1 111 ? -4.069  -13.026 -8.362  1.00 12.94 ? 209 GLY A C   1 
ATOM   851  O  O   . GLY A 1 111 ? -3.167  -12.856 -9.186  1.00 11.59 ? 209 GLY A O   1 
ATOM   852  N  N   . ILE A 1 112 ? -4.379  -12.118 -7.444  1.00 12.48 ? 210 ILE A N   1 
ATOM   853  C  CA  . ILE A 1 112 ? -3.606  -10.878 -7.327  1.00 11.82 ? 210 ILE A CA  1 
ATOM   854  C  C   . ILE A 1 112 ? -2.681  -11.027 -6.144  1.00 11.24 ? 210 ILE A C   1 
ATOM   855  O  O   . ILE A 1 112 ? -3.133  -11.365 -5.042  1.00 12.01 ? 210 ILE A O   1 
ATOM   856  C  CB  . ILE A 1 112 ? -4.565  -9.672  -7.135  1.00 11.61 ? 210 ILE A CB  1 
ATOM   857  C  CG1 . ILE A 1 112 ? -5.612  -9.625  -8.289  1.00 13.77 ? 210 ILE A CG1 1 
ATOM   858  C  CG2 . ILE A 1 112 ? -3.748  -8.366  -7.152  1.00 9.68  ? 210 ILE A CG2 1 
ATOM   859  C  CD1 . ILE A 1 112 ? -5.057  -9.303  -9.696  1.00 14.04 ? 210 ILE A CD1 1 
ATOM   860  N  N   . ASN A 1 113 ? -1.376  -10.851 -6.378  1.00 10.97 ? 211 ASN A N   1 
ATOM   861  C  CA  . ASN A 1 113 ? -0.369  -10.984 -5.323  1.00 10.07 ? 211 ASN A CA  1 
ATOM   862  C  C   . ASN A 1 113 ? -0.535  -9.839  -4.329  1.00 10.85 ? 211 ASN A C   1 
ATOM   863  O  O   . ASN A 1 113 ? -0.335  -8.656  -4.656  1.00 8.46  ? 211 ASN A O   1 
ATOM   864  C  CB  . ASN A 1 113 ? 1.020   -10.964 -5.962  1.00 9.55  ? 211 ASN A CB  1 
ATOM   865  C  CG  . ASN A 1 113 ? 2.032   -11.273 -4.878  1.00 10.22 ? 211 ASN A CG  1 
ATOM   866  O  OD1 . ASN A 1 113 ? 2.309   -10.474 -3.981  1.00 12.60 ? 211 ASN A OD1 1 
ATOM   867  N  ND2 . ASN A 1 113 ? 2.619   -12.451 -4.915  1.00 9.52  ? 211 ASN A ND2 1 
ATOM   868  N  N   . PHE A 1 114 ? -0.939  -10.181 -3.098  1.00 9.74  ? 212 PHE A N   1 
ATOM   869  C  CA  . PHE A 1 114 ? -1.176  -9.171  -2.063  1.00 8.57  ? 212 PHE A CA  1 
ATOM   870  C  C   . PHE A 1 114 ? 0.080   -8.461  -1.638  1.00 8.64  ? 212 PHE A C   1 
ATOM   871  O  O   . PHE A 1 114 ? -0.013  -7.276  -1.313  1.00 9.48  ? 212 PHE A O   1 
ATOM   872  C  CB  . PHE A 1 114 ? -1.858  -9.822  -0.830  1.00 8.57  ? 212 PHE A CB  1 
ATOM   873  C  CG  . PHE A 1 114 ? -2.147  -8.842  0.244   1.00 9.06  ? 212 PHE A CG  1 
ATOM   874  C  CD1 . PHE A 1 114 ? -3.152  -7.888  0.088   1.00 10.11 ? 212 PHE A CD1 1 
ATOM   875  C  CD2 . PHE A 1 114 ? -1.398  -8.878  1.432   1.00 10.33 ? 212 PHE A CD2 1 
ATOM   876  C  CE1 . PHE A 1 114 ? -3.403  -6.975  1.131   1.00 15.08 ? 212 PHE A CE1 1 
ATOM   877  C  CE2 . PHE A 1 114 ? -1.643  -7.967  2.476   1.00 14.20 ? 212 PHE A CE2 1 
ATOM   878  C  CZ  . PHE A 1 114 ? -2.656  -7.009  2.322   1.00 13.42 ? 212 PHE A CZ  1 
ATOM   879  N  N   . LEU A 1 115 ? 1.259   -9.098  -1.588  1.00 7.94  ? 213 LEU A N   1 
ATOM   880  C  CA  . LEU A 1 115 ? 2.457   -8.345  -1.155  1.00 7.63  ? 213 LEU A CA  1 
ATOM   881  C  C   . LEU A 1 115 ? 2.737   -7.239  -2.160  1.00 7.95  ? 213 LEU A C   1 
ATOM   882  O  O   . LEU A 1 115 ? 3.009   -6.115  -1.758  1.00 10.66 ? 213 LEU A O   1 
ATOM   883  C  CB  . LEU A 1 115 ? 3.689   -9.294  -1.027  1.00 7.20  ? 213 LEU A CB  1 
ATOM   884  C  CG  . LEU A 1 115 ? 5.068   -8.593  -0.730  1.00 9.93  ? 213 LEU A CG  1 
ATOM   885  C  CD1 . LEU A 1 115 ? 4.985   -7.817  0.590   1.00 13.42 ? 213 LEU A CD1 1 
ATOM   886  C  CD2 . LEU A 1 115 ? 6.194   -9.632  -0.642  1.00 7.39  ? 213 LEU A CD2 1 
ATOM   887  N  N   . TYR A 1 116 ? 2.690   -7.517  -3.467  1.00 7.85  ? 214 TYR A N   1 
ATOM   888  C  CA  . TYR A 1 116 ? 2.935   -6.520  -4.507  1.00 8.20  ? 214 TYR A CA  1 
ATOM   889  C  C   . TYR A 1 116 ? 1.901   -5.394  -4.392  1.00 10.45 ? 214 TYR A C   1 
ATOM   890  O  O   . TYR A 1 116 ? 2.271   -4.215  -4.312  1.00 11.48 ? 214 TYR A O   1 
ATOM   891  C  CB  . TYR A 1 116 ? 2.861   -7.213  -5.891  1.00 8.60  ? 214 TYR A CB  1 
ATOM   892  C  CG  . TYR A 1 116 ? 3.284   -6.232  -6.922  1.00 10.41 ? 214 TYR A CG  1 
ATOM   893  C  CD1 . TYR A 1 116 ? 2.349   -5.331  -7.474  1.00 9.80  ? 214 TYR A CD1 1 
ATOM   894  C  CD2 . TYR A 1 116 ? 4.628   -6.155  -7.311  1.00 12.10 ? 214 TYR A CD2 1 
ATOM   895  C  CE1 . TYR A 1 116 ? 2.752   -4.369  -8.404  1.00 12.11 ? 214 TYR A CE1 1 
ATOM   896  C  CE2 . TYR A 1 116 ? 5.046   -5.194  -8.244  1.00 10.90 ? 214 TYR A CE2 1 
ATOM   897  C  CZ  . TYR A 1 116 ? 4.101   -4.307  -8.791  1.00 13.55 ? 214 TYR A CZ  1 
ATOM   898  O  OH  . TYR A 1 116 ? 4.487   -3.447  -9.806  1.00 14.06 ? 214 TYR A OH  1 
ATOM   899  N  N   . ALA A 1 117 ? 0.595   -5.720  -4.369  1.00 10.04 ? 215 ALA A N   1 
ATOM   900  C  CA  . ALA A 1 117 ? -0.486  -4.713  -4.242  1.00 9.01  ? 215 ALA A CA  1 
ATOM   901  C  C   . ALA A 1 117 ? -0.304  -3.884  -2.972  1.00 8.51  ? 215 ALA A C   1 
ATOM   902  O  O   . ALA A 1 117 ? -0.455  -2.664  -2.966  1.00 9.66  ? 215 ALA A O   1 
ATOM   903  C  CB  . ALA A 1 117 ? -1.877  -5.398  -4.180  1.00 8.09  ? 215 ALA A CB  1 
ATOM   904  N  N   . ALA A 1 118 ? 0.012   -4.505  -1.856  1.00 7.22  ? 216 ALA A N   1 
ATOM   905  C  CA  . ALA A 1 118 ? 0.231   -3.746  -0.620  1.00 8.43  ? 216 ALA A CA  1 
ATOM   906  C  C   . ALA A 1 118 ? 1.446   -2.838  -0.788  1.00 8.73  ? 216 ALA A C   1 
ATOM   907  O  O   . ALA A 1 118 ? 1.432   -1.707  -0.318  1.00 9.76  ? 216 ALA A O   1 
ATOM   908  C  CB  . ALA A 1 118 ? 0.491   -4.691  0.588   1.00 7.75  ? 216 ALA A CB  1 
ATOM   909  N  N   . THR A 1 119 ? 2.535   -3.249  -1.439  1.00 9.93  ? 217 THR A N   1 
ATOM   910  C  CA  . THR A 1 119 ? 3.695   -2.341  -1.557  1.00 9.65  ? 217 THR A CA  1 
ATOM   911  C  C   . THR A 1 119 ? 3.276   -1.093  -2.319  1.00 10.79 ? 217 THR A C   1 
ATOM   912  O  O   . THR A 1 119 ? 3.599   0.033   -1.907  1.00 13.88 ? 217 THR A O   1 
ATOM   913  C  CB  . THR A 1 119 ? 4.881   -3.066  -2.274  1.00 6.13  ? 217 THR A CB  1 
ATOM   914  O  OG1 . THR A 1 119 ? 5.148   -4.273  -1.592  1.00 6.33  ? 217 THR A OG1 1 
ATOM   915  C  CG2 . THR A 1 119 ? 6.200   -2.258  -2.191  1.00 8.64  ? 217 THR A CG2 1 
ATOM   916  N  N   . HIS A 1 120 ? 2.540   -1.263  -3.422  1.00 10.69 ? 218 HIS A N   1 
ATOM   917  C  CA  . HIS A 1 120 ? 2.067   -0.126  -4.241  1.00 9.98  ? 218 HIS A CA  1 
ATOM   918  C  C   . HIS A 1 120 ? 1.121   0.800   -3.425  1.00 9.55  ? 218 HIS A C   1 
ATOM   919  O  O   . HIS A 1 120 ? 1.279   2.025   -3.387  1.00 8.40  ? 218 HIS A O   1 
ATOM   920  C  CB  . HIS A 1 120 ? 1.367   -0.732  -5.478  1.00 10.03 ? 218 HIS A CB  1 
ATOM   921  C  CG  . HIS A 1 120 ? 0.868   0.336   -6.452  1.00 9.44  ? 218 HIS A CG  1 
ATOM   922  N  ND1 . HIS A 1 120 ? 1.486   0.677   -7.557  1.00 7.75  ? 218 HIS A ND1 1 
ATOM   923  C  CD2 . HIS A 1 120 ? -0.269  1.096   -6.330  1.00 7.86  ? 218 HIS A CD2 1 
ATOM   924  C  CE1 . HIS A 1 120 ? 0.787   1.619   -8.120  1.00 9.82  ? 218 HIS A CE1 1 
ATOM   925  N  NE2 . HIS A 1 120 ? -0.255  1.863   -7.381  1.00 8.31  ? 218 HIS A NE2 1 
ATOM   926  N  N   . GLU A 1 121 ? 0.100   0.229   -2.808  1.00 8.67  ? 219 GLU A N   1 
ATOM   927  C  CA  . GLU A 1 121 ? -0.836  0.988   -2.010  1.00 7.96  ? 219 GLU A CA  1 
ATOM   928  C  C   . GLU A 1 121 ? -0.144  1.660   -0.851  1.00 8.84  ? 219 GLU A C   1 
ATOM   929  O  O   . GLU A 1 121 ? -0.397  2.832   -0.574  1.00 10.10 ? 219 GLU A O   1 
ATOM   930  C  CB  . GLU A 1 121 ? -1.946  0.071   -1.471  1.00 7.55  ? 219 GLU A CB  1 
ATOM   931  C  CG  . GLU A 1 121 ? -2.925  -0.528  -2.492  1.00 11.43 ? 219 GLU A CG  1 
ATOM   932  C  CD  . GLU A 1 121 ? -3.169  0.348   -3.736  1.00 14.02 ? 219 GLU A CD  1 
ATOM   933  O  OE1 . GLU A 1 121 ? -3.661  1.471   -3.647  1.00 14.01 ? 219 GLU A OE1 1 
ATOM   934  O  OE2 . GLU A 1 121 ? -2.850  -0.116  -4.825  1.00 16.99 ? 219 GLU A OE2 1 
ATOM   935  N  N   . LEU A 1 122 ? 0.713   0.973   -0.087  1.00 10.15 ? 220 LEU A N   1 
ATOM   936  C  CA  . LEU A 1 122 ? 1.379   1.647   1.044   1.00 11.29 ? 220 LEU A CA  1 
ATOM   937  C  C   . LEU A 1 122 ? 2.337   2.678   0.519   1.00 13.14 ? 220 LEU A C   1 
ATOM   938  O  O   . LEU A 1 122 ? 2.671   3.626   1.243   1.00 13.44 ? 220 LEU A O   1 
ATOM   939  C  CB  . LEU A 1 122 ? 2.091   0.628   1.940   1.00 12.79 ? 220 LEU A CB  1 
ATOM   940  C  CG  . LEU A 1 122 ? 1.031   -0.301  2.588   1.00 10.33 ? 220 LEU A CG  1 
ATOM   941  C  CD1 . LEU A 1 122 ? 1.784   -1.467  3.220   1.00 11.23 ? 220 LEU A CD1 1 
ATOM   942  C  CD2 . LEU A 1 122 ? 0.140   0.455   3.591   1.00 12.76 ? 220 LEU A CD2 1 
ATOM   943  N  N   . GLY A 1 123 ? 2.801   2.530   -0.734  1.00 12.88 ? 221 GLY A N   1 
ATOM   944  C  CA  . GLY A 1 123 ? 3.660   3.590   -1.315  1.00 12.57 ? 221 GLY A CA  1 
ATOM   945  C  C   . GLY A 1 123 ? 2.787   4.872   -1.347  1.00 9.14  ? 221 GLY A C   1 
ATOM   946  O  O   . GLY A 1 123 ? 3.180   5.955   -0.930  1.00 9.49  ? 221 GLY A O   1 
ATOM   947  N  N   . HIS A 1 124 ? 1.562   4.782   -1.858  1.00 7.66  ? 222 HIS A N   1 
ATOM   948  C  CA  . HIS A 1 124 ? 0.637   5.923   -1.883  1.00 9.20  ? 222 HIS A CA  1 
ATOM   949  C  C   . HIS A 1 124 ? 0.408   6.412   -0.449  1.00 9.93  ? 222 HIS A C   1 
ATOM   950  O  O   . HIS A 1 124 ? 0.452   7.614   -0.183  1.00 11.28 ? 222 HIS A O   1 
ATOM   951  C  CB  . HIS A 1 124 ? -0.756  5.531   -2.496  1.00 8.29  ? 222 HIS A CB  1 
ATOM   952  C  CG  . HIS A 1 124 ? -0.732  5.423   -4.007  1.00 7.44  ? 222 HIS A CG  1 
ATOM   953  N  ND1 . HIS A 1 124 ? -0.263  6.337   -4.844  1.00 6.97  ? 222 HIS A ND1 1 
ATOM   954  C  CD2 . HIS A 1 124 ? -1.281  4.398   -4.754  1.00 7.93  ? 222 HIS A CD2 1 
ATOM   955  C  CE1 . HIS A 1 124 ? -0.503  5.933   -6.066  1.00 7.94  ? 222 HIS A CE1 1 
ATOM   956  N  NE2 . HIS A 1 124 ? -1.105  4.780   -6.010  1.00 8.04  ? 222 HIS A NE2 1 
ATOM   957  N  N   . SER A 1 125 ? 0.141   5.512   0.509   1.00 9.96  ? 223 SER A N   1 
ATOM   958  C  CA  . SER A 1 125 ? -0.087  5.906   1.923   1.00 11.24 ? 223 SER A CA  1 
ATOM   959  C  C   . SER A 1 125 ? 1.057   6.764   2.479   1.00 11.72 ? 223 SER A C   1 
ATOM   960  O  O   . SER A 1 125 ? 0.876   7.528   3.424   1.00 13.24 ? 223 SER A O   1 
ATOM   961  C  CB  . SER A 1 125 ? -0.257  4.626   2.773   1.00 10.61 ? 223 SER A CB  1 
ATOM   962  O  OG  . SER A 1 125 ? -1.313  3.838   2.188   1.00 12.04 ? 223 SER A OG  1 
ATOM   963  N  N   . LEU A 1 126 ? 2.272   6.594   1.948   1.00 12.88 ? 224 LEU A N   1 
ATOM   964  C  CA  . LEU A 1 126 ? 3.471   7.332   2.344   1.00 12.43 ? 224 LEU A CA  1 
ATOM   965  C  C   . LEU A 1 126 ? 3.654   8.622   1.547   1.00 13.89 ? 224 LEU A C   1 
ATOM   966  O  O   . LEU A 1 126 ? 4.524   9.423   1.893   1.00 13.09 ? 224 LEU A O   1 
ATOM   967  C  CB  . LEU A 1 126 ? 4.682   6.408   2.171   1.00 12.91 ? 224 LEU A CB  1 
ATOM   968  C  CG  . LEU A 1 126 ? 5.200   5.652   3.427   1.00 15.51 ? 224 LEU A CG  1 
ATOM   969  C  CD1 . LEU A 1 126 ? 4.099   5.386   4.467   1.00 14.32 ? 224 LEU A CD1 1 
ATOM   970  C  CD2 . LEU A 1 126 ? 5.823   4.344   2.935   1.00 10.79 ? 224 LEU A CD2 1 
ATOM   971  N  N   . GLY A 1 127 ? 2.890   8.843   0.471   1.00 12.75 ? 225 GLY A N   1 
ATOM   972  C  CA  . GLY A 1 127 ? 2.990   10.071  -0.332  1.00 13.33 ? 225 GLY A CA  1 
ATOM   973  C  C   . GLY A 1 127 ? 3.506   9.893   -1.753  1.00 14.00 ? 225 GLY A C   1 
ATOM   974  O  O   . GLY A 1 127 ? 3.814   10.884  -2.434  1.00 13.47 ? 225 GLY A O   1 
ATOM   975  N  N   . MET A 1 128 ? 3.675   8.650   -2.198  1.00 12.62 ? 226 MET A N   1 
ATOM   976  C  CA  . MET A 1 128 ? 4.139   8.379   -3.566  1.00 11.08 ? 226 MET A CA  1 
ATOM   977  C  C   . MET A 1 128 ? 3.022   8.521   -4.579  1.00 10.69 ? 226 MET A C   1 
ATOM   978  O  O   . MET A 1 128 ? 1.870   8.155   -4.332  1.00 9.41  ? 226 MET A O   1 
ATOM   979  C  CB  . MET A 1 128 ? 4.687   6.950   -3.689  1.00 10.86 ? 226 MET A CB  1 
ATOM   980  C  CG  . MET A 1 128 ? 5.912   6.712   -2.786  1.00 11.00 ? 226 MET A CG  1 
ATOM   981  S  SD  . MET A 1 128 ? 7.321   7.710   -3.305  1.00 19.78 ? 226 MET A SD  1 
ATOM   982  C  CE  . MET A 1 128 ? 7.967   6.676   -4.682  1.00 10.58 ? 226 MET A CE  1 
ATOM   983  N  N   . GLY A 1 129 ? 3.334   9.078   -5.722  1.00 10.00 ? 227 GLY A N   1 
ATOM   984  C  CA  . GLY A 1 129 ? 2.360   9.198   -6.799  1.00 10.40 ? 227 GLY A CA  1 
ATOM   985  C  C   . GLY A 1 129 ? 2.744   8.063   -7.773  1.00 10.33 ? 227 GLY A C   1 
ATOM   986  O  O   . GLY A 1 129 ? 3.520   7.175   -7.423  1.00 9.06  ? 227 GLY A O   1 
ATOM   987  N  N   . HIS A 1 130 ? 2.216   8.077   -8.986  1.00 10.01 ? 228 HIS A N   1 
ATOM   988  C  CA  . HIS A 1 130 ? 2.505   7.095   -10.027 1.00 13.17 ? 228 HIS A CA  1 
ATOM   989  C  C   . HIS A 1 130 ? 3.747   7.397   -10.832 1.00 16.28 ? 228 HIS A C   1 
ATOM   990  O  O   . HIS A 1 130 ? 4.146   8.560   -11.070 1.00 17.22 ? 228 HIS A O   1 
ATOM   991  C  CB  . HIS A 1 130 ? 1.325   6.997   -10.992 1.00 9.95  ? 228 HIS A CB  1 
ATOM   992  C  CG  . HIS A 1 130 ? 0.203   6.184   -10.344 1.00 9.61  ? 228 HIS A CG  1 
ATOM   993  N  ND1 . HIS A 1 130 ? -1.084  6.291   -10.619 1.00 9.80  ? 228 HIS A ND1 1 
ATOM   994  C  CD2 . HIS A 1 130 ? 0.369   5.105   -9.494  1.00 10.13 ? 228 HIS A CD2 1 
ATOM   995  C  CE1 . HIS A 1 130 ? -1.706  5.323   -9.977  1.00 13.14 ? 228 HIS A CE1 1 
ATOM   996  N  NE2 . HIS A 1 130 ? -0.828  4.623   -9.310  1.00 10.55 ? 228 HIS A NE2 1 
ATOM   997  N  N   . SER A 1 131 ? 4.413   6.325   -11.255 1.00 16.26 ? 229 SER A N   1 
ATOM   998  C  CA  . SER A 1 131 ? 5.617   6.487   -12.071 1.00 14.64 ? 229 SER A CA  1 
ATOM   999  C  C   . SER A 1 131 ? 5.274   6.217   -13.530 1.00 14.12 ? 229 SER A C   1 
ATOM   1000 O  O   . SER A 1 131 ? 4.243   5.620   -13.868 1.00 14.46 ? 229 SER A O   1 
ATOM   1001 C  CB  . SER A 1 131 ? 6.749   5.499   -11.636 1.00 14.99 ? 229 SER A CB  1 
ATOM   1002 O  OG  . SER A 1 131 ? 7.962   5.813   -12.356 1.00 17.53 ? 229 SER A OG  1 
ATOM   1003 N  N   . SER A 1 132 ? 6.154   6.709   -14.392 1.00 14.30 ? 230 SER A N   1 
ATOM   1004 C  CA  . SER A 1 132 ? 6.060   6.522   -15.845 1.00 17.65 ? 230 SER A CA  1 
ATOM   1005 C  C   . SER A 1 132 ? 6.884   5.308   -16.203 1.00 16.41 ? 230 SER A C   1 
ATOM   1006 O  O   . SER A 1 132 ? 6.827   4.827   -17.332 1.00 18.92 ? 230 SER A O   1 
ATOM   1007 C  CB  . SER A 1 132 ? 6.648   7.710   -16.593 1.00 19.31 ? 230 SER A CB  1 
ATOM   1008 O  OG  . SER A 1 132 ? 6.334   8.918   -15.888 1.00 30.32 ? 230 SER A OG  1 
ATOM   1009 N  N   . ASP A 1 133 ? 7.765   4.889   -15.290 1.00 16.12 ? 231 ASP A N   1 
ATOM   1010 C  CA  . ASP A 1 133 ? 8.650   3.734   -15.500 1.00 15.00 ? 231 ASP A CA  1 
ATOM   1011 C  C   . ASP A 1 133 ? 7.914   2.404   -15.360 1.00 15.80 ? 231 ASP A C   1 
ATOM   1012 O  O   . ASP A 1 133 ? 7.455   2.071   -14.253 1.00 13.45 ? 231 ASP A O   1 
ATOM   1013 C  CB  . ASP A 1 133 ? 9.811   3.840   -14.490 1.00 15.70 ? 231 ASP A CB  1 
ATOM   1014 C  CG  . ASP A 1 133 ? 10.857  2.745   -14.692 1.00 19.93 ? 231 ASP A CG  1 
ATOM   1015 O  OD1 . ASP A 1 133 ? 10.628  1.745   -15.392 1.00 20.66 ? 231 ASP A OD1 1 
ATOM   1016 O  OD2 . ASP A 1 133 ? 11.926  2.884   -14.110 1.00 22.66 ? 231 ASP A OD2 1 
ATOM   1017 N  N   . PRO A 1 134 ? 7.750   1.626   -16.453 1.00 15.90 ? 232 PRO A N   1 
ATOM   1018 C  CA  . PRO A 1 134 ? 6.976   0.386   -16.432 1.00 14.79 ? 232 PRO A CA  1 
ATOM   1019 C  C   . PRO A 1 134 ? 7.524   -0.606  -15.460 1.00 15.26 ? 232 PRO A C   1 
ATOM   1020 O  O   . PRO A 1 134 ? 6.812   -1.511  -15.045 1.00 15.94 ? 232 PRO A O   1 
ATOM   1021 C  CB  . PRO A 1 134 ? 7.000   -0.173  -17.840 1.00 14.60 ? 232 PRO A CB  1 
ATOM   1022 C  CG  . PRO A 1 134 ? 7.296   1.055   -18.661 1.00 16.14 ? 232 PRO A CG  1 
ATOM   1023 C  CD  . PRO A 1 134 ? 8.311   1.812   -17.800 1.00 15.25 ? 232 PRO A CD  1 
ATOM   1024 N  N   . ASN A 1 135 ? 8.791   -0.517  -15.140 1.00 16.56 ? 233 ASN A N   1 
ATOM   1025 C  CA  . ASN A 1 135 ? 9.424   -1.436  -14.203 1.00 17.87 ? 233 ASN A CA  1 
ATOM   1026 C  C   . ASN A 1 135 ? 9.236   -1.026  -12.767 1.00 16.64 ? 233 ASN A C   1 
ATOM   1027 O  O   . ASN A 1 135 ? 9.612   -1.769  -11.873 1.00 16.72 ? 233 ASN A O   1 
ATOM   1028 C  CB  . ASN A 1 135 ? 10.933  -1.512  -14.405 1.00 23.78 ? 233 ASN A CB  1 
ATOM   1029 C  CG  . ASN A 1 135 ? 11.332  -1.956  -15.797 1.00 28.43 ? 233 ASN A CG  1 
ATOM   1030 O  OD1 . ASN A 1 135 ? 11.998  -1.236  -16.548 1.00 32.24 ? 233 ASN A OD1 1 
ATOM   1031 N  ND2 . ASN A 1 135 ? 10.945  -3.169  -16.183 1.00 29.23 ? 233 ASN A ND2 1 
ATOM   1032 N  N   . ALA A 1 136 ? 8.751   0.155   -12.467 1.00 15.92 ? 234 ALA A N   1 
ATOM   1033 C  CA  . ALA A 1 136 ? 8.610   0.567   -11.066 1.00 13.87 ? 234 ALA A CA  1 
ATOM   1034 C  C   . ALA A 1 136 ? 7.402   -0.013  -10.374 1.00 11.18 ? 234 ALA A C   1 
ATOM   1035 O  O   . ALA A 1 136 ? 6.354   -0.188  -11.011 1.00 10.66 ? 234 ALA A O   1 
ATOM   1036 C  CB  . ALA A 1 136 ? 8.533   2.108   -10.981 1.00 11.00 ? 234 ALA A CB  1 
ATOM   1037 N  N   . VAL A 1 137 ? 7.495   -0.221  -9.059  1.00 9.13  ? 235 VAL A N   1 
ATOM   1038 C  CA  . VAL A 1 137 ? 6.355   -0.757  -8.291  1.00 7.88  ? 235 VAL A CA  1 
ATOM   1039 C  C   . VAL A 1 137 ? 5.221   0.274   -8.382  1.00 8.11  ? 235 VAL A C   1 
ATOM   1040 O  O   . VAL A 1 137 ? 4.028   -0.066  -8.424  1.00 8.45  ? 235 VAL A O   1 
ATOM   1041 C  CB  . VAL A 1 137 ? 6.776   -0.985  -6.812  1.00 9.81  ? 235 VAL A CB  1 
ATOM   1042 C  CG1 . VAL A 1 137 ? 5.588   -1.466  -5.938  1.00 6.83  ? 235 VAL A CG1 1 
ATOM   1043 C  CG2 . VAL A 1 137 ? 7.915   -2.046  -6.800  1.00 7.81  ? 235 VAL A CG2 1 
ATOM   1044 N  N   . MET A 1 138 ? 5.549   1.566   -8.383  1.00 7.36  ? 236 MET A N   1 
ATOM   1045 C  CA  . MET A 1 138 ? 4.502   2.589   -8.462  1.00 6.93  ? 236 MET A CA  1 
ATOM   1046 C  C   . MET A 1 138 ? 3.927   2.831   -9.845  1.00 8.66  ? 236 MET A C   1 
ATOM   1047 O  O   . MET A 1 138 ? 3.221   3.825   -10.077 1.00 6.59  ? 236 MET A O   1 
ATOM   1048 C  CB  . MET A 1 138 ? 5.044   3.894   -7.864  1.00 8.64  ? 236 MET A CB  1 
ATOM   1049 C  CG  . MET A 1 138 ? 5.305   3.780   -6.324  1.00 8.76  ? 236 MET A CG  1 
ATOM   1050 S  SD  . MET A 1 138 ? 3.970   3.134   -5.278  1.00 8.39  ? 236 MET A SD  1 
ATOM   1051 C  CE  . MET A 1 138 ? 2.628   4.250   -5.763  1.00 9.75  ? 236 MET A CE  1 
ATOM   1052 N  N   . TYR A 1 139 ? 4.203   1.943   -10.812 1.00 10.34 ? 237 TYR A N   1 
ATOM   1053 C  CA  . TYR A 1 139 ? 3.585   2.117   -12.145 1.00 11.03 ? 237 TYR A CA  1 
ATOM   1054 C  C   . TYR A 1 139 ? 2.072   1.895   -11.933 1.00 11.14 ? 237 TYR A C   1 
ATOM   1055 O  O   . TYR A 1 139 ? 1.691   1.088   -11.068 1.00 12.86 ? 237 TYR A O   1 
ATOM   1056 C  CB  . TYR A 1 139 ? 4.151   1.067   -13.117 1.00 11.34 ? 237 TYR A CB  1 
ATOM   1057 C  CG  . TYR A 1 139 ? 3.856   1.434   -14.514 1.00 9.40  ? 237 TYR A CG  1 
ATOM   1058 C  CD1 . TYR A 1 139 ? 4.426   2.590   -15.095 1.00 12.38 ? 237 TYR A CD1 1 
ATOM   1059 C  CD2 . TYR A 1 139 ? 2.984   0.617   -15.241 1.00 9.06  ? 237 TYR A CD2 1 
ATOM   1060 C  CE1 . TYR A 1 139 ? 4.112   2.931   -16.422 1.00 12.16 ? 237 TYR A CE1 1 
ATOM   1061 C  CE2 . TYR A 1 139 ? 2.664   0.949   -16.559 1.00 10.80 ? 237 TYR A CE2 1 
ATOM   1062 C  CZ  . TYR A 1 139 ? 3.224   2.104   -17.146 1.00 12.63 ? 237 TYR A CZ  1 
ATOM   1063 O  OH  . TYR A 1 139 ? 2.846   2.429   -18.440 1.00 15.40 ? 237 TYR A OH  1 
ATOM   1064 N  N   . PRO A 1 140 ? 1.151   2.572   -12.641 1.00 11.36 ? 238 PRO A N   1 
ATOM   1065 C  CA  . PRO A 1 140 ? -0.302  2.407   -12.392 1.00 13.10 ? 238 PRO A CA  1 
ATOM   1066 C  C   . PRO A 1 140 ? -0.986  1.037   -12.600 1.00 13.81 ? 238 PRO A C   1 
ATOM   1067 O  O   . PRO A 1 140 ? -2.024  0.732   -11.981 1.00 13.74 ? 238 PRO A O   1 
ATOM   1068 C  CB  . PRO A 1 140 ? -0.929  3.496   -13.239 1.00 14.48 ? 238 PRO A CB  1 
ATOM   1069 C  CG  . PRO A 1 140 ? 0.143   3.832   -14.262 1.00 11.26 ? 238 PRO A CG  1 
ATOM   1070 C  CD  . PRO A 1 140 ? 1.387   3.782   -13.430 1.00 9.50  ? 238 PRO A CD  1 
ATOM   1071 N  N   . THR A 1 141 ? -0.498  0.208   -13.503 1.00 13.41 ? 239 THR A N   1 
ATOM   1072 C  CA  . THR A 1 141 ? -1.110  -1.103  -13.747 1.00 11.87 ? 239 THR A CA  1 
ATOM   1073 C  C   . THR A 1 141 ? -0.313  -2.257  -13.160 1.00 13.94 ? 239 THR A C   1 
ATOM   1074 O  O   . THR A 1 141 ? 0.904   -2.178  -12.931 1.00 16.64 ? 239 THR A O   1 
ATOM   1075 C  CB  . THR A 1 141 ? -1.250  -1.214  -15.254 1.00 12.35 ? 239 THR A CB  1 
ATOM   1076 O  OG1 . THR A 1 141 ? 0.039   -0.949  -15.840 1.00 16.82 ? 239 THR A OG1 1 
ATOM   1077 C  CG2 . THR A 1 141 ? -2.253  -0.175  -15.803 1.00 9.43  ? 239 THR A CG2 1 
ATOM   1078 N  N   . TYR A 1 142 ? -1.004  -3.344  -12.904 1.00 13.76 ? 240 TYR A N   1 
ATOM   1079 C  CA  . TYR A 1 142 ? -0.447  -4.584  -12.348 1.00 14.47 ? 240 TYR A CA  1 
ATOM   1080 C  C   . TYR A 1 142 ? 0.064   -5.532  -13.424 1.00 14.23 ? 240 TYR A C   1 
ATOM   1081 O  O   . TYR A 1 142 ? -0.513  -5.599  -14.504 1.00 13.41 ? 240 TYR A O   1 
ATOM   1082 C  CB  . TYR A 1 142 ? -1.578  -5.254  -11.577 1.00 15.37 ? 240 TYR A CB  1 
ATOM   1083 C  CG  . TYR A 1 142 ? -1.212  -6.501  -10.921 1.00 13.05 ? 240 TYR A CG  1 
ATOM   1084 C  CD1 . TYR A 1 142 ? -0.643  -6.454  -9.640  1.00 13.20 ? 240 TYR A CD1 1 
ATOM   1085 C  CD2 . TYR A 1 142 ? -1.441  -7.715  -11.585 1.00 11.93 ? 240 TYR A CD2 1 
ATOM   1086 C  CE1 . TYR A 1 142 ? -0.294  -7.651  -9.004  1.00 11.10 ? 240 TYR A CE1 1 
ATOM   1087 C  CE2 . TYR A 1 142 ? -1.085  -8.903  -10.937 1.00 9.23  ? 240 TYR A CE2 1 
ATOM   1088 C  CZ  . TYR A 1 142 ? -0.516  -8.871  -9.656  1.00 9.41  ? 240 TYR A CZ  1 
ATOM   1089 O  OH  . TYR A 1 142 ? -0.168  -10.053 -9.022  1.00 9.52  ? 240 TYR A OH  1 
ATOM   1090 N  N   . GLY A 1 143 ? 1.091   -6.322  -13.156 1.00 12.97 ? 241 GLY A N   1 
ATOM   1091 C  CA  . GLY A 1 143 ? 1.555   -7.320  -14.133 1.00 16.09 ? 241 GLY A CA  1 
ATOM   1092 C  C   . GLY A 1 143 ? 2.735   -7.079  -15.054 1.00 15.65 ? 241 GLY A C   1 
ATOM   1093 O  O   . GLY A 1 143 ? 3.129   -8.015  -15.744 1.00 18.10 ? 241 GLY A O   1 
ATOM   1094 N  N   . ASN A 1 144 ? 3.374   -5.927  -15.081 1.00 17.55 ? 242 ASN A N   1 
ATOM   1095 C  CA  . ASN A 1 144 ? 4.501   -5.744  -16.018 1.00 18.13 ? 242 ASN A CA  1 
ATOM   1096 C  C   . ASN A 1 144 ? 5.681   -6.665  -15.798 1.00 15.92 ? 242 ASN A C   1 
ATOM   1097 O  O   . ASN A 1 144 ? 6.191   -7.276  -16.740 1.00 17.31 ? 242 ASN A O   1 
ATOM   1098 C  CB  . ASN A 1 144 ? 4.974   -4.302  -15.943 1.00 20.75 ? 242 ASN A CB  1 
ATOM   1099 C  CG  . ASN A 1 144 ? 3.828   -3.491  -16.494 1.00 27.57 ? 242 ASN A CG  1 
ATOM   1100 O  OD1 . ASN A 1 144 ? 3.373   -3.659  -17.627 1.00 31.66 ? 242 ASN A OD1 1 
ATOM   1101 N  ND2 . ASN A 1 144 ? 3.270   -2.620  -15.696 1.00 29.95 ? 242 ASN A ND2 1 
ATOM   1102 N  N   . GLY A 1 145 ? 6.147   -6.762  -14.565 1.00 13.84 ? 243 GLY A N   1 
ATOM   1103 C  CA  . GLY A 1 145 ? 7.295   -7.583  -14.177 1.00 13.53 ? 243 GLY A CA  1 
ATOM   1104 C  C   . GLY A 1 145 ? 6.858   -8.925  -13.624 1.00 13.15 ? 243 GLY A C   1 
ATOM   1105 O  O   . GLY A 1 145 ? 6.066   -9.644  -14.241 1.00 13.72 ? 243 GLY A O   1 
ATOM   1106 N  N   . ASP A 1 146 ? 7.328   -9.263  -12.452 1.00 11.22 ? 244 ASP A N   1 
ATOM   1107 C  CA  . ASP A 1 146 ? 6.974   -10.545 -11.864 1.00 13.32 ? 244 ASP A CA  1 
ATOM   1108 C  C   . ASP A 1 146 ? 6.491   -10.275 -10.459 1.00 14.40 ? 244 ASP A C   1 
ATOM   1109 O  O   . ASP A 1 146 ? 7.280   -9.844  -9.612  1.00 15.10 ? 244 ASP A O   1 
ATOM   1110 C  CB  . ASP A 1 146 ? 8.212   -11.462 -11.863 1.00 12.07 ? 244 ASP A CB  1 
ATOM   1111 C  CG  . ASP A 1 146 ? 7.974   -12.835 -11.255 1.00 13.77 ? 244 ASP A CG  1 
ATOM   1112 O  OD1 . ASP A 1 146 ? 6.909   -13.157 -10.738 1.00 13.90 ? 244 ASP A OD1 1 
ATOM   1113 O  OD2 . ASP A 1 146 ? 8.907   -13.618 -11.288 1.00 12.04 ? 244 ASP A OD2 1 
ATOM   1114 N  N   . PRO A 1 147 ? 5.175   -10.451 -10.214 1.00 15.68 ? 245 PRO A N   1 
ATOM   1115 C  CA  . PRO A 1 147 ? 4.602   -10.176 -8.892  1.00 15.97 ? 245 PRO A CA  1 
ATOM   1116 C  C   . PRO A 1 147 ? 5.247   -11.018 -7.804  1.00 16.24 ? 245 PRO A C   1 
ATOM   1117 O  O   . PRO A 1 147 ? 5.234   -10.640 -6.634  1.00 15.57 ? 245 PRO A O   1 
ATOM   1118 C  CB  . PRO A 1 147 ? 3.101   -10.453 -9.052  1.00 17.37 ? 245 PRO A CB  1 
ATOM   1119 C  CG  . PRO A 1 147 ? 2.869   -10.316 -10.564 1.00 15.37 ? 245 PRO A CG  1 
ATOM   1120 C  CD  . PRO A 1 147 ? 4.129   -10.978 -11.139 1.00 14.27 ? 245 PRO A CD  1 
ATOM   1121 N  N   . GLN A 1 148 ? 5.802   -12.183 -8.168  1.00 15.32 ? 246 GLN A N   1 
ATOM   1122 C  CA  . GLN A 1 148 ? 6.442   -13.090 -7.202  1.00 14.03 ? 246 GLN A CA  1 
ATOM   1123 C  C   . GLN A 1 148 ? 7.941   -12.904 -7.001  1.00 15.79 ? 246 GLN A C   1 
ATOM   1124 O  O   . GLN A 1 148 ? 8.557   -13.595 -6.181  1.00 16.85 ? 246 GLN A O   1 
ATOM   1125 C  CB  . GLN A 1 148 ? 6.133   -14.521 -7.665  1.00 14.08 ? 246 GLN A CB  1 
ATOM   1126 C  CG  . GLN A 1 148 ? 4.721   -15.025 -7.279  1.00 14.59 ? 246 GLN A CG  1 
ATOM   1127 C  CD  . GLN A 1 148 ? 3.595   -14.377 -8.082  1.00 19.94 ? 246 GLN A CD  1 
ATOM   1128 O  OE1 . GLN A 1 148 ? 2.676   -13.738 -7.530  1.00 21.36 ? 246 GLN A OE1 1 
ATOM   1129 N  NE2 . GLN A 1 148 ? 3.593   -14.547 -9.393  1.00 16.31 ? 246 GLN A NE2 1 
ATOM   1130 N  N   . ASN A 1 149 ? 8.565   -11.972 -7.714  1.00 15.38 ? 247 ASN A N   1 
ATOM   1131 C  CA  . ASN A 1 149 ? 10.026  -11.767 -7.604  1.00 15.27 ? 247 ASN A CA  1 
ATOM   1132 C  C   . ASN A 1 149 ? 10.180  -10.341 -7.975  1.00 12.44 ? 247 ASN A C   1 
ATOM   1133 O  O   . ASN A 1 149 ? 10.203  -10.009 -9.162  1.00 14.66 ? 247 ASN A O   1 
ATOM   1134 C  CB  . ASN A 1 149 ? 10.789  -12.688 -8.625  1.00 15.19 ? 247 ASN A CB  1 
ATOM   1135 C  CG  . ASN A 1 149 ? 12.287  -12.423 -8.709  1.00 16.04 ? 247 ASN A CG  1 
ATOM   1136 O  OD1 . ASN A 1 149 ? 12.899  -11.817 -7.830  1.00 16.06 ? 247 ASN A OD1 1 
ATOM   1137 N  ND2 . ASN A 1 149 ? 12.973  -12.936 -9.726  1.00 12.32 ? 247 ASN A ND2 1 
ATOM   1138 N  N   . PHE A 1 150 ? 10.213  -9.459  -7.006  1.00 9.66  ? 248 PHE A N   1 
ATOM   1139 C  CA  . PHE A 1 150 ? 10.324  -8.024  -7.291  1.00 10.37 ? 248 PHE A CA  1 
ATOM   1140 C  C   . PHE A 1 150 ? 10.930  -7.347  -6.089  1.00 11.47 ? 248 PHE A C   1 
ATOM   1141 O  O   . PHE A 1 150 ? 11.000  -7.936  -5.019  1.00 18.08 ? 248 PHE A O   1 
ATOM   1142 C  CB  . PHE A 1 150 ? 8.904   -7.383  -7.579  1.00 7.71  ? 248 PHE A CB  1 
ATOM   1143 C  CG  . PHE A 1 150 ? 8.085   -7.154  -6.363  1.00 8.34  ? 248 PHE A CG  1 
ATOM   1144 C  CD1 . PHE A 1 150 ? 7.378   -8.202  -5.752  1.00 10.45 ? 248 PHE A CD1 1 
ATOM   1145 C  CD2 . PHE A 1 150 ? 8.046   -5.870  -5.782  1.00 11.80 ? 248 PHE A CD2 1 
ATOM   1146 C  CE1 . PHE A 1 150 ? 6.646   -7.955  -4.567  1.00 13.85 ? 248 PHE A CE1 1 
ATOM   1147 C  CE2 . PHE A 1 150 ? 7.317   -5.609  -4.600  1.00 12.45 ? 248 PHE A CE2 1 
ATOM   1148 C  CZ  . PHE A 1 150 ? 6.612   -6.659  -3.990  1.00 12.99 ? 248 PHE A CZ  1 
ATOM   1149 N  N   . LYS A 1 151 ? 11.300  -6.084  -6.222  1.00 13.09 ? 249 LYS A N   1 
ATOM   1150 C  CA  . LYS A 1 151 ? 11.886  -5.229  -5.172  1.00 12.06 ? 249 LYS A CA  1 
ATOM   1151 C  C   . LYS A 1 151 ? 11.624  -3.787  -5.657  1.00 12.11 ? 249 LYS A C   1 
ATOM   1152 O  O   . LYS A 1 151 ? 11.206  -3.556  -6.807  1.00 6.44  ? 249 LYS A O   1 
ATOM   1153 C  CB  . LYS A 1 151 ? 13.429  -5.482  -5.057  1.00 14.30 ? 249 LYS A CB  1 
ATOM   1154 N  N   . LEU A 1 152 ? 11.815  -2.795  -4.802  1.00 13.17 ? 250 LEU A N   1 
ATOM   1155 C  CA  . LEU A 1 152 ? 11.602  -1.401  -5.244  1.00 14.19 ? 250 LEU A CA  1 
ATOM   1156 C  C   . LEU A 1 152 ? 12.589  -1.071  -6.346  1.00 16.21 ? 250 LEU A C   1 
ATOM   1157 O  O   . LEU A 1 152 ? 13.732  -1.545  -6.328  1.00 15.52 ? 250 LEU A O   1 
ATOM   1158 C  CB  . LEU A 1 152 ? 11.841  -0.417  -4.082  1.00 13.73 ? 250 LEU A CB  1 
ATOM   1159 C  CG  . LEU A 1 152 ? 10.658  0.008   -3.174  1.00 14.17 ? 250 LEU A CG  1 
ATOM   1160 C  CD1 . LEU A 1 152 ? 9.431   -0.904  -3.297  1.00 12.65 ? 250 LEU A CD1 1 
ATOM   1161 C  CD2 . LEU A 1 152 ? 11.215  0.063   -1.772  1.00 11.37 ? 250 LEU A CD2 1 
ATOM   1162 N  N   . SER A 1 153 ? 12.191  -0.282  -7.336  1.00 18.23 ? 251 SER A N   1 
ATOM   1163 C  CA  . SER A 1 153 ? 13.146  0.096   -8.390  1.00 18.45 ? 251 SER A CA  1 
ATOM   1164 C  C   . SER A 1 153 ? 13.919  1.351   -7.948  1.00 19.71 ? 251 SER A C   1 
ATOM   1165 O  O   . SER A 1 153 ? 13.560  2.055   -6.984  1.00 19.03 ? 251 SER A O   1 
ATOM   1166 C  CB  . SER A 1 153 ? 12.374  0.376   -9.708  1.00 16.45 ? 251 SER A CB  1 
ATOM   1167 O  OG  . SER A 1 153 ? 11.721  1.641   -9.662  1.00 19.22 ? 251 SER A OG  1 
ATOM   1168 N  N   . GLN A 1 154 ? 14.973  1.701   -8.683  1.00 19.42 ? 252 GLN A N   1 
ATOM   1169 C  CA  . GLN A 1 154 ? 15.718  2.913   -8.343  1.00 21.81 ? 252 GLN A CA  1 
ATOM   1170 C  C   . GLN A 1 154 ? 14.810  4.113   -8.381  1.00 17.95 ? 252 GLN A C   1 
ATOM   1171 O  O   . GLN A 1 154 ? 15.023  5.051   -7.625  1.00 18.99 ? 252 GLN A O   1 
ATOM   1172 C  CB  . GLN A 1 154 ? 16.875  3.181   -9.315  1.00 28.18 ? 252 GLN A CB  1 
ATOM   1173 C  CG  . GLN A 1 154 ? 18.180  2.512   -8.821  1.00 40.22 ? 252 GLN A CG  1 
ATOM   1174 C  CD  . GLN A 1 154 ? 18.565  2.963   -7.402  1.00 46.95 ? 252 GLN A CD  1 
ATOM   1175 O  OE1 . GLN A 1 154 ? 19.134  2.184   -6.637  1.00 52.53 ? 252 GLN A OE1 1 
ATOM   1176 N  NE2 . GLN A 1 154 ? 18.314  4.204   -6.981  1.00 49.84 ? 252 GLN A NE2 1 
ATOM   1177 N  N   . ASP A 1 155 ? 13.827  4.127   -9.260  1.00 16.28 ? 253 ASP A N   1 
ATOM   1178 C  CA  . ASP A 1 155 ? 12.877  5.252   -9.367  1.00 16.23 ? 253 ASP A CA  1 
ATOM   1179 C  C   . ASP A 1 155 ? 12.035  5.400   -8.080  1.00 15.93 ? 253 ASP A C   1 
ATOM   1180 O  O   . ASP A 1 155 ? 11.873  6.502   -7.535  1.00 15.33 ? 253 ASP A O   1 
ATOM   1181 C  CB  . ASP A 1 155 ? 12.063  4.988   -10.424 1.00 11.53 ? 253 ASP A CB  1 
ATOM   1182 C  CG  . ASP A 1 155 ? 11.052  6.199   -10.771 1.00 16.03 ? 253 ASP A CG  1 
ATOM   1183 O  OD1 . ASP A 1 155 ? 11.490  7.317   -11.089 1.00 15.55 ? 253 ASP A OD1 1 
ATOM   1184 O  OD2 . ASP A 1 155 ? 9.857   6.053   -10.552 1.00 15.45 ? 253 ASP A OD2 1 
ATOM   1185 N  N   . ASP A 1 156 ? 11.540  4.264   -7.551  1.00 16.49 ? 254 ASP A N   1 
ATOM   1186 C  CA  . ASP A 1 156 ? 10.721  4.236   -6.314  1.00 15.77 ? 254 ASP A CA  1 
ATOM   1187 C  C   . ASP A 1 156 ? 11.572  4.682   -5.138  1.00 14.95 ? 254 ASP A C   1 
ATOM   1188 O  O   . ASP A 1 156 ? 11.130  5.454   -4.287  1.00 11.54 ? 254 ASP A O   1 
ATOM   1189 C  CB  . ASP A 1 156 ? 10.170  2.815   -5.994  1.00 16.09 ? 254 ASP A CB  1 
ATOM   1190 C  CG  . ASP A 1 156 ? 9.296   2.171   -7.075  1.00 16.98 ? 254 ASP A CG  1 
ATOM   1191 O  OD1 . ASP A 1 156 ? 8.240   2.686   -7.421  1.00 15.43 ? 254 ASP A OD1 1 
ATOM   1192 O  OD2 . ASP A 1 156 ? 9.672   1.111   -7.582  1.00 18.99 ? 254 ASP A OD2 1 
ATOM   1193 N  N   . ILE A 1 157 ? 12.812  4.196   -5.045  1.00 15.43 ? 255 ILE A N   1 
ATOM   1194 C  CA  . ILE A 1 157 ? 13.720  4.599   -3.955  1.00 17.45 ? 255 ILE A CA  1 
ATOM   1195 C  C   . ILE A 1 157 ? 14.042  6.086   -4.061  1.00 19.26 ? 255 ILE A C   1 
ATOM   1196 O  O   . ILE A 1 157 ? 13.970  6.836   -3.092  1.00 20.36 ? 255 ILE A O   1 
ATOM   1197 C  CB  . ILE A 1 157 ? 15.009  3.767   -4.021  1.00 19.99 ? 255 ILE A CB  1 
ATOM   1198 C  CG1 . ILE A 1 157 ? 14.598  2.286   -3.821  1.00 20.03 ? 255 ILE A CG1 1 
ATOM   1199 C  CG2 . ILE A 1 157 ? 16.059  4.271   -2.970  1.00 18.44 ? 255 ILE A CG2 1 
ATOM   1200 C  CD1 . ILE A 1 157 ? 15.689  1.247   -4.118  1.00 21.88 ? 255 ILE A CD1 1 
ATOM   1201 N  N   . LYS A 1 158 ? 14.397  6.583   -5.227  1.00 22.33 ? 256 LYS A N   1 
ATOM   1202 C  CA  . LYS A 1 158 ? 14.701  8.008   -5.415  1.00 24.45 ? 256 LYS A CA  1 
ATOM   1203 C  C   . LYS A 1 158 ? 13.538  8.856   -4.914  1.00 22.89 ? 256 LYS A C   1 
ATOM   1204 O  O   . LYS A 1 158 ? 13.739  9.955   -4.372  1.00 24.22 ? 256 LYS A O   1 
ATOM   1205 C  CB  . LYS A 1 158 ? 14.930  8.324   -6.925  1.00 29.97 ? 256 LYS A CB  1 
ATOM   1206 C  CG  . LYS A 1 158 ? 16.293  8.929   -7.339  1.00 37.80 ? 256 LYS A CG  1 
ATOM   1207 C  CD  . LYS A 1 158 ? 16.674  10.315  -6.721  1.00 46.89 ? 256 LYS A CD  1 
ATOM   1208 C  CE  . LYS A 1 158 ? 15.816  11.543  -7.162  1.00 50.93 ? 256 LYS A CE  1 
ATOM   1209 N  NZ  . LYS A 1 158 ? 15.031  12.109  -6.035  1.00 56.46 ? 256 LYS A NZ  1 
ATOM   1210 N  N   . GLY A 1 159 ? 12.320  8.449   -5.238  1.00 19.72 ? 257 GLY A N   1 
ATOM   1211 C  CA  . GLY A 1 159 ? 11.124  9.181   -4.823  1.00 16.47 ? 257 GLY A CA  1 
ATOM   1212 C  C   . GLY A 1 159 ? 10.884  9.166   -3.325  1.00 16.48 ? 257 GLY A C   1 
ATOM   1213 O  O   . GLY A 1 159 ? 10.690  10.219  -2.711  1.00 14.63 ? 257 GLY A O   1 
ATOM   1214 N  N   . ILE A 1 160 ? 10.920  7.995   -2.696  1.00 15.33 ? 258 ILE A N   1 
ATOM   1215 C  CA  . ILE A 1 160 ? 10.638  7.939   -1.263  1.00 16.15 ? 258 ILE A CA  1 
ATOM   1216 C  C   . ILE A 1 160 ? 11.701  8.704   -0.482  1.00 17.63 ? 258 ILE A C   1 
ATOM   1217 O  O   . ILE A 1 160 ? 11.384  9.461   0.440   1.00 16.98 ? 258 ILE A O   1 
ATOM   1218 C  CB  . ILE A 1 160 ? 10.498  6.418   -0.871  1.00 14.50 ? 258 ILE A CB  1 
ATOM   1219 C  CG1 . ILE A 1 160 ? 9.739   6.349   0.481   1.00 13.45 ? 258 ILE A CG1 1 
ATOM   1220 C  CG2 . ILE A 1 160 ? 11.861  5.691   -0.757  1.00 16.67 ? 258 ILE A CG2 1 
ATOM   1221 C  CD1 . ILE A 1 160 ? 8.255   6.741   0.410   1.00 12.10 ? 258 ILE A CD1 1 
ATOM   1222 N  N   . GLN A 1 161 ? 12.970  8.572   -0.865  1.00 18.26 ? 259 GLN A N   1 
ATOM   1223 C  CA  . GLN A 1 161 ? 14.055  9.290   -0.181  1.00 18.43 ? 259 GLN A CA  1 
ATOM   1224 C  C   . GLN A 1 161 ? 13.935  10.765  -0.461  1.00 21.14 ? 259 GLN A C   1 
ATOM   1225 O  O   . GLN A 1 161 ? 14.337  11.552  0.378   1.00 23.72 ? 259 GLN A O   1 
ATOM   1226 C  CB  . GLN A 1 161 ? 15.399  8.766   -0.653  1.00 17.80 ? 259 GLN A CB  1 
ATOM   1227 C  CG  . GLN A 1 161 ? 15.495  7.316   -0.190  1.00 16.78 ? 259 GLN A CG  1 
ATOM   1228 C  CD  . GLN A 1 161 ? 16.871  6.741   -0.416  1.00 18.24 ? 259 GLN A CD  1 
ATOM   1229 O  OE1 . GLN A 1 161 ? 17.391  6.001   0.417   1.00 19.14 ? 259 GLN A OE1 1 
ATOM   1230 N  NE2 . GLN A 1 161 ? 17.556  7.069   -1.494  1.00 16.37 ? 259 GLN A NE2 1 
ATOM   1231 N  N   . LYS A 1 162 ? 13.445  11.215  -1.623  1.00 23.16 ? 260 LYS A N   1 
ATOM   1232 C  CA  . LYS A 1 162 ? 13.292  12.678  -1.847  1.00 24.49 ? 260 LYS A CA  1 
ATOM   1233 C  C   . LYS A 1 162 ? 12.266  13.165  -0.841  1.00 25.45 ? 260 LYS A C   1 
ATOM   1234 O  O   . LYS A 1 162 ? 12.403  14.240  -0.257  1.00 28.21 ? 260 LYS A O   1 
ATOM   1235 C  CB  . LYS A 1 162 ? 12.712  13.106  -3.236  1.00 23.40 ? 260 LYS A CB  1 
ATOM   1236 N  N   . LEU A 1 163 ? 11.209  12.401  -0.632  1.00 23.06 ? 261 LEU A N   1 
ATOM   1237 C  CA  . LEU A 1 163 ? 10.192  12.829  0.318   1.00 22.45 ? 261 LEU A CA  1 
ATOM   1238 C  C   . LEU A 1 163 ? 10.657  12.784  1.773   1.00 24.04 ? 261 LEU A C   1 
ATOM   1239 O  O   . LEU A 1 163 ? 10.401  13.717  2.540   1.00 25.49 ? 261 LEU A O   1 
ATOM   1240 C  CB  . LEU A 1 163 ? 8.962   11.929  0.078   1.00 21.76 ? 261 LEU A CB  1 
ATOM   1241 C  CG  . LEU A 1 163 ? 7.564   12.413  0.498   1.00 19.60 ? 261 LEU A CG  1 
ATOM   1242 C  CD1 . LEU A 1 163 ? 7.277   13.859  0.042   1.00 17.32 ? 261 LEU A CD1 1 
ATOM   1243 C  CD2 . LEU A 1 163 ? 6.568   11.416  -0.108  1.00 16.17 ? 261 LEU A CD2 1 
ATOM   1244 N  N   . TYR A 1 164 ? 11.318  11.748  2.228   1.00 23.34 ? 262 TYR A N   1 
ATOM   1245 C  CA  . TYR A 1 164 ? 11.696  11.692  3.633   1.00 24.18 ? 262 TYR A CA  1 
ATOM   1246 C  C   . TYR A 1 164 ? 13.180  11.684  3.946   1.00 27.43 ? 262 TYR A C   1 
ATOM   1247 O  O   . TYR A 1 164 ? 13.566  11.555  5.116   1.00 29.00 ? 262 TYR A O   1 
ATOM   1248 C  CB  . TYR A 1 164 ? 11.072  10.423  4.245   1.00 22.71 ? 262 TYR A CB  1 
ATOM   1249 C  CG  . TYR A 1 164 ? 9.607   10.371  4.190   1.00 20.90 ? 262 TYR A CG  1 
ATOM   1250 C  CD1 . TYR A 1 164 ? 8.869   10.951  5.233   1.00 18.32 ? 262 TYR A CD1 1 
ATOM   1251 C  CD2 . TYR A 1 164 ? 8.961   9.635   3.182   1.00 19.59 ? 262 TYR A CD2 1 
ATOM   1252 C  CE1 . TYR A 1 164 ? 7.487   10.786  5.290   1.00 16.39 ? 262 TYR A CE1 1 
ATOM   1253 C  CE2 . TYR A 1 164 ? 7.569   9.478   3.255   1.00 17.42 ? 262 TYR A CE2 1 
ATOM   1254 C  CZ  . TYR A 1 164 ? 6.841   10.045  4.307   1.00 16.11 ? 262 TYR A CZ  1 
ATOM   1255 O  OH  . TYR A 1 164 ? 5.491   9.802   4.430   1.00 19.25 ? 262 TYR A OH  1 
ATOM   1256 N  N   . GLY A 1 165 ? 14.043  11.812  2.959   1.00 27.65 ? 263 GLY A N   1 
ATOM   1257 C  CA  . GLY A 1 165 ? 15.483  11.742  3.228   1.00 30.61 ? 263 GLY A CA  1 
ATOM   1258 C  C   . GLY A 1 165 ? 15.918  10.282  3.369   1.00 33.80 ? 263 GLY A C   1 
ATOM   1259 O  O   . GLY A 1 165 ? 15.120  9.348   3.502   1.00 31.49 ? 263 GLY A O   1 
ATOM   1260 N  N   . LYS A 1 166 ? 17.226  10.067  3.303   1.00 38.24 ? 264 LYS A N   1 
ATOM   1261 C  CA  . LYS A 1 166 ? 17.787  8.708   3.404   1.00 43.90 ? 264 LYS A CA  1 
ATOM   1262 C  C   . LYS A 1 166 ? 17.968  8.181   4.820   1.00 45.96 ? 264 LYS A C   1 
ATOM   1263 O  O   . LYS A 1 166 ? 17.989  8.947   5.785   1.00 45.40 ? 264 LYS A O   1 
ATOM   1264 C  CB  . LYS A 1 166 ? 19.178  8.623   2.753   1.00 44.46 ? 264 LYS A CB  1 
ATOM   1265 C  CG  . LYS A 1 166 ? 19.304  8.451   1.244   1.00 47.77 ? 264 LYS A CG  1 
ATOM   1266 C  CD  . LYS A 1 166 ? 20.533  7.523   0.933   1.00 52.86 ? 264 LYS A CD  1 
ATOM   1267 C  CE  . LYS A 1 166 ? 20.498  5.957   1.252   1.00 54.33 ? 264 LYS A CE  1 
ATOM   1268 N  NZ  . LYS A 1 166 ? 19.459  5.479   2.193   1.00 54.49 ? 264 LYS A NZ  1 
ATOM   1269 N  N   . ARG A 1 167 ? 18.051  6.853   4.894   1.00 48.29 ? 265 ARG A N   1 
ATOM   1270 C  CA  . ARG A 1 167 ? 18.338  6.061   6.126   1.00 54.10 ? 265 ARG A CA  1 
ATOM   1271 C  C   . ARG A 1 167 ? 19.261  5.335   5.083   1.00 63.24 ? 265 ARG A C   1 
ATOM   1272 O  O   . ARG A 1 167 ? 20.419  5.734   4.866   1.00 64.09 ? 265 ARG A O   1 
ATOM   1273 C  CB  . ARG A 1 167 ? 17.202  5.116   6.592   1.00 47.31 ? 265 ARG A CB  1 
HETATM 1274 ZN ZN  . ZN  B 2 .   ? -1.592  3.516   -7.693  1.00 13.27 ? 1   ZN  A ZN  1 
HETATM 1275 ZN ZN  . ZN  C 2 .   ? -12.042 2.996   -0.159  1.00 14.17 ? 2   ZN  A ZN  1 
HETATM 1276 CA CA  . CA  D 3 .   ? -5.620  7.731   8.202   1.00 12.17 ? 3   CA  A CA  1 
HETATM 1277 CA CA  . CA  E 3 .   ? -12.009 -4.514  -8.635  1.00 11.10 ? 4   CA  A CA  1 
HETATM 1278 S  S1  . SRS F 4 .   ? -4.438  2.269   -7.736  1.00 15.16 ? 269 SRS A S1  1 
HETATM 1279 N  N5  . SRS F 4 .   ? -3.298  2.997   -8.594  1.00 15.45 ? 269 SRS A N5  1 
HETATM 1280 N  N6  . SRS F 4 .   ? -3.991  2.725   -6.275  1.00 12.91 ? 269 SRS A N6  1 
HETATM 1281 C  C2  . SRS F 4 .   ? -4.380  0.535   -7.555  1.00 15.31 ? 269 SRS A C2  1 
HETATM 1282 C  C3  . SRS F 4 .   ? -3.780  -0.200  -8.758  1.00 12.10 ? 269 SRS A C3  1 
HETATM 1283 C  C4  . SRS F 4 .   ? -4.808  -0.731  -9.752  1.00 10.08 ? 269 SRS A C4  1 
HETATM 1284 O  O3  . SRS F 4 .   ? -5.867  -1.228  -9.367  1.00 8.45  ? 269 SRS A O3  1 
HETATM 1285 N  N2  . SRS F 4 .   ? -4.505  -0.695  -11.049 1.00 11.29 ? 269 SRS A N2  1 
HETATM 1286 C  C5  . SRS F 4 .   ? -5.424  -1.213  -12.055 1.00 10.93 ? 269 SRS A C5  1 
HETATM 1287 C  C6  . SRS F 4 .   ? -4.958  -2.579  -12.531 1.00 12.09 ? 269 SRS A C6  1 
HETATM 1288 O  O4  . SRS F 4 .   ? -3.777  -2.788  -12.812 1.00 13.35 ? 269 SRS A O4  1 
HETATM 1289 N  N3  . SRS F 4 .   ? -5.879  -3.526  -12.623 1.00 10.01 ? 269 SRS A N3  1 
HETATM 1290 C  C7  . SRS F 4 .   ? -5.596  -4.881  -13.111 1.00 11.61 ? 269 SRS A C7  1 
HETATM 1291 C  C8  . SRS F 4 .   ? -6.947  -5.511  -13.561 1.00 13.84 ? 269 SRS A C8  1 
HETATM 1292 C  C9  . SRS F 4 .   ? -7.042  -5.746  -15.074 1.00 14.37 ? 269 SRS A C9  1 
HETATM 1293 C  C10 . SRS F 4 .   ? -7.512  -4.520  -15.827 1.00 13.49 ? 269 SRS A C10 1 
HETATM 1294 C  C11 . SRS F 4 .   ? -6.676  -4.236  -17.084 1.00 13.98 ? 269 SRS A C11 1 
HETATM 1295 C  C12 . SRS F 4 .   ? -6.802  -2.748  -17.490 1.00 15.07 ? 269 SRS A C12 1 
HETATM 1296 N  N4  . SRS F 4 .   ? -6.850  -1.844  -16.314 1.00 11.08 ? 269 SRS A N4  1 
HETATM 1297 C  C13 . SRS F 4 .   ? -3.052  -1.404  -8.114  1.00 14.50 ? 269 SRS A C13 1 
HETATM 1298 C  C14 . SRS F 4 .   ? -1.873  -2.139  -8.761  1.00 14.31 ? 269 SRS A C14 1 
HETATM 1299 C  C15 . SRS F 4 .   ? -0.876  -1.210  -9.489  1.00 10.84 ? 269 SRS A C15 1 
HETATM 1300 C  C16 . SRS F 4 .   ? -1.155  -2.831  -7.584  1.00 10.75 ? 269 SRS A C16 1 
HETATM 1301 C  C17 . SRS F 4 .   ? -5.503  -0.223  -13.233 1.00 12.42 ? 269 SRS A C17 1 
HETATM 1302 C  C18 . SRS F 4 .   ? -6.309  -0.753  -14.375 1.00 12.08 ? 269 SRS A C18 1 
HETATM 1303 C  C19 . SRS F 4 .   ? -5.858  -1.575  -15.430 1.00 11.71 ? 269 SRS A C19 1 
HETATM 1304 C  C20 . SRS F 4 .   ? -7.664  -0.523  -14.663 1.00 11.19 ? 269 SRS A C20 1 
HETATM 1305 C  C21 . SRS F 4 .   ? -7.964  -1.212  -15.873 1.00 11.50 ? 269 SRS A C21 1 
HETATM 1306 C  C22 . SRS F 4 .   ? -8.657  0.209   -14.005 1.00 11.59 ? 269 SRS A C22 1 
HETATM 1307 C  C23 . SRS F 4 .   ? -9.260  -1.164  -16.417 1.00 12.09 ? 269 SRS A C23 1 
HETATM 1308 C  C24 . SRS F 4 .   ? -9.940  0.257   -14.554 1.00 12.93 ? 269 SRS A C24 1 
HETATM 1309 C  C25 . SRS F 4 .   ? -10.243 -0.422  -15.749 1.00 14.78 ? 269 SRS A C25 1 
HETATM 1310 C  C26 . SRS F 4 .   ? -6.076  2.811   -8.036  1.00 15.02 ? 269 SRS A C26 1 
HETATM 1311 O  O   . HOH G 5 .   ? -11.241 3.804   -6.749  1.00 13.92 ? 270 HOH A O   1 
HETATM 1312 O  O   . HOH G 5 .   ? -4.961  5.069   -5.195  1.00 8.39  ? 271 HOH A O   1 
HETATM 1313 O  O   . HOH G 5 .   ? -4.717  9.778   9.200   1.00 3.18  ? 272 HOH A O   1 
HETATM 1314 O  O   . HOH G 5 .   ? -9.871  6.148   8.786   1.00 8.10  ? 273 HOH A O   1 
HETATM 1315 O  O   . HOH G 5 .   ? 4.155   18.776  2.602   1.00 67.79 ? 274 HOH A O   1 
HETATM 1316 O  O   . HOH G 5 .   ? -2.608  -18.045 -1.995  1.00 16.83 ? 275 HOH A O   1 
HETATM 1317 O  O   . HOH G 5 .   ? -3.965  2.888   -11.101 1.00 11.33 ? 276 HOH A O   1 
HETATM 1318 O  O   . HOH G 5 .   ? 2.596   -1.479  -10.607 1.00 12.99 ? 277 HOH A O   1 
HETATM 1319 O  O   . HOH G 5 .   ? 3.357   -3.571  -13.235 1.00 17.91 ? 278 HOH A O   1 
HETATM 1320 O  O   . HOH G 5 .   ? 5.400   -5.734  -11.747 1.00 32.54 ? 279 HOH A O   1 
HETATM 1321 O  O   . HOH G 5 .   ? 2.905   -6.402  -11.124 1.00 17.80 ? 280 HOH A O   1 
HETATM 1322 O  O   . HOH G 5 .   ? 8.195   -5.617  -11.741 1.00 54.28 ? 281 HOH A O   1 
HETATM 1323 O  O   . HOH G 5 .   ? 9.469   -8.056  -10.970 1.00 31.51 ? 282 HOH A O   1 
HETATM 1324 O  O   . HOH G 5 .   ? 9.572   -0.039  11.258  1.00 19.78 ? 283 HOH A O   1 
HETATM 1325 O  O   . HOH G 5 .   ? 4.750   -3.308  15.022  1.00 22.46 ? 284 HOH A O   1 
HETATM 1326 O  O   . HOH G 5 .   ? 5.332   1.991   21.889  1.00 17.41 ? 285 HOH A O   1 
HETATM 1327 O  O   . HOH G 5 .   ? -3.657  -4.403  13.380  1.00 17.83 ? 286 HOH A O   1 
HETATM 1328 O  O   . HOH G 5 .   ? 3.455   -5.226  -20.182 1.00 22.00 ? 287 HOH A O   1 
HETATM 1329 O  O   . HOH G 5 .   ? -12.216 -9.075  9.244   1.00 4.45  ? 288 HOH A O   1 
HETATM 1330 O  O   . HOH G 5 .   ? -17.309 -6.141  2.102   1.00 23.53 ? 289 HOH A O   1 
HETATM 1331 O  O   . HOH G 5 .   ? -12.098 -12.517 -2.371  1.00 23.42 ? 290 HOH A O   1 
HETATM 1332 O  O   . HOH G 5 .   ? -10.282 -6.830  -15.009 1.00 14.69 ? 291 HOH A O   1 
HETATM 1333 O  O   . HOH G 5 .   ? 11.451  -13.975 -12.101 1.00 16.90 ? 292 HOH A O   1 
HETATM 1334 O  O   . HOH G 5 .   ? 1.255   -13.631 -11.296 1.00 26.03 ? 293 HOH A O   1 
HETATM 1335 O  O   . HOH G 5 .   ? -0.769  -15.714 -10.262 1.00 41.96 ? 294 HOH A O   1 
HETATM 1336 O  O   . HOH G 5 .   ? 2.776   -13.025 -13.697 1.00 16.50 ? 295 HOH A O   1 
HETATM 1337 O  O   . HOH G 5 .   ? -5.533  3.593   18.911  1.00 25.73 ? 296 HOH A O   1 
HETATM 1338 O  O   . HOH G 5 .   ? -3.257  2.979   21.016  1.00 41.09 ? 297 HOH A O   1 
HETATM 1339 O  O   . HOH G 5 .   ? -11.298 0.011   18.394  1.00 21.85 ? 298 HOH A O   1 
HETATM 1340 O  O   . HOH G 5 .   ? -6.489  10.339  11.489  1.00 29.24 ? 299 HOH A O   1 
HETATM 1341 O  O   . HOH G 5 .   ? -3.130  10.465  11.314  1.00 18.83 ? 300 HOH A O   1 
HETATM 1342 O  O   . HOH G 5 .   ? -9.097  6.995   11.189  1.00 28.16 ? 301 HOH A O   1 
HETATM 1343 O  O   . HOH G 5 .   ? -6.575  7.348   10.484  1.00 18.10 ? 302 HOH A O   1 
HETATM 1344 O  O   . HOH G 5 .   ? 2.549   12.965  10.949  1.00 27.03 ? 303 HOH A O   1 
HETATM 1345 O  O   . HOH G 5 .   ? 1.574   -6.531  10.485  1.00 26.22 ? 304 HOH A O   1 
HETATM 1346 O  O   . HOH G 5 .   ? -19.359 5.359   -0.638  1.00 5.92  ? 305 HOH A O   1 
HETATM 1347 O  O   . HOH G 5 .   ? 13.307  -3.343  -2.120  1.00 12.27 ? 306 HOH A O   1 
HETATM 1348 O  O   . HOH G 5 .   ? 13.947  -1.849  0.041   1.00 21.90 ? 307 HOH A O   1 
HETATM 1349 O  O   . HOH G 5 .   ? 16.374  -6.909  -3.741  1.00 31.06 ? 308 HOH A O   1 
HETATM 1350 O  O   . HOH G 5 .   ? 5.743   -2.527  -12.702 1.00 21.07 ? 309 HOH A O   1 
HETATM 1351 O  O   . HOH G 5 .   ? 0.096   -5.549  -17.046 1.00 57.77 ? 310 HOH A O   1 
HETATM 1352 O  O   . HOH G 5 .   ? -7.642  2.166   -11.163 1.00 20.04 ? 311 HOH A O   1 
HETATM 1353 O  O   . HOH G 5 .   ? 8.061   9.361   -13.394 1.00 8.11  ? 312 HOH A O   1 
HETATM 1354 O  O   . HOH G 5 .   ? 2.057   10.173  -12.241 1.00 54.44 ? 313 HOH A O   1 
HETATM 1355 O  O   . HOH G 5 .   ? 0.731   10.456  -9.722  1.00 18.81 ? 314 HOH A O   1 
HETATM 1356 O  O   . HOH G 5 .   ? 3.651   13.521  -1.522  1.00 17.73 ? 315 HOH A O   1 
HETATM 1357 O  O   . HOH G 5 .   ? -5.134  11.013  -1.917  1.00 23.58 ? 316 HOH A O   1 
HETATM 1358 O  O   . HOH G 5 .   ? -5.309  12.423  1.652   1.00 26.64 ? 317 HOH A O   1 
HETATM 1359 O  O   . HOH G 5 .   ? -0.004  -13.973 -8.299  1.00 38.95 ? 318 HOH A O   1 
HETATM 1360 O  O   . HOH G 5 .   ? -0.878  -12.198 -10.508 1.00 27.85 ? 319 HOH A O   1 
HETATM 1361 O  O   . HOH G 5 .   ? -4.063  -13.953 -11.837 1.00 34.25 ? 320 HOH A O   1 
HETATM 1362 O  O   . HOH G 5 .   ? 3.598   -10.718 -14.758 1.00 15.03 ? 321 HOH A O   1 
HETATM 1363 O  O   . HOH G 5 .   ? 9.053   -15.663 -9.534  1.00 16.48 ? 322 HOH A O   1 
HETATM 1364 O  O   . HOH G 5 .   ? 13.049  -3.569  -13.164 1.00 39.36 ? 323 HOH A O   1 
HETATM 1365 O  O   . HOH G 5 .   ? 6.579   15.119  -8.199  1.00 24.42 ? 324 HOH A O   1 
HETATM 1366 O  O   . HOH G 5 .   ? -2.758  8.482   14.837  1.00 42.65 ? 325 HOH A O   1 
HETATM 1367 O  O   . HOH G 5 .   ? -2.122  6.231   16.331  1.00 37.45 ? 326 HOH A O   1 
HETATM 1368 O  O   . HOH G 5 .   ? 1.673   8.809   14.803  1.00 37.72 ? 327 HOH A O   1 
# 
